data_7QRU
#
_entry.id   7QRU
#
_cell.length_a   1.00
_cell.length_b   1.00
_cell.length_c   1.00
_cell.angle_alpha   90.00
_cell.angle_beta   90.00
_cell.angle_gamma   90.00
#
_symmetry.space_group_name_H-M   'P 1'
#
loop_
_entity.id
_entity.type
_entity.pdbx_description
1 polymer 'Na+/H+ antiporter subunit D'
2 polymer 'Na+/H+ antiporter subunit A'
3 polymer 'Na(+)/H(+) antiporter subunit B'
4 polymer 'Na(+)/H(+) antiporter subunit C'
5 polymer 'Na+/H+ antiporter subunit E'
6 polymer 'Na(+)/H(+) antiporter subunit F'
7 polymer 'Na+/H+ antiporter subunit G1'
8 non-polymer 1,2-Distearoyl-sn-glycerophosphoethanolamine
9 water water
#
loop_
_entity_poly.entity_id
_entity_poly.type
_entity_poly.pdbx_seq_one_letter_code
_entity_poly.pdbx_strand_id
1 'polypeptide(L)'
;MNNLVILPILIPFIVGTILILFAKNHSLQRVISGFTVIGMLLVAIYLAMDVYQNGISVLELGNWQAPFGIVLVADMFATM
MVILASIVGVVCLFFAFQTISSEREKYYFYPFYFFLLAGVNGAFLTGDLFNLFVFFEVMLIASYILIVLGGTKYQLRESL
KYVMINVFASILFIVGVAYIYSVTGTLNMADLAVKVGQLEQTGVLNVIAVIFLVVFAMKGGLFPLYFWLPRSYYGPPAAI
AALFGGLLTKVGIYAIMRTFTLIFTHDPDFTHMLILILAGLTMFFGVLGAVSQFDFKRILSYHIISQVGYMVMGLGIYTQ
LAIAGAIYYIAHHIIVKAALFLFAGATQRITGTTDLKKMGGLLKTHPWLAWMFFISAISLAGIPPLSGFFSKFALILAAF
LNENYIIAAVALAVGLLTLFSMMKIFIYAFWGEQKHTEQQANFKVGKLLLPIVPLVALTIILGFAAEPIFQYSLQVADQI
LDPTIYIESVLKE
;
D
2 'polypeptide(L)'
;MTVLHWATISPFLLAILIPFLYKYARRIHTGWFVLALPLVLFIYFIRYLSVTSTGGVVEHTIPWVPSLGINFTVFVDGLS
LLFALLITGIGTLVILYSIFYLSKKTESLNNFYVYLLMFMGAMLGVVLSDNLIVLYVFWELTSLASSLLISYWFHREKST
YGAQKSMLITVFGGFAMLGGFSLLYVMTGTFSIRGIIENVDLVTSSELFLPAMILVLLGAFTKSAQFPFHIWLPDAMEAP
TPVSAYLHSATMVKAGIYLVARLTPVFAGSAEWFWLLTGFGVVTLLWGSTSAVRQKDLKGILAFSTVSQLGLIMTLLGLG
SAAIYFGDSVDPAFYSFAIMAAIFHLINHATFKGSLFMTAGIIDHETGTRDIRKLGGLMAIMPVTFTVSLIGLASMAGLP
PFNGFLSKEMFFTALLRATEMNTFNMETFGIIIVVLAWIASVFTFLYCLIMFFKTFTGKFKPENYDVKVHEAPIGMLISP
VILGSLVIVFGFFPNILAYTIIEPAMQAILPTLLADGEVFYVNIYMWHGFNAELFMTMGVVAAGIILFLMMKNWAKTAFY
MKERDPLNWFYDNSLSGVITGSQAVTRIQMTGLLRDYFAYMTTFMILLLGYTMFRYDAFTIDTTNVTGIAPYIWVITLVF
IAATLSIPFINKRITAVVVVGVIGFLLALLFVVFRAPDLALTQLLVETVTVLLLMLAFYHLPELRKEEFKPRFNIVNLII
SIGVGFLVTAIALSSLALGNEAGIEPISQFFVENSKELAGGYNMVNVILVDFRGLDTLLEVLVLGIAALGVIALIKLRMT
GREDV
;
A
3 'polypeptide(L)'
;MKNLKSNDVLLHSVTRVVTFIILAFSVYLFFAGHNNPGGGFIGGLMTASALLLMYLGFDMKSIKKAIPFDFTKMIAFGLL
LAIITGFGGLLVGDPYLTQYFEYYQIPILGETELTTALPFDLGIYLVVVGIALTIILTIAEDDM
;
B
4 'polypeptide(L)'
;MEILMSITVGVLFMVGTYLILTKSLLRVVVGLILLSHGAHLLLLTMAGLQRGAPPLLHLEATTYSDPLPQALILTAIVIS
FGVTSFLLVLAYRTYKEHKTDDLDQLRGSADE
;
C
5 'polypeptide(L)'
;MAFQILLNLVIAVIWVNFQNSYTAVDFLIGYVVGIFILFVLRRFLRFDFYMRRVWAIIKLIVLFFKELILANIDVIKIVL
SPKMNIQPGIVAVPTKLKTDWELSLLASLISLTPGTLSMDFSDDNKYIYIHAIDVPNKEKMIRDIHDTFERAILEVTN
;
E,e
6 'polypeptide(L)'
;MFQSILMIVLVVMSISLFVCFIRTLIGPTMSDRIVALDTFGINLIGFIGVIMMLQETLAYSEVVLVISILAFIGSIALSK
FIERGVVFDRG
;
F
7 'polypeptide(L)'
;MTAVEIIISIFVLIGGFLSLLGSIGIIRFPDVYGRLHAATKSATLGVISIMLATFLFFFLVHGEFVGKLLLTILFVFLTA
PVAGMMMGRSAYRVGVPLWEKSTQDDLKKMYEKKMKGSNHHHHHHDYKDDDDK
;
G
#
# COMPACT_ATOMS: atom_id res chain seq x y z
N MET A 1 22.00 -10.93 -23.28
CA MET A 1 22.47 -10.04 -22.18
C MET A 1 21.25 -9.40 -21.52
N ASN A 2 20.68 -8.34 -22.12
CA ASN A 2 19.58 -7.57 -21.60
C ASN A 2 19.88 -6.94 -20.24
N ASN A 3 21.13 -6.52 -19.97
CA ASN A 3 21.47 -5.89 -18.71
C ASN A 3 20.78 -4.53 -18.54
N LEU A 4 20.29 -3.92 -19.61
CA LEU A 4 19.45 -2.75 -19.46
C LEU A 4 18.24 -3.01 -18.56
N VAL A 5 17.64 -4.21 -18.61
CA VAL A 5 16.52 -4.56 -17.77
C VAL A 5 16.82 -4.31 -16.31
N ILE A 6 18.04 -4.42 -15.84
CA ILE A 6 18.27 -4.25 -14.40
C ILE A 6 18.58 -2.81 -14.02
N LEU A 7 18.74 -1.92 -15.00
CA LEU A 7 19.14 -0.56 -14.64
C LEU A 7 18.07 0.17 -13.82
N PRO A 8 16.76 0.04 -14.09
CA PRO A 8 15.78 0.66 -13.21
C PRO A 8 15.87 0.24 -11.75
N ILE A 9 16.37 -0.96 -11.41
CA ILE A 9 16.62 -1.39 -10.02
C ILE A 9 17.97 -0.86 -9.56
N LEU A 10 19.01 -1.04 -10.34
CA LEU A 10 20.36 -0.77 -9.90
C LEU A 10 20.69 0.72 -9.79
N ILE A 11 20.16 1.62 -10.67
CA ILE A 11 20.50 3.00 -10.46
C ILE A 11 20.05 3.47 -9.09
N PRO A 12 18.74 3.41 -8.71
CA PRO A 12 18.34 3.92 -7.42
C PRO A 12 19.05 3.17 -6.30
N PHE A 13 19.24 1.86 -6.43
CA PHE A 13 19.98 1.14 -5.40
C PHE A 13 21.40 1.68 -5.20
N ILE A 14 22.16 1.88 -6.29
CA ILE A 14 23.51 2.43 -6.17
C ILE A 14 23.45 3.87 -5.67
N VAL A 15 22.54 4.70 -6.22
CA VAL A 15 22.62 6.07 -5.79
C VAL A 15 22.14 6.20 -4.33
N GLY A 16 21.08 5.46 -3.99
CA GLY A 16 20.67 5.43 -2.62
C GLY A 16 21.81 5.16 -1.66
N THR A 17 22.58 4.13 -1.92
CA THR A 17 23.69 3.76 -1.05
C THR A 17 24.73 4.85 -1.02
N ILE A 18 25.03 5.42 -2.19
CA ILE A 18 26.06 6.50 -2.19
C ILE A 18 25.64 7.71 -1.42
N LEU A 19 24.37 8.07 -1.44
CA LEU A 19 23.89 9.18 -0.66
C LEU A 19 23.93 8.96 0.85
N ILE A 20 24.05 7.76 1.36
CA ILE A 20 24.27 7.58 2.78
C ILE A 20 25.64 8.14 3.14
N LEU A 21 26.65 7.98 2.26
CA LEU A 21 27.98 8.55 2.55
C LEU A 21 27.94 10.08 2.59
N PHE A 22 26.93 10.74 2.01
CA PHE A 22 26.92 12.20 1.92
C PHE A 22 25.80 12.82 2.77
N ALA A 23 25.53 12.24 3.94
CA ALA A 23 24.41 12.66 4.74
C ALA A 23 24.54 14.13 5.20
N LYS A 24 25.75 14.55 5.51
CA LYS A 24 26.05 15.90 5.95
C LYS A 24 25.89 16.93 4.83
N ASN A 25 26.22 16.58 3.57
CA ASN A 25 26.22 17.54 2.47
C ASN A 25 24.83 17.61 1.84
N HIS A 26 24.05 18.65 2.06
CA HIS A 26 22.68 18.73 1.57
C HIS A 26 22.60 19.15 0.09
N SER A 27 23.41 20.10 -0.31
CA SER A 27 23.48 20.54 -1.68
C SER A 27 23.95 19.39 -2.54
N LEU A 28 24.97 18.67 -2.13
CA LEU A 28 25.38 17.60 -2.99
C LEU A 28 24.28 16.54 -3.07
N GLN A 29 23.62 16.23 -1.95
CA GLN A 29 22.51 15.32 -1.94
C GLN A 29 21.44 15.70 -2.93
N ARG A 30 21.15 17.00 -3.05
CA ARG A 30 20.02 17.35 -3.92
C ARG A 30 20.41 17.22 -5.36
N VAL A 31 21.64 17.66 -5.67
CA VAL A 31 22.09 17.58 -7.05
C VAL A 31 22.18 16.14 -7.56
N ILE A 32 22.87 15.26 -6.85
CA ILE A 32 22.85 13.86 -7.19
C ILE A 32 21.41 13.35 -7.33
N SER A 33 20.53 13.59 -6.32
CA SER A 33 19.17 13.06 -6.40
C SER A 33 18.49 13.56 -7.66
N GLY A 34 18.69 14.84 -7.97
CA GLY A 34 18.02 15.36 -9.12
C GLY A 34 18.43 14.76 -10.44
N PHE A 35 19.74 14.64 -10.70
CA PHE A 35 20.21 13.98 -11.89
C PHE A 35 19.77 12.52 -11.95
N THR A 36 19.86 11.84 -10.80
CA THR A 36 19.45 10.47 -10.76
C THR A 36 17.97 10.29 -11.12
N VAL A 37 17.02 11.07 -10.60
CA VAL A 37 15.66 10.75 -11.03
C VAL A 37 15.48 11.01 -12.52
N ILE A 38 16.17 12.03 -13.07
CA ILE A 38 16.01 12.27 -14.48
C ILE A 38 16.60 11.09 -15.26
N GLY A 39 17.83 10.61 -14.94
CA GLY A 39 18.32 9.47 -15.68
C GLY A 39 17.51 8.18 -15.50
N MET A 40 16.89 7.95 -14.32
CA MET A 40 15.93 6.84 -14.23
C MET A 40 14.82 6.91 -15.29
N LEU A 41 14.29 8.13 -15.47
CA LEU A 41 13.28 8.39 -16.46
C LEU A 41 13.79 8.15 -17.87
N LEU A 42 15.00 8.58 -18.21
CA LEU A 42 15.49 8.25 -19.54
C LEU A 42 15.84 6.78 -19.66
N VAL A 43 16.40 6.17 -18.63
CA VAL A 43 16.55 4.71 -18.73
C VAL A 43 15.20 4.03 -18.92
N ALA A 44 14.17 4.35 -18.13
CA ALA A 44 12.87 3.73 -18.29
C ALA A 44 12.29 3.94 -19.68
N ILE A 45 12.45 5.16 -20.23
CA ILE A 45 11.89 5.36 -21.58
C ILE A 45 12.62 4.54 -22.65
N TYR A 46 13.92 4.42 -22.54
CA TYR A 46 14.68 3.62 -23.44
C TYR A 46 14.34 2.13 -23.33
N LEU A 47 14.26 1.58 -22.10
CA LEU A 47 13.81 0.21 -21.93
C LEU A 47 12.41 -0.07 -22.56
N ALA A 48 11.44 0.81 -22.39
CA ALA A 48 10.11 0.70 -22.94
C ALA A 48 10.16 0.76 -24.45
N MET A 49 10.96 1.63 -25.04
CA MET A 49 11.05 1.60 -26.50
C MET A 49 11.66 0.33 -27.03
N ASP A 50 12.72 -0.15 -26.39
CA ASP A 50 13.35 -1.38 -26.79
C ASP A 50 12.39 -2.53 -26.79
N VAL A 51 11.58 -2.64 -25.72
CA VAL A 51 10.69 -3.78 -25.55
C VAL A 51 9.57 -3.67 -26.54
N TYR A 52 9.10 -2.43 -26.73
CA TYR A 52 8.12 -2.19 -27.76
C TYR A 52 8.57 -2.56 -29.16
N GLN A 53 9.80 -2.35 -29.49
CA GLN A 53 10.24 -2.65 -30.84
C GLN A 53 10.64 -4.12 -30.97
N ASN A 54 11.28 -4.67 -29.95
CA ASN A 54 12.08 -5.88 -30.10
C ASN A 54 11.57 -6.99 -29.21
N GLY A 55 10.43 -6.83 -28.54
CA GLY A 55 9.85 -7.93 -27.80
C GLY A 55 10.29 -7.94 -26.34
N ILE A 56 9.70 -8.84 -25.60
CA ILE A 56 10.01 -9.14 -24.21
C ILE A 56 11.53 -9.33 -24.02
N SER A 57 12.15 -8.56 -23.12
CA SER A 57 13.53 -8.77 -22.84
C SER A 57 13.55 -9.41 -21.49
N VAL A 58 14.15 -10.60 -21.44
CA VAL A 58 14.37 -11.40 -20.25
C VAL A 58 15.83 -11.31 -19.83
N LEU A 59 16.16 -10.99 -18.59
CA LEU A 59 17.51 -11.01 -18.06
C LEU A 59 17.65 -12.15 -17.05
N GLU A 60 18.54 -13.09 -17.28
CA GLU A 60 18.78 -14.17 -16.33
C GLU A 60 19.92 -13.87 -15.39
N LEU A 61 19.63 -13.42 -14.19
CA LEU A 61 20.63 -13.00 -13.23
C LEU A 61 21.55 -14.19 -12.86
N GLY A 62 22.87 -13.98 -12.95
CA GLY A 62 23.85 -14.99 -12.59
C GLY A 62 24.11 -15.95 -13.73
N ASN A 63 23.49 -15.58 -14.83
CA ASN A 63 23.47 -16.36 -16.06
C ASN A 63 22.76 -17.70 -15.92
N TRP A 64 21.96 -17.90 -14.88
CA TRP A 64 21.27 -19.16 -14.75
C TRP A 64 19.93 -19.06 -15.47
N GLN A 65 19.60 -20.04 -16.32
CA GLN A 65 18.32 -20.01 -17.04
C GLN A 65 17.15 -20.18 -16.08
N ALA A 66 15.97 -19.64 -16.36
CA ALA A 66 14.76 -19.93 -15.62
C ALA A 66 14.42 -21.42 -15.86
N PRO A 67 13.85 -22.13 -14.86
CA PRO A 67 13.44 -21.59 -13.59
C PRO A 67 14.44 -21.66 -12.44
N PHE A 68 15.68 -21.99 -12.71
CA PHE A 68 16.70 -22.15 -11.67
C PHE A 68 17.15 -20.83 -11.09
N GLY A 69 17.30 -19.85 -11.92
CA GLY A 69 17.78 -18.55 -11.47
C GLY A 69 16.60 -17.54 -11.39
N ILE A 70 16.84 -16.45 -10.71
CA ILE A 70 15.92 -15.32 -10.73
C ILE A 70 15.94 -14.73 -12.14
N VAL A 71 14.81 -14.64 -12.89
CA VAL A 71 14.77 -13.83 -14.11
C VAL A 71 14.11 -12.48 -13.85
N LEU A 72 14.54 -11.40 -14.53
CA LEU A 72 13.72 -10.22 -14.69
C LEU A 72 13.15 -10.20 -16.10
N VAL A 73 11.87 -9.82 -16.17
CA VAL A 73 11.14 -9.92 -17.43
C VAL A 73 10.61 -8.55 -17.75
N ALA A 74 11.13 -7.83 -18.70
CA ALA A 74 10.53 -6.56 -19.14
C ALA A 74 9.65 -6.85 -20.35
N ASP A 75 8.34 -6.97 -20.10
CA ASP A 75 7.30 -7.02 -21.14
C ASP A 75 6.65 -5.63 -21.21
N MET A 76 5.70 -5.44 -22.09
CA MET A 76 5.11 -4.14 -22.24
C MET A 76 4.38 -3.67 -21.00
N PHE A 77 3.72 -4.53 -20.25
CA PHE A 77 3.08 -4.06 -19.04
C PHE A 77 4.12 -3.58 -18.04
N ALA A 78 5.15 -4.41 -17.77
CA ALA A 78 6.13 -4.00 -16.78
C ALA A 78 6.80 -2.71 -17.16
N THR A 79 7.14 -2.58 -18.44
CA THR A 79 7.86 -1.38 -18.83
C THR A 79 6.96 -0.14 -18.74
N MET A 80 5.65 -0.25 -18.90
CA MET A 80 4.80 0.91 -18.64
C MET A 80 4.74 1.31 -17.18
N MET A 81 4.68 0.31 -16.30
CA MET A 81 4.71 0.64 -14.89
C MET A 81 6.05 1.26 -14.52
N VAL A 82 7.16 0.85 -15.19
CA VAL A 82 8.44 1.44 -14.91
C VAL A 82 8.54 2.88 -15.36
N ILE A 83 8.01 3.26 -16.47
CA ILE A 83 7.92 4.66 -16.79
C ILE A 83 7.06 5.50 -15.87
N LEU A 84 5.91 5.00 -15.45
CA LEU A 84 5.01 5.78 -14.65
C LEU A 84 5.62 5.98 -13.28
N ALA A 85 6.32 4.97 -12.73
CA ALA A 85 6.96 5.21 -11.47
C ALA A 85 8.01 6.24 -11.70
N SER A 86 8.66 6.23 -12.89
CA SER A 86 9.73 7.22 -13.09
C SER A 86 9.19 8.64 -13.20
N ILE A 87 7.97 8.85 -13.72
CA ILE A 87 7.47 10.20 -13.87
C ILE A 87 7.12 10.78 -12.52
N VAL A 88 6.46 9.94 -11.73
CA VAL A 88 6.08 10.50 -10.46
C VAL A 88 7.28 10.56 -9.53
N GLY A 89 8.25 9.70 -9.76
CA GLY A 89 9.49 9.84 -9.04
C GLY A 89 10.14 11.17 -9.33
N VAL A 90 10.20 11.59 -10.62
CA VAL A 90 10.80 12.91 -10.89
C VAL A 90 10.03 14.09 -10.26
N VAL A 91 8.73 14.14 -10.46
CA VAL A 91 7.89 15.24 -10.02
C VAL A 91 7.82 15.35 -8.50
N CYS A 92 7.66 14.20 -7.83
CA CYS A 92 7.54 14.27 -6.38
C CYS A 92 8.90 14.66 -5.84
N LEU A 93 10.03 14.38 -6.50
CA LEU A 93 11.26 14.81 -5.92
C LEU A 93 11.46 16.30 -6.16
N PHE A 94 11.14 16.82 -7.35
CA PHE A 94 11.32 18.26 -7.53
C PHE A 94 10.37 19.09 -6.67
N PHE A 95 9.21 18.53 -6.35
CA PHE A 95 8.36 19.14 -5.36
C PHE A 95 8.91 18.99 -3.94
N ALA A 96 9.51 17.83 -3.62
CA ALA A 96 10.17 17.78 -2.31
C ALA A 96 11.29 18.82 -2.18
N PHE A 97 12.04 19.15 -3.24
CA PHE A 97 13.10 20.16 -3.12
C PHE A 97 12.62 21.54 -2.73
N GLN A 98 11.37 21.82 -2.93
CA GLN A 98 10.80 23.11 -2.66
C GLN A 98 10.07 23.13 -1.33
N THR A 99 9.92 21.99 -0.64
CA THR A 99 8.99 21.86 0.48
C THR A 99 9.56 21.17 1.71
N ILE A 100 10.36 20.13 1.62
CA ILE A 100 10.71 19.48 2.85
C ILE A 100 11.71 20.33 3.64
N SER A 101 11.67 20.19 4.99
CA SER A 101 12.68 20.69 5.91
C SER A 101 14.06 20.10 5.60
N SER A 102 15.12 20.86 5.82
CA SER A 102 16.50 20.40 5.86
C SER A 102 16.77 19.38 6.99
N GLU A 103 15.98 19.39 8.06
CA GLU A 103 16.11 18.36 9.05
C GLU A 103 15.87 16.94 8.49
N ARG A 104 14.92 16.73 7.57
CA ARG A 104 14.73 15.38 7.12
C ARG A 104 15.88 14.95 6.23
N GLU A 105 16.54 15.91 5.59
CA GLU A 105 17.69 15.58 4.76
C GLU A 105 18.85 15.01 5.54
N LYS A 106 18.93 15.33 6.82
CA LYS A 106 19.97 14.90 7.70
C LYS A 106 19.78 13.44 8.05
N TYR A 107 18.56 12.93 7.90
CA TYR A 107 18.30 11.56 8.34
C TYR A 107 17.84 10.67 7.23
N TYR A 108 18.59 10.65 6.18
CA TYR A 108 18.45 9.66 5.15
C TYR A 108 17.18 9.78 4.31
N PHE A 109 16.56 10.97 4.22
CA PHE A 109 15.38 11.08 3.36
C PHE A 109 15.71 10.63 1.94
N TYR A 110 16.76 11.18 1.27
CA TYR A 110 17.00 10.83 -0.12
C TYR A 110 17.37 9.36 -0.30
N PRO A 111 18.27 8.74 0.46
CA PRO A 111 18.45 7.27 0.29
C PRO A 111 17.12 6.51 0.46
N PHE A 112 16.26 6.84 1.44
CA PHE A 112 15.02 6.08 1.52
C PHE A 112 14.13 6.27 0.31
N TYR A 113 14.09 7.46 -0.24
CA TYR A 113 13.35 7.72 -1.44
C TYR A 113 13.80 6.83 -2.59
N PHE A 114 15.12 6.72 -2.82
CA PHE A 114 15.59 5.90 -3.92
C PHE A 114 15.45 4.42 -3.59
N PHE A 115 15.56 3.97 -2.36
CA PHE A 115 15.36 2.54 -2.12
C PHE A 115 13.90 2.20 -2.28
N LEU A 116 12.99 3.14 -1.99
CA LEU A 116 11.61 2.85 -2.30
C LEU A 116 11.48 2.66 -3.80
N LEU A 117 12.02 3.58 -4.61
CA LEU A 117 11.85 3.41 -6.05
C LEU A 117 12.50 2.13 -6.55
N ALA A 118 13.68 1.73 -6.06
CA ALA A 118 14.23 0.44 -6.52
C ALA A 118 13.32 -0.74 -6.23
N GLY A 119 12.82 -0.71 -4.98
CA GLY A 119 11.87 -1.74 -4.61
C GLY A 119 10.68 -1.78 -5.56
N VAL A 120 10.05 -0.63 -5.88
CA VAL A 120 8.91 -0.61 -6.82
C VAL A 120 9.33 -1.13 -8.18
N ASN A 121 10.51 -0.74 -8.69
CA ASN A 121 10.84 -1.26 -9.99
C ASN A 121 11.16 -2.72 -10.02
N GLY A 122 11.75 -3.23 -8.95
CA GLY A 122 12.05 -4.65 -8.93
C GLY A 122 10.78 -5.44 -8.90
N ALA A 123 9.80 -4.95 -8.13
CA ALA A 123 8.53 -5.64 -8.13
C ALA A 123 7.83 -5.72 -9.49
N PHE A 124 7.88 -4.64 -10.29
CA PHE A 124 7.33 -4.70 -11.65
C PHE A 124 8.11 -5.68 -12.52
N LEU A 125 9.44 -5.81 -12.34
CA LEU A 125 10.21 -6.49 -13.35
C LEU A 125 10.44 -7.93 -13.02
N THR A 126 10.31 -8.39 -11.76
CA THR A 126 10.68 -9.76 -11.44
C THR A 126 9.72 -10.83 -12.04
N GLY A 127 10.31 -11.89 -12.60
CA GLY A 127 9.63 -13.11 -13.02
C GLY A 127 9.66 -14.22 -12.00
N ASP A 128 9.87 -13.91 -10.73
CA ASP A 128 10.02 -14.95 -9.71
C ASP A 128 9.16 -14.57 -8.49
N LEU A 129 8.37 -15.46 -7.99
CA LEU A 129 7.42 -15.16 -6.91
C LEU A 129 8.06 -14.89 -5.54
N PHE A 130 9.22 -15.49 -5.22
CA PHE A 130 9.84 -15.22 -3.95
C PHE A 130 10.69 -13.97 -4.11
N ASN A 131 11.19 -13.76 -5.31
CA ASN A 131 11.84 -12.48 -5.55
C ASN A 131 10.82 -11.34 -5.52
N LEU A 132 9.58 -11.54 -5.91
CA LEU A 132 8.54 -10.54 -5.67
C LEU A 132 8.31 -10.25 -4.22
N PHE A 133 8.27 -11.27 -3.38
CA PHE A 133 8.19 -11.02 -1.96
C PHE A 133 9.34 -10.15 -1.47
N VAL A 134 10.54 -10.41 -1.88
CA VAL A 134 11.65 -9.67 -1.33
C VAL A 134 11.59 -8.26 -1.86
N PHE A 135 11.28 -8.07 -3.13
CA PHE A 135 11.13 -6.68 -3.60
C PHE A 135 9.98 -6.03 -2.90
N PHE A 136 8.87 -6.72 -2.62
CA PHE A 136 7.87 -6.06 -1.79
C PHE A 136 8.38 -5.61 -0.42
N GLU A 137 9.23 -6.41 0.23
CA GLU A 137 9.81 -6.05 1.50
C GLU A 137 10.73 -4.85 1.36
N VAL A 138 11.53 -4.71 0.32
CA VAL A 138 12.34 -3.52 0.17
C VAL A 138 11.41 -2.32 0.06
N MET A 139 10.38 -2.40 -0.79
N MET A 139 10.40 -2.41 -0.80
CA MET A 139 9.53 -1.21 -0.89
CA MET A 139 9.46 -1.30 -0.91
C MET A 139 8.81 -0.95 0.44
C MET A 139 8.81 -0.97 0.44
N LEU A 140 8.38 -2.00 1.15
CA LEU A 140 7.63 -1.77 2.36
C LEU A 140 8.44 -1.23 3.50
N ILE A 141 9.68 -1.73 3.67
CA ILE A 141 10.43 -1.18 4.76
C ILE A 141 10.80 0.26 4.44
N ALA A 142 11.14 0.59 3.19
CA ALA A 142 11.39 2.02 2.85
C ALA A 142 10.14 2.84 3.08
N SER A 143 8.95 2.30 2.76
CA SER A 143 7.72 3.04 3.11
C SER A 143 7.47 3.14 4.63
N TYR A 144 7.83 2.13 5.43
CA TYR A 144 7.65 2.19 6.87
C TYR A 144 8.41 3.38 7.42
N ILE A 145 9.63 3.67 6.92
CA ILE A 145 10.30 4.77 7.54
C ILE A 145 9.79 6.06 6.92
N LEU A 146 9.59 6.13 5.60
CA LEU A 146 9.15 7.39 4.99
C LEU A 146 7.78 7.88 5.51
N ILE A 147 6.91 6.98 5.89
CA ILE A 147 5.62 7.35 6.35
C ILE A 147 5.60 7.89 7.77
N VAL A 148 6.55 7.48 8.59
CA VAL A 148 6.62 7.89 9.98
C VAL A 148 7.70 8.95 10.19
N LEU A 149 8.61 9.18 9.25
CA LEU A 149 9.76 10.03 9.47
C LEU A 149 9.32 11.42 9.89
N GLY A 150 9.90 11.94 10.97
CA GLY A 150 9.41 13.10 11.68
C GLY A 150 8.90 12.75 13.06
N GLY A 151 8.32 11.56 13.22
CA GLY A 151 7.67 11.10 14.46
C GLY A 151 6.83 12.10 15.29
N THR A 152 5.91 12.83 14.64
CA THR A 152 4.77 13.47 15.27
C THR A 152 3.87 12.42 15.93
N LYS A 153 3.02 12.80 16.88
CA LYS A 153 2.21 11.81 17.59
C LYS A 153 1.27 11.15 16.64
N TYR A 154 0.66 11.93 15.68
CA TYR A 154 -0.22 11.26 14.77
C TYR A 154 0.60 10.20 14.02
N GLN A 155 1.75 10.61 13.49
CA GLN A 155 2.49 9.75 12.61
C GLN A 155 2.83 8.50 13.37
N LEU A 156 3.17 8.58 14.63
CA LEU A 156 3.57 7.38 15.36
C LEU A 156 2.36 6.47 15.56
N ARG A 157 1.23 6.96 16.05
CA ARG A 157 0.11 6.05 16.22
C ARG A 157 -0.43 5.42 14.89
N GLU A 158 -0.47 6.11 13.79
CA GLU A 158 -0.99 5.59 12.51
C GLU A 158 0.04 4.76 11.76
N SER A 159 1.29 5.21 11.72
CA SER A 159 2.40 4.46 11.17
C SER A 159 2.53 3.13 11.87
N LEU A 160 2.33 3.14 13.18
CA LEU A 160 2.35 1.90 13.91
C LEU A 160 1.30 0.93 13.42
N LYS A 161 0.06 1.37 13.16
CA LYS A 161 -0.91 0.45 12.59
C LYS A 161 -0.56 0.01 11.16
N TYR A 162 -0.09 0.93 10.31
CA TYR A 162 0.34 0.61 8.95
C TYR A 162 1.42 -0.47 9.04
N VAL A 163 2.45 -0.30 9.86
CA VAL A 163 3.48 -1.31 9.85
C VAL A 163 2.88 -2.64 10.33
N MET A 164 2.08 -2.72 11.43
CA MET A 164 1.58 -4.04 11.91
C MET A 164 0.76 -4.78 10.90
N ILE A 165 -0.12 -4.05 10.23
CA ILE A 165 -0.92 -4.70 9.20
C ILE A 165 -0.07 -5.18 8.05
N ASN A 166 0.90 -4.37 7.59
CA ASN A 166 1.75 -4.80 6.49
C ASN A 166 2.63 -5.97 6.89
N VAL A 167 3.12 -6.02 8.11
CA VAL A 167 3.88 -7.20 8.52
C VAL A 167 2.99 -8.43 8.41
N PHE A 168 1.75 -8.36 8.89
CA PHE A 168 0.87 -9.50 8.76
C PHE A 168 0.63 -9.96 7.32
N ALA A 169 0.40 -9.01 6.39
CA ALA A 169 0.24 -9.39 4.99
C ALA A 169 1.52 -10.06 4.45
N SER A 170 2.72 -9.64 4.83
CA SER A 170 3.96 -10.29 4.42
C SER A 170 4.07 -11.71 4.94
N ILE A 171 3.59 -11.99 6.13
CA ILE A 171 3.54 -13.36 6.58
C ILE A 171 2.62 -14.20 5.73
N LEU A 172 1.43 -13.70 5.36
N LEU A 172 1.43 -13.68 5.38
CA LEU A 172 0.54 -14.53 4.56
CA LEU A 172 0.52 -14.47 4.57
C LEU A 172 1.13 -14.77 3.18
C LEU A 172 1.12 -14.75 3.19
N PHE A 173 1.92 -13.82 2.61
CA PHE A 173 2.64 -14.12 1.36
C PHE A 173 3.53 -15.35 1.50
N ILE A 174 4.31 -15.42 2.59
CA ILE A 174 5.14 -16.58 2.83
C ILE A 174 4.30 -17.86 2.93
N VAL A 175 3.17 -17.79 3.62
CA VAL A 175 2.29 -18.94 3.72
C VAL A 175 1.88 -19.38 2.33
N GLY A 176 1.45 -18.45 1.50
CA GLY A 176 1.10 -18.79 0.14
C GLY A 176 2.22 -19.44 -0.64
N VAL A 177 3.43 -18.93 -0.51
CA VAL A 177 4.51 -19.52 -1.27
C VAL A 177 4.78 -20.90 -0.72
N ALA A 178 4.71 -21.12 0.59
CA ALA A 178 4.84 -22.47 1.12
C ALA A 178 3.90 -23.43 0.42
N TYR A 179 2.60 -23.13 0.34
CA TYR A 179 1.67 -24.09 -0.25
C TYR A 179 1.85 -24.31 -1.76
N ILE A 180 2.19 -23.25 -2.50
CA ILE A 180 2.38 -23.45 -3.92
C ILE A 180 3.70 -24.19 -4.20
N TYR A 181 4.71 -23.98 -3.39
CA TYR A 181 5.94 -24.76 -3.51
C TYR A 181 5.67 -26.24 -3.26
N SER A 182 4.87 -26.57 -2.27
CA SER A 182 4.57 -27.95 -1.97
C SER A 182 3.94 -28.66 -3.15
N VAL A 183 3.08 -27.92 -3.88
CA VAL A 183 2.36 -28.49 -5.00
C VAL A 183 3.31 -28.57 -6.21
N THR A 184 4.12 -27.59 -6.45
CA THR A 184 4.75 -27.42 -7.78
C THR A 184 6.26 -27.48 -7.74
N GLY A 185 6.91 -27.15 -6.61
CA GLY A 185 8.33 -27.27 -6.58
C GLY A 185 9.04 -26.21 -7.40
N THR A 186 8.37 -25.10 -7.71
CA THR A 186 9.00 -24.00 -8.41
C THR A 186 8.53 -22.67 -7.85
N LEU A 187 9.34 -21.62 -8.06
CA LEU A 187 8.99 -20.26 -7.75
C LEU A 187 8.91 -19.35 -8.97
N ASN A 188 9.41 -19.79 -10.11
CA ASN A 188 9.45 -19.01 -11.32
C ASN A 188 8.02 -18.85 -11.83
N MET A 189 7.57 -17.58 -12.10
CA MET A 189 6.19 -17.30 -12.47
C MET A 189 5.86 -18.01 -13.76
N ALA A 190 6.78 -18.08 -14.72
CA ALA A 190 6.45 -18.86 -15.90
C ALA A 190 6.32 -20.35 -15.61
N ASP A 191 7.28 -20.88 -14.85
CA ASP A 191 7.25 -22.31 -14.56
C ASP A 191 5.97 -22.63 -13.77
N LEU A 192 5.62 -21.76 -12.81
CA LEU A 192 4.35 -21.86 -12.15
C LEU A 192 3.21 -21.88 -13.14
N ALA A 193 3.13 -20.94 -14.02
CA ALA A 193 2.06 -20.96 -14.99
C ALA A 193 2.06 -22.28 -15.76
N VAL A 194 3.22 -22.81 -16.14
CA VAL A 194 3.12 -24.09 -16.83
C VAL A 194 2.56 -25.24 -15.93
N LYS A 195 2.99 -25.37 -14.68
CA LYS A 195 2.75 -26.50 -13.83
C LYS A 195 1.31 -26.44 -13.32
N VAL A 196 0.86 -25.25 -12.87
CA VAL A 196 -0.51 -25.04 -12.46
C VAL A 196 -1.46 -25.44 -13.60
N GLY A 197 -1.14 -25.04 -14.84
CA GLY A 197 -1.94 -25.51 -15.98
C GLY A 197 -1.84 -27.03 -16.24
N GLN A 198 -0.71 -27.70 -16.02
CA GLN A 198 -0.61 -29.16 -16.03
C GLN A 198 -1.51 -29.82 -15.00
N LEU A 199 -1.59 -29.22 -13.80
CA LEU A 199 -2.45 -29.71 -12.77
C LEU A 199 -3.89 -29.21 -12.97
N GLU A 200 -4.17 -28.45 -14.00
CA GLU A 200 -5.53 -28.00 -14.26
C GLU A 200 -6.12 -27.09 -13.16
N GLN A 201 -5.26 -26.43 -12.41
CA GLN A 201 -5.74 -25.61 -11.33
C GLN A 201 -6.78 -26.38 -10.57
N THR A 202 -6.46 -27.63 -10.21
CA THR A 202 -7.36 -28.51 -9.49
C THR A 202 -7.36 -28.21 -7.97
N GLY A 203 -8.50 -28.38 -7.31
CA GLY A 203 -8.52 -28.66 -5.84
C GLY A 203 -8.00 -27.49 -5.06
N VAL A 204 -6.94 -27.76 -4.35
CA VAL A 204 -6.41 -26.79 -3.43
C VAL A 204 -5.70 -25.70 -4.23
N LEU A 205 -5.37 -25.90 -5.52
CA LEU A 205 -4.75 -24.81 -6.28
C LEU A 205 -5.71 -23.62 -6.43
N ASN A 206 -7.05 -23.81 -6.31
CA ASN A 206 -8.01 -22.69 -6.18
C ASN A 206 -7.87 -21.95 -4.87
N VAL A 207 -7.69 -22.70 -3.79
CA VAL A 207 -7.58 -22.08 -2.48
C VAL A 207 -6.31 -21.23 -2.47
N ILE A 208 -5.24 -21.79 -3.06
CA ILE A 208 -3.99 -21.08 -3.15
C ILE A 208 -4.14 -19.82 -4.02
N ALA A 209 -4.79 -19.91 -5.20
CA ALA A 209 -5.17 -18.67 -5.91
C ALA A 209 -5.83 -17.64 -5.01
N VAL A 210 -6.65 -18.01 -4.06
CA VAL A 210 -7.35 -17.01 -3.27
C VAL A 210 -6.42 -16.40 -2.25
N ILE A 211 -5.53 -17.17 -1.63
CA ILE A 211 -4.54 -16.60 -0.76
C ILE A 211 -3.69 -15.58 -1.53
N PHE A 212 -3.31 -15.82 -2.78
CA PHE A 212 -2.54 -14.78 -3.43
C PHE A 212 -3.41 -13.57 -3.70
N LEU A 213 -4.68 -13.80 -3.98
CA LEU A 213 -5.54 -12.67 -4.15
C LEU A 213 -5.62 -11.81 -2.89
N VAL A 214 -5.78 -12.42 -1.74
CA VAL A 214 -5.89 -11.66 -0.54
C VAL A 214 -4.57 -10.92 -0.25
N VAL A 215 -3.44 -11.56 -0.44
CA VAL A 215 -2.20 -10.97 -0.05
C VAL A 215 -2.04 -9.72 -0.90
N PHE A 216 -2.22 -9.86 -2.22
CA PHE A 216 -2.02 -8.73 -3.12
C PHE A 216 -3.14 -7.71 -3.00
N ALA A 217 -4.34 -8.14 -2.60
CA ALA A 217 -5.45 -7.25 -2.33
C ALA A 217 -5.18 -6.42 -1.11
N MET A 218 -4.50 -6.99 -0.09
N MET A 218 -4.46 -6.94 -0.11
CA MET A 218 -4.13 -6.22 1.10
CA MET A 218 -4.11 -6.12 1.06
C MET A 218 -3.16 -5.12 0.68
C MET A 218 -3.10 -5.06 0.68
N LYS A 219 -2.10 -5.43 -0.08
N LYS A 219 -2.08 -5.40 -0.10
CA LYS A 219 -1.13 -4.44 -0.57
CA LYS A 219 -1.08 -4.44 -0.59
C LYS A 219 -1.70 -3.45 -1.60
C LYS A 219 -1.68 -3.46 -1.62
N GLY A 220 -2.71 -3.88 -2.37
CA GLY A 220 -3.36 -3.02 -3.34
C GLY A 220 -4.38 -2.05 -2.75
N GLY A 221 -5.04 -2.40 -1.66
CA GLY A 221 -6.01 -1.55 -1.04
C GLY A 221 -7.45 -1.93 -1.44
N LEU A 222 -7.72 -3.17 -1.81
CA LEU A 222 -9.07 -3.60 -2.06
C LEU A 222 -9.86 -3.82 -0.78
N PHE A 223 -11.16 -3.68 -0.86
CA PHE A 223 -12.06 -3.97 0.26
C PHE A 223 -12.13 -5.47 0.43
N PRO A 224 -12.26 -6.04 1.65
CA PRO A 224 -12.18 -5.25 2.91
C PRO A 224 -10.83 -5.32 3.62
N LEU A 225 -9.80 -4.96 2.89
CA LEU A 225 -8.46 -5.20 3.34
C LEU A 225 -7.64 -3.93 3.26
N TYR A 226 -8.27 -2.76 3.41
CA TYR A 226 -7.57 -1.51 3.16
C TYR A 226 -7.33 -0.69 4.43
N PHE A 227 -7.71 -1.13 5.61
CA PHE A 227 -7.83 -0.25 6.77
C PHE A 227 -6.49 0.47 7.07
N TRP A 228 -5.40 -0.16 6.70
CA TRP A 228 -4.11 0.44 6.84
C TRP A 228 -3.94 1.75 6.08
N LEU A 229 -4.74 2.08 5.06
CA LEU A 229 -4.36 3.13 4.11
C LEU A 229 -4.91 4.48 4.53
N PRO A 230 -6.20 4.71 4.75
CA PRO A 230 -6.74 6.06 4.80
C PRO A 230 -6.11 6.93 5.89
N ARG A 231 -5.92 6.47 7.14
CA ARG A 231 -5.34 7.36 8.13
C ARG A 231 -3.83 7.51 7.95
N SER A 232 -3.15 6.51 7.43
CA SER A 232 -1.68 6.52 7.40
C SER A 232 -1.11 7.60 6.46
N TYR A 233 -1.65 7.72 5.25
CA TYR A 233 -1.24 8.68 4.23
C TYR A 233 -1.39 10.12 4.68
N TYR A 234 -2.13 10.39 5.70
CA TYR A 234 -2.24 11.78 6.14
C TYR A 234 -0.92 12.31 6.70
N GLY A 235 -0.12 11.45 7.40
CA GLY A 235 1.02 11.80 8.23
C GLY A 235 2.27 12.34 7.54
N PRO A 236 2.71 11.75 6.45
CA PRO A 236 3.93 12.22 5.82
C PRO A 236 3.72 13.48 5.00
N PRO A 237 4.80 14.21 4.64
CA PRO A 237 4.74 15.41 3.81
C PRO A 237 4.25 15.19 2.39
N ALA A 238 3.55 16.16 1.81
CA ALA A 238 2.81 16.00 0.56
C ALA A 238 3.60 15.30 -0.54
N ALA A 239 4.93 15.61 -0.67
CA ALA A 239 5.74 14.97 -1.70
C ALA A 239 5.73 13.46 -1.54
N ILE A 240 5.72 12.98 -0.29
CA ILE A 240 5.74 11.55 -0.02
C ILE A 240 4.33 11.03 -0.15
N ALA A 241 3.32 11.74 0.37
CA ALA A 241 1.95 11.23 0.16
C ALA A 241 1.62 11.14 -1.34
N ALA A 242 2.13 12.11 -2.15
CA ALA A 242 1.89 12.04 -3.57
C ALA A 242 2.48 10.78 -4.14
N LEU A 243 3.77 10.55 -3.83
CA LEU A 243 4.40 9.34 -4.34
C LEU A 243 3.71 8.07 -3.80
N PHE A 244 3.36 7.99 -2.50
CA PHE A 244 2.65 6.83 -1.98
C PHE A 244 1.29 6.73 -2.59
N GLY A 245 0.57 7.87 -2.71
CA GLY A 245 -0.78 7.84 -3.23
C GLY A 245 -0.82 7.31 -4.65
N GLY A 246 0.03 7.93 -5.47
CA GLY A 246 0.19 7.54 -6.85
C GLY A 246 0.68 6.12 -7.14
N LEU A 247 1.67 5.62 -6.41
CA LEU A 247 2.37 4.43 -6.85
C LEU A 247 2.22 3.18 -5.94
N LEU A 248 2.19 3.26 -4.61
CA LEU A 248 2.51 2.07 -3.83
C LEU A 248 1.43 0.98 -3.95
N THR A 249 0.14 1.38 -4.01
CA THR A 249 -0.95 0.44 -4.18
C THR A 249 -0.91 -0.19 -5.55
N LYS A 250 -0.25 0.46 -6.48
CA LYS A 250 -0.16 -0.10 -7.80
C LYS A 250 0.72 -1.30 -7.81
N VAL A 251 1.64 -1.36 -6.86
CA VAL A 251 2.41 -2.62 -6.88
C VAL A 251 1.53 -3.80 -6.50
N GLY A 252 0.62 -3.68 -5.50
CA GLY A 252 -0.33 -4.75 -5.33
C GLY A 252 -1.30 -5.00 -6.48
N ILE A 253 -1.74 -3.91 -7.13
CA ILE A 253 -2.60 -4.09 -8.26
C ILE A 253 -1.89 -4.78 -9.44
N TYR A 254 -0.65 -4.39 -9.73
CA TYR A 254 0.13 -5.06 -10.75
C TYR A 254 0.28 -6.53 -10.43
N ALA A 255 0.56 -6.86 -9.16
CA ALA A 255 0.69 -8.30 -8.83
C ALA A 255 -0.59 -9.07 -9.02
N ILE A 256 -1.74 -8.48 -8.63
CA ILE A 256 -3.00 -9.17 -8.91
C ILE A 256 -3.16 -9.32 -10.42
N MET A 257 -2.84 -8.30 -11.20
CA MET A 257 -3.02 -8.45 -12.63
C MET A 257 -2.10 -9.53 -13.16
N ARG A 258 -0.84 -9.56 -12.72
CA ARG A 258 0.12 -10.48 -13.28
C ARG A 258 -0.21 -11.90 -12.92
N THR A 259 -0.57 -12.13 -11.67
CA THR A 259 -0.96 -13.44 -11.19
C THR A 259 -2.24 -13.96 -11.83
N PHE A 260 -3.28 -13.12 -12.02
CA PHE A 260 -4.50 -13.70 -12.56
C PHE A 260 -4.60 -13.54 -14.07
N THR A 261 -3.57 -13.03 -14.76
CA THR A 261 -3.48 -13.19 -16.23
C THR A 261 -2.45 -14.24 -16.59
N LEU A 262 -1.43 -14.51 -15.77
CA LEU A 262 -0.42 -15.50 -16.14
C LEU A 262 -0.64 -16.85 -15.47
N ILE A 263 -0.84 -16.93 -14.18
CA ILE A 263 -0.84 -18.21 -13.47
C ILE A 263 -2.21 -18.81 -13.22
N PHE A 264 -3.11 -18.12 -12.57
CA PHE A 264 -4.40 -18.69 -12.16
C PHE A 264 -5.43 -18.25 -13.19
N THR A 265 -5.48 -18.93 -14.35
CA THR A 265 -6.32 -18.53 -15.43
C THR A 265 -7.34 -19.59 -15.84
N HIS A 266 -7.36 -20.70 -15.12
CA HIS A 266 -8.10 -21.84 -15.59
C HIS A 266 -9.56 -21.86 -15.12
N ASP A 267 -9.99 -21.11 -14.07
CA ASP A 267 -11.40 -21.10 -13.64
C ASP A 267 -11.87 -19.67 -13.39
N PRO A 268 -11.92 -18.82 -14.42
CA PRO A 268 -12.30 -17.42 -14.19
C PRO A 268 -13.76 -17.35 -13.79
N ASP A 269 -14.56 -18.42 -13.98
CA ASP A 269 -15.90 -18.29 -13.43
C ASP A 269 -15.86 -18.08 -11.93
N PHE A 270 -14.86 -18.64 -11.25
CA PHE A 270 -14.71 -18.43 -9.83
C PHE A 270 -13.81 -17.21 -9.54
N THR A 271 -12.53 -17.28 -9.95
CA THR A 271 -11.54 -16.35 -9.46
C THR A 271 -11.86 -14.93 -10.01
N HIS A 272 -12.27 -14.80 -11.27
CA HIS A 272 -12.36 -13.48 -11.82
C HIS A 272 -13.70 -12.91 -11.44
N MET A 273 -14.73 -13.72 -11.19
CA MET A 273 -15.93 -13.26 -10.51
C MET A 273 -15.62 -12.79 -9.10
N LEU A 274 -14.86 -13.50 -8.33
CA LEU A 274 -14.50 -12.98 -7.04
C LEU A 274 -13.81 -11.63 -7.19
N ILE A 275 -12.91 -11.46 -8.14
CA ILE A 275 -12.26 -10.17 -8.30
C ILE A 275 -13.29 -9.09 -8.71
N LEU A 276 -14.22 -9.31 -9.63
CA LEU A 276 -15.26 -8.34 -9.92
C LEU A 276 -16.03 -7.88 -8.70
N ILE A 277 -16.48 -8.80 -7.85
CA ILE A 277 -17.13 -8.39 -6.64
C ILE A 277 -16.26 -7.54 -5.74
N LEU A 278 -14.99 -7.89 -5.50
CA LEU A 278 -14.21 -7.04 -4.62
C LEU A 278 -14.00 -5.70 -5.33
N ALA A 279 -13.91 -5.64 -6.66
CA ALA A 279 -13.79 -4.38 -7.39
C ALA A 279 -14.96 -3.49 -7.01
N GLY A 280 -16.17 -4.00 -7.20
CA GLY A 280 -17.34 -3.21 -7.01
C GLY A 280 -17.46 -2.76 -5.59
N LEU A 281 -17.08 -3.62 -4.67
CA LEU A 281 -17.19 -3.17 -3.29
C LEU A 281 -16.12 -2.16 -2.96
N THR A 282 -14.93 -2.30 -3.52
CA THR A 282 -13.87 -1.33 -3.34
C THR A 282 -14.25 0.03 -3.93
N MET A 283 -14.77 0.14 -5.12
CA MET A 283 -15.22 1.41 -5.68
C MET A 283 -16.23 2.04 -4.73
N PHE A 284 -17.23 1.27 -4.31
CA PHE A 284 -18.30 1.85 -3.53
C PHE A 284 -17.87 2.31 -2.12
N PHE A 285 -17.28 1.43 -1.32
CA PHE A 285 -16.88 1.79 0.05
C PHE A 285 -15.76 2.81 0.08
N GLY A 286 -14.87 2.75 -0.91
CA GLY A 286 -13.86 3.78 -1.06
C GLY A 286 -14.49 5.18 -1.18
N VAL A 287 -15.43 5.29 -2.12
CA VAL A 287 -15.99 6.62 -2.39
C VAL A 287 -16.89 7.10 -1.23
N LEU A 288 -17.56 6.21 -0.49
CA LEU A 288 -18.24 6.67 0.71
C LEU A 288 -17.30 7.25 1.76
N GLY A 289 -16.12 6.68 1.89
CA GLY A 289 -15.13 7.23 2.76
C GLY A 289 -14.74 8.61 2.38
N ALA A 290 -14.53 8.79 1.06
CA ALA A 290 -14.14 10.09 0.53
C ALA A 290 -15.22 11.13 0.83
N VAL A 291 -16.49 10.75 0.56
CA VAL A 291 -17.65 11.66 0.76
C VAL A 291 -17.84 12.02 2.22
N SER A 292 -17.46 11.12 3.12
CA SER A 292 -17.61 11.40 4.53
C SER A 292 -16.62 12.42 5.07
N GLN A 293 -15.54 12.74 4.33
CA GLN A 293 -14.49 13.57 4.90
C GLN A 293 -14.56 15.04 4.44
N PHE A 294 -14.00 15.89 5.28
CA PHE A 294 -13.94 17.33 5.10
C PHE A 294 -12.54 17.84 5.32
N ASP A 295 -11.56 17.02 5.00
CA ASP A 295 -10.15 17.34 5.02
C ASP A 295 -9.51 16.92 3.69
N PHE A 296 -8.89 17.86 2.99
CA PHE A 296 -8.46 17.66 1.62
C PHE A 296 -7.60 16.40 1.48
N LYS A 297 -6.58 16.27 2.31
CA LYS A 297 -5.69 15.14 2.21
C LYS A 297 -6.42 13.85 2.62
N ARG A 298 -7.37 13.88 3.57
CA ARG A 298 -8.15 12.66 3.85
C ARG A 298 -9.12 12.24 2.77
N ILE A 299 -9.78 13.18 2.11
CA ILE A 299 -10.58 12.86 0.94
C ILE A 299 -9.76 12.17 -0.14
N LEU A 300 -8.58 12.72 -0.47
CA LEU A 300 -7.79 12.06 -1.48
C LEU A 300 -7.31 10.65 -1.14
N SER A 301 -6.96 10.43 0.11
CA SER A 301 -6.62 9.10 0.57
C SER A 301 -7.75 8.14 0.37
N TYR A 302 -9.02 8.47 0.63
CA TYR A 302 -10.04 7.47 0.28
C TYR A 302 -10.26 7.33 -1.22
N HIS A 303 -10.06 8.41 -2.02
CA HIS A 303 -10.17 8.19 -3.44
C HIS A 303 -9.16 7.17 -3.96
N ILE A 304 -7.99 6.98 -3.36
CA ILE A 304 -7.09 5.93 -3.80
C ILE A 304 -7.81 4.59 -3.79
N ILE A 305 -8.50 4.24 -2.72
CA ILE A 305 -9.22 2.98 -2.62
C ILE A 305 -10.26 2.87 -3.68
N SER A 306 -11.10 3.89 -3.77
CA SER A 306 -12.12 3.88 -4.80
C SER A 306 -11.55 3.61 -6.20
N GLN A 307 -10.52 4.32 -6.60
N GLN A 307 -10.50 4.32 -6.60
CA GLN A 307 -10.01 4.25 -7.94
CA GLN A 307 -10.03 4.22 -7.96
C GLN A 307 -9.31 2.92 -8.21
C GLN A 307 -9.31 2.90 -8.22
N VAL A 308 -8.67 2.27 -7.23
CA VAL A 308 -8.07 0.96 -7.55
C VAL A 308 -9.14 -0.05 -7.85
N GLY A 309 -10.33 0.16 -7.29
CA GLY A 309 -11.47 -0.67 -7.62
C GLY A 309 -11.67 -0.71 -9.11
N TYR A 310 -11.48 0.41 -9.79
CA TYR A 310 -11.72 0.41 -11.25
C TYR A 310 -10.69 -0.44 -11.94
N MET A 311 -9.43 -0.39 -11.50
CA MET A 311 -8.39 -1.19 -12.16
C MET A 311 -8.67 -2.65 -11.99
N VAL A 312 -9.19 -3.14 -10.83
CA VAL A 312 -9.50 -4.58 -10.79
C VAL A 312 -10.82 -4.96 -11.44
N MET A 313 -11.70 -3.96 -11.66
CA MET A 313 -12.90 -4.14 -12.47
C MET A 313 -12.53 -4.59 -13.87
N GLY A 314 -11.46 -4.08 -14.46
CA GLY A 314 -11.19 -4.61 -15.76
C GLY A 314 -10.63 -5.97 -15.75
N LEU A 315 -9.78 -6.28 -14.77
CA LEU A 315 -9.35 -7.69 -14.68
C LEU A 315 -10.52 -8.62 -14.40
N GLY A 316 -11.50 -8.22 -13.56
CA GLY A 316 -12.65 -9.05 -13.35
C GLY A 316 -13.43 -9.35 -14.60
N ILE A 317 -13.60 -8.38 -15.52
CA ILE A 317 -14.34 -8.59 -16.74
C ILE A 317 -13.51 -9.50 -17.61
N TYR A 318 -12.20 -9.29 -17.76
CA TYR A 318 -11.32 -10.27 -18.36
C TYR A 318 -11.55 -10.46 -19.85
N THR A 319 -11.66 -9.33 -20.56
CA THR A 319 -11.64 -9.29 -21.99
C THR A 319 -10.50 -8.41 -22.38
N GLN A 320 -10.19 -8.36 -23.68
CA GLN A 320 -9.20 -7.46 -24.21
C GLN A 320 -9.57 -6.00 -23.97
N LEU A 321 -10.83 -5.63 -24.20
CA LEU A 321 -11.16 -4.23 -24.02
C LEU A 321 -11.08 -3.88 -22.57
N ALA A 322 -11.53 -4.71 -21.66
CA ALA A 322 -11.56 -4.31 -20.24
C ALA A 322 -10.15 -4.23 -19.71
N ILE A 323 -9.33 -5.22 -20.09
CA ILE A 323 -7.97 -5.19 -19.65
C ILE A 323 -7.31 -3.92 -20.19
N ALA A 324 -7.48 -3.59 -21.49
CA ALA A 324 -6.81 -2.40 -21.97
C ALA A 324 -7.33 -1.15 -21.26
N GLY A 325 -8.62 -1.10 -20.87
CA GLY A 325 -9.15 -0.02 -20.08
C GLY A 325 -8.44 0.12 -18.75
N ALA A 326 -8.23 -1.01 -18.09
CA ALA A 326 -7.56 -1.04 -16.80
C ALA A 326 -6.14 -0.54 -16.93
N ILE A 327 -5.41 -0.96 -17.95
CA ILE A 327 -4.06 -0.45 -18.18
C ILE A 327 -4.01 1.02 -18.43
N TYR A 328 -4.93 1.55 -19.22
N TYR A 328 -4.94 1.55 -19.23
CA TYR A 328 -5.01 2.99 -19.31
CA TYR A 328 -5.10 2.98 -19.37
C TYR A 328 -5.43 3.66 -18.01
C TYR A 328 -5.44 3.66 -18.03
N TYR A 329 -6.40 3.10 -17.31
CA TYR A 329 -6.80 3.62 -16.05
C TYR A 329 -5.62 3.72 -15.08
N ILE A 330 -4.75 2.72 -15.09
CA ILE A 330 -3.59 2.74 -14.21
C ILE A 330 -2.71 3.94 -14.56
N ALA A 331 -2.42 4.17 -15.84
CA ALA A 331 -1.64 5.36 -16.19
C ALA A 331 -2.32 6.63 -15.77
N HIS A 332 -3.66 6.73 -15.97
CA HIS A 332 -4.35 7.96 -15.61
C HIS A 332 -4.32 8.19 -14.10
N HIS A 333 -4.47 7.15 -13.27
CA HIS A 333 -4.61 7.31 -11.86
C HIS A 333 -3.29 7.73 -11.21
N ILE A 334 -2.18 7.12 -11.59
CA ILE A 334 -0.88 7.50 -11.07
C ILE A 334 -0.63 8.99 -11.28
N ILE A 335 -0.89 9.45 -12.48
CA ILE A 335 -0.66 10.84 -12.84
C ILE A 335 -1.58 11.82 -12.14
N VAL A 336 -2.88 11.53 -12.21
CA VAL A 336 -3.82 12.45 -11.60
C VAL A 336 -3.71 12.40 -10.09
N LYS A 337 -3.59 11.21 -9.53
CA LYS A 337 -3.68 11.14 -8.08
C LYS A 337 -2.40 11.75 -7.55
N ALA A 338 -1.19 11.52 -8.09
CA ALA A 338 -0.03 12.27 -7.62
C ALA A 338 -0.23 13.76 -7.77
N ALA A 339 -0.78 14.25 -8.90
CA ALA A 339 -1.00 15.72 -8.96
C ALA A 339 -1.90 16.26 -7.85
N LEU A 340 -2.98 15.52 -7.56
CA LEU A 340 -3.90 15.96 -6.53
C LEU A 340 -3.26 16.05 -5.18
N PHE A 341 -2.43 15.07 -4.76
CA PHE A 341 -1.79 15.26 -3.46
C PHE A 341 -0.83 16.43 -3.53
N LEU A 342 -0.14 16.62 -4.68
CA LEU A 342 0.76 17.77 -4.76
C LEU A 342 -0.04 19.06 -4.66
N PHE A 343 -1.26 19.17 -5.21
CA PHE A 343 -2.09 20.37 -5.03
C PHE A 343 -2.56 20.53 -3.61
N ALA A 344 -2.85 19.43 -2.88
CA ALA A 344 -3.15 19.56 -1.44
C ALA A 344 -1.89 20.02 -0.67
N GLY A 345 -0.71 19.67 -1.10
CA GLY A 345 0.43 20.23 -0.46
C GLY A 345 0.51 21.72 -0.63
N ALA A 346 0.53 22.20 -1.86
CA ALA A 346 0.54 23.64 -2.11
C ALA A 346 -0.63 24.36 -1.46
N THR A 347 -1.85 23.77 -1.38
CA THR A 347 -2.91 24.41 -0.58
C THR A 347 -2.54 24.50 0.90
N GLN A 348 -1.84 23.54 1.46
CA GLN A 348 -1.48 23.63 2.87
C GLN A 348 -0.37 24.63 3.11
N ARG A 349 0.52 24.82 2.15
CA ARG A 349 1.54 25.83 2.28
C ARG A 349 0.89 27.21 2.41
N ILE A 350 -0.12 27.52 1.61
CA ILE A 350 -0.82 28.80 1.55
C ILE A 350 -1.64 29.01 2.81
N THR A 351 -2.37 28.01 3.26
CA THR A 351 -3.39 28.21 4.27
C THR A 351 -3.00 27.65 5.66
N GLY A 352 -1.93 26.90 5.75
CA GLY A 352 -1.67 26.20 6.97
C GLY A 352 -2.53 25.01 7.30
N THR A 353 -3.51 24.65 6.50
CA THR A 353 -4.47 23.61 6.85
C THR A 353 -4.91 22.74 5.66
N THR A 354 -5.53 21.60 5.92
CA THR A 354 -6.15 20.77 4.88
C THR A 354 -7.66 20.68 5.14
N ASP A 355 -8.09 21.20 6.27
CA ASP A 355 -9.48 21.24 6.68
C ASP A 355 -10.31 22.20 5.84
N LEU A 356 -11.21 21.70 5.03
CA LEU A 356 -11.95 22.51 4.09
C LEU A 356 -12.80 23.57 4.77
N LYS A 357 -13.33 23.29 5.92
CA LYS A 357 -14.15 24.25 6.65
C LYS A 357 -13.40 25.50 7.16
N LYS A 358 -12.07 25.46 7.08
CA LYS A 358 -11.24 26.57 7.46
C LYS A 358 -10.69 27.28 6.27
N MET A 359 -11.10 26.90 5.07
CA MET A 359 -10.49 27.43 3.90
C MET A 359 -11.53 28.24 3.18
N GLY A 360 -11.17 29.10 2.22
CA GLY A 360 -12.12 29.62 1.27
C GLY A 360 -11.47 30.69 0.42
N GLY A 361 -11.86 30.86 -0.82
CA GLY A 361 -11.50 32.01 -1.62
C GLY A 361 -10.16 31.87 -2.33
N LEU A 362 -9.52 30.72 -2.33
CA LEU A 362 -8.25 30.61 -3.01
C LEU A 362 -8.40 30.88 -4.47
N LEU A 363 -9.60 30.76 -5.08
CA LEU A 363 -9.66 31.09 -6.49
C LEU A 363 -9.35 32.57 -6.73
N LYS A 364 -9.73 33.43 -5.83
CA LYS A 364 -9.45 34.84 -6.01
C LYS A 364 -7.97 35.12 -5.80
N THR A 365 -7.28 34.41 -4.89
CA THR A 365 -5.90 34.78 -4.63
C THR A 365 -4.93 33.97 -5.46
N HIS A 366 -5.28 32.72 -5.76
CA HIS A 366 -4.31 31.84 -6.36
C HIS A 366 -4.97 31.16 -7.51
N PRO A 367 -5.33 31.88 -8.54
CA PRO A 367 -5.94 31.21 -9.68
C PRO A 367 -5.16 30.10 -10.38
N TRP A 368 -3.84 30.19 -10.50
CA TRP A 368 -3.10 29.16 -11.17
C TRP A 368 -3.19 27.87 -10.39
N LEU A 369 -3.16 27.96 -9.10
CA LEU A 369 -3.34 26.76 -8.33
C LEU A 369 -4.79 26.26 -8.52
N ALA A 370 -5.76 27.13 -8.40
CA ALA A 370 -7.14 26.73 -8.55
C ALA A 370 -7.47 26.05 -9.85
N TRP A 371 -7.03 26.57 -11.02
CA TRP A 371 -7.42 25.98 -12.27
C TRP A 371 -6.64 24.72 -12.51
N MET A 372 -5.40 24.60 -12.00
CA MET A 372 -4.71 23.32 -12.16
C MET A 372 -5.31 22.24 -11.26
N PHE A 373 -5.75 22.62 -10.10
CA PHE A 373 -6.44 21.67 -9.26
C PHE A 373 -7.74 21.28 -9.91
N PHE A 374 -8.48 22.21 -10.47
CA PHE A 374 -9.78 21.92 -11.05
C PHE A 374 -9.69 20.94 -12.21
N ILE A 375 -8.76 21.18 -13.10
CA ILE A 375 -8.58 20.26 -14.20
C ILE A 375 -8.20 18.83 -13.75
N SER A 376 -7.33 18.71 -12.74
CA SER A 376 -6.95 17.42 -12.27
C SER A 376 -8.19 16.82 -11.61
N ALA A 377 -8.94 17.61 -10.89
CA ALA A 377 -10.06 17.08 -10.12
C ALA A 377 -11.19 16.68 -11.01
N ILE A 378 -11.44 17.32 -12.15
CA ILE A 378 -12.51 16.82 -13.01
C ILE A 378 -12.01 15.64 -13.82
N SER A 379 -10.72 15.56 -14.18
CA SER A 379 -10.14 14.33 -14.72
C SER A 379 -10.38 13.10 -13.78
N LEU A 380 -10.11 13.26 -12.52
CA LEU A 380 -10.37 12.22 -11.59
C LEU A 380 -11.83 11.82 -11.68
N ALA A 381 -12.74 12.80 -11.71
CA ALA A 381 -14.18 12.53 -11.77
C ALA A 381 -14.68 12.00 -13.11
N GLY A 382 -13.83 11.83 -14.13
CA GLY A 382 -14.24 11.26 -15.39
C GLY A 382 -14.84 12.27 -16.38
N ILE A 383 -14.70 13.57 -16.20
CA ILE A 383 -15.26 14.54 -17.13
C ILE A 383 -14.42 14.61 -18.41
N PRO A 384 -15.03 14.41 -19.57
CA PRO A 384 -14.28 14.46 -20.83
C PRO A 384 -13.89 15.87 -21.17
N PRO A 385 -12.89 16.06 -22.05
CA PRO A 385 -12.12 14.96 -22.66
C PRO A 385 -10.77 14.63 -21.95
N LEU A 386 -10.70 14.72 -20.63
CA LEU A 386 -9.44 14.43 -19.97
C LEU A 386 -9.18 12.92 -19.83
N SER A 387 -8.00 12.57 -19.37
CA SER A 387 -7.67 11.16 -19.28
C SER A 387 -8.77 10.40 -18.51
N GLY A 388 -9.24 10.92 -17.40
CA GLY A 388 -10.21 10.18 -16.63
C GLY A 388 -11.41 9.72 -17.45
N PHE A 389 -11.81 10.47 -18.47
CA PHE A 389 -13.02 10.11 -19.19
C PHE A 389 -12.76 8.88 -20.01
N PHE A 390 -11.72 8.92 -20.80
CA PHE A 390 -11.48 7.85 -21.73
C PHE A 390 -11.28 6.51 -21.06
N SER A 391 -10.67 6.52 -19.88
CA SER A 391 -10.31 5.30 -19.21
C SER A 391 -11.56 4.74 -18.55
N LYS A 392 -12.34 5.59 -17.85
CA LYS A 392 -13.64 5.11 -17.41
C LYS A 392 -14.48 4.56 -18.56
N PHE A 393 -14.42 5.13 -19.76
CA PHE A 393 -15.37 4.82 -20.76
C PHE A 393 -15.02 3.47 -21.37
N ALA A 394 -13.75 3.21 -21.57
CA ALA A 394 -13.31 1.88 -21.96
C ALA A 394 -13.75 0.78 -20.97
N LEU A 395 -13.72 0.99 -19.67
CA LEU A 395 -14.20 0.01 -18.72
C LEU A 395 -15.70 -0.18 -18.79
N ILE A 396 -16.53 0.87 -18.81
CA ILE A 396 -17.96 0.66 -18.84
C ILE A 396 -18.38 0.07 -20.18
N LEU A 397 -17.73 0.54 -21.23
CA LEU A 397 -18.09 -0.01 -22.49
C LEU A 397 -17.73 -1.47 -22.49
N ALA A 398 -16.53 -1.86 -22.04
CA ALA A 398 -16.22 -3.30 -21.90
C ALA A 398 -17.21 -4.06 -21.00
N ALA A 399 -17.68 -3.48 -19.91
CA ALA A 399 -18.66 -4.06 -19.02
C ALA A 399 -19.97 -4.29 -19.73
N PHE A 400 -20.44 -3.34 -20.55
CA PHE A 400 -21.69 -3.51 -21.28
C PHE A 400 -21.57 -4.54 -22.39
N LEU A 401 -20.43 -4.58 -23.05
CA LEU A 401 -20.22 -5.54 -24.11
C LEU A 401 -20.23 -6.94 -23.57
N ASN A 402 -19.80 -7.13 -22.32
CA ASN A 402 -19.71 -8.43 -21.68
C ASN A 402 -20.95 -8.75 -20.84
N GLU A 403 -21.89 -7.79 -20.69
CA GLU A 403 -23.16 -7.89 -19.99
C GLU A 403 -22.98 -7.92 -18.44
N ASN A 404 -21.97 -7.27 -18.00
CA ASN A 404 -21.70 -7.04 -16.63
C ASN A 404 -22.41 -5.73 -16.29
N TYR A 405 -23.76 -5.75 -16.19
CA TYR A 405 -24.52 -4.53 -15.96
C TYR A 405 -24.42 -3.92 -14.59
N ILE A 406 -24.32 -4.73 -13.55
CA ILE A 406 -24.23 -4.22 -12.21
C ILE A 406 -22.90 -3.49 -11.97
N ILE A 407 -21.82 -4.03 -12.46
CA ILE A 407 -20.57 -3.37 -12.22
C ILE A 407 -20.53 -2.18 -13.15
N ALA A 408 -21.07 -2.23 -14.38
CA ALA A 408 -21.22 -0.95 -15.17
C ALA A 408 -21.96 0.12 -14.35
N ALA A 409 -23.07 -0.24 -13.66
CA ALA A 409 -23.83 0.77 -12.92
C ALA A 409 -23.06 1.27 -11.72
N VAL A 410 -22.37 0.39 -11.01
CA VAL A 410 -21.59 0.85 -9.86
C VAL A 410 -20.53 1.80 -10.37
N ALA A 411 -19.83 1.48 -11.45
CA ALA A 411 -18.79 2.39 -11.94
C ALA A 411 -19.35 3.72 -12.36
N LEU A 412 -20.56 3.83 -12.96
CA LEU A 412 -21.19 5.14 -13.18
C LEU A 412 -21.62 5.85 -11.90
N ALA A 413 -22.33 5.17 -11.01
CA ALA A 413 -22.68 5.89 -9.78
C ALA A 413 -21.49 6.39 -8.98
N VAL A 414 -20.41 5.61 -9.00
CA VAL A 414 -19.27 5.99 -8.20
C VAL A 414 -18.60 7.19 -8.83
N GLY A 415 -18.62 7.26 -10.14
CA GLY A 415 -18.20 8.51 -10.77
C GLY A 415 -18.93 9.75 -10.32
N LEU A 416 -20.24 9.62 -10.10
CA LEU A 416 -20.96 10.80 -9.69
C LEU A 416 -20.59 11.21 -8.28
N LEU A 417 -20.44 10.22 -7.39
CA LEU A 417 -19.99 10.49 -6.05
C LEU A 417 -18.57 11.07 -6.07
N THR A 418 -17.72 10.61 -6.96
CA THR A 418 -16.44 11.25 -7.02
C THR A 418 -16.54 12.72 -7.44
N LEU A 419 -17.40 13.01 -8.42
CA LEU A 419 -17.62 14.39 -8.81
C LEU A 419 -18.11 15.17 -7.66
N PHE A 420 -19.03 14.61 -6.88
CA PHE A 420 -19.52 15.33 -5.73
C PHE A 420 -18.39 15.64 -4.74
N SER A 421 -17.49 14.69 -4.51
CA SER A 421 -16.37 14.88 -3.59
C SER A 421 -15.37 15.94 -4.11
N MET A 422 -15.09 15.94 -5.39
CA MET A 422 -14.17 16.96 -5.92
C MET A 422 -14.83 18.32 -6.01
N MET A 423 -16.13 18.38 -6.22
N MET A 423 -16.14 18.37 -6.26
CA MET A 423 -16.73 19.67 -6.14
CA MET A 423 -16.81 19.64 -6.16
C MET A 423 -16.85 20.21 -4.73
C MET A 423 -16.82 20.20 -4.75
N LYS A 424 -16.91 19.38 -3.72
CA LYS A 424 -16.84 19.88 -2.36
C LYS A 424 -15.49 20.52 -2.05
N ILE A 425 -14.38 20.00 -2.52
CA ILE A 425 -13.13 20.68 -2.26
C ILE A 425 -13.15 22.01 -3.01
N PHE A 426 -13.57 22.03 -4.26
CA PHE A 426 -13.61 23.29 -4.94
C PHE A 426 -14.54 24.31 -4.29
N ILE A 427 -15.76 23.97 -3.91
CA ILE A 427 -16.68 24.92 -3.32
C ILE A 427 -16.12 25.48 -2.01
N TYR A 428 -15.59 24.62 -1.15
CA TYR A 428 -15.17 25.04 0.18
C TYR A 428 -13.85 25.80 0.19
N ALA A 429 -12.87 25.37 -0.54
CA ALA A 429 -11.55 25.98 -0.51
C ALA A 429 -11.29 27.04 -1.58
N PHE A 430 -11.74 26.87 -2.81
CA PHE A 430 -11.43 27.78 -3.88
C PHE A 430 -12.54 28.83 -4.08
N TRP A 431 -13.80 28.50 -3.87
CA TRP A 431 -14.91 29.43 -3.99
C TRP A 431 -15.22 29.92 -2.60
N GLY A 432 -16.18 30.79 -2.45
CA GLY A 432 -16.37 31.33 -1.12
C GLY A 432 -15.67 32.68 -0.96
N GLU A 433 -15.92 33.32 0.17
CA GLU A 433 -15.09 34.42 0.68
C GLU A 433 -13.68 33.98 1.15
N GLN A 434 -12.66 34.82 1.02
CA GLN A 434 -11.30 34.53 1.47
C GLN A 434 -11.17 34.31 2.96
N LYS A 435 -10.88 33.07 3.42
CA LYS A 435 -10.77 32.73 4.83
C LYS A 435 -9.31 32.79 5.25
N HIS A 436 -8.38 32.86 4.30
CA HIS A 436 -6.96 33.02 4.60
C HIS A 436 -6.57 34.47 4.72
N THR A 437 -5.45 34.72 5.46
CA THR A 437 -4.97 36.08 5.82
C THR A 437 -4.36 36.80 4.63
N GLU A 438 -4.00 38.04 4.83
CA GLU A 438 -3.46 38.86 3.76
C GLU A 438 -2.03 38.44 3.43
N GLN A 439 -1.28 38.07 4.44
CA GLN A 439 0.06 37.56 4.22
C GLN A 439 -0.05 36.26 3.47
N GLN A 440 -1.03 35.38 3.85
CA GLN A 440 -1.25 34.13 3.14
C GLN A 440 -1.75 34.38 1.72
N ALA A 441 -2.53 35.43 1.46
CA ALA A 441 -2.97 35.79 0.09
C ALA A 441 -1.87 36.25 -0.82
N ASN A 442 -0.72 36.62 -0.26
CA ASN A 442 0.36 37.11 -1.06
C ASN A 442 1.50 36.11 -1.18
N PHE A 443 1.35 34.94 -0.52
CA PHE A 443 2.32 33.87 -0.74
C PHE A 443 2.34 33.47 -2.22
N LYS A 444 3.52 33.42 -2.84
CA LYS A 444 3.63 33.09 -4.24
C LYS A 444 3.88 31.61 -4.37
N VAL A 445 3.04 30.84 -5.12
CA VAL A 445 3.23 29.41 -5.11
C VAL A 445 3.77 28.90 -6.43
N GLY A 446 4.05 29.75 -7.37
CA GLY A 446 4.48 29.21 -8.64
C GLY A 446 5.68 28.32 -8.56
N LYS A 447 6.63 28.56 -7.66
CA LYS A 447 7.75 27.64 -7.57
C LYS A 447 7.27 26.25 -7.16
N LEU A 448 6.20 26.12 -6.37
CA LEU A 448 5.65 24.80 -6.09
C LEU A 448 4.82 24.22 -7.23
N LEU A 449 4.23 25.02 -8.04
CA LEU A 449 3.39 24.49 -9.10
C LEU A 449 4.15 23.97 -10.30
N LEU A 450 5.34 24.53 -10.64
CA LEU A 450 6.07 24.06 -11.79
C LEU A 450 6.33 22.55 -11.82
N PRO A 451 6.78 21.90 -10.75
CA PRO A 451 6.89 20.45 -10.80
C PRO A 451 5.58 19.75 -11.13
N ILE A 452 4.41 20.27 -10.69
CA ILE A 452 3.16 19.59 -10.95
C ILE A 452 2.72 19.80 -12.40
N VAL A 453 3.14 20.87 -13.07
CA VAL A 453 2.68 21.18 -14.44
C VAL A 453 2.74 19.98 -15.41
N PRO A 454 3.83 19.26 -15.54
CA PRO A 454 3.76 18.12 -16.43
C PRO A 454 2.63 17.13 -16.12
N LEU A 455 2.33 16.86 -14.83
CA LEU A 455 1.25 15.90 -14.56
C LEU A 455 -0.05 16.48 -15.08
N VAL A 456 -0.28 17.80 -14.90
CA VAL A 456 -1.48 18.41 -15.45
C VAL A 456 -1.50 18.33 -16.98
N ALA A 457 -0.39 18.65 -17.62
CA ALA A 457 -0.25 18.52 -19.04
C ALA A 457 -0.55 17.09 -19.45
N LEU A 458 -0.07 16.10 -18.70
CA LEU A 458 -0.27 14.74 -19.17
C LEU A 458 -1.74 14.36 -19.04
N THR A 459 -2.46 14.78 -17.97
CA THR A 459 -3.85 14.41 -18.02
C THR A 459 -4.54 15.01 -19.26
N ILE A 460 -4.14 16.19 -19.75
CA ILE A 460 -4.78 16.72 -20.94
C ILE A 460 -4.35 15.92 -22.17
N ILE A 461 -3.06 15.73 -22.38
CA ILE A 461 -2.54 15.04 -23.54
C ILE A 461 -3.10 13.61 -23.55
N LEU A 462 -3.12 12.89 -22.41
CA LEU A 462 -3.61 11.51 -22.42
C LEU A 462 -5.09 11.45 -22.81
N GLY A 463 -5.84 12.52 -22.51
CA GLY A 463 -7.16 12.65 -23.06
C GLY A 463 -7.16 12.88 -24.54
N PHE A 464 -6.57 13.98 -25.03
CA PHE A 464 -6.67 14.31 -26.46
C PHE A 464 -5.98 13.27 -27.31
N ALA A 465 -4.77 12.86 -26.93
CA ALA A 465 -4.06 11.83 -27.65
C ALA A 465 -4.39 10.44 -27.10
N ALA A 466 -5.65 10.17 -26.85
CA ALA A 466 -6.06 8.91 -26.34
C ALA A 466 -5.83 7.83 -27.39
N GLU A 467 -5.90 8.09 -28.67
CA GLU A 467 -5.80 7.00 -29.59
C GLU A 467 -4.44 6.30 -29.52
N PRO A 468 -3.26 6.92 -29.61
CA PRO A 468 -2.03 6.15 -29.40
C PRO A 468 -1.87 5.48 -28.02
N ILE A 469 -2.25 6.12 -26.93
CA ILE A 469 -2.20 5.49 -25.63
C ILE A 469 -3.13 4.26 -25.57
N PHE A 470 -4.32 4.35 -26.13
CA PHE A 470 -5.25 3.24 -26.14
C PHE A 470 -4.73 2.17 -27.06
N GLN A 471 -4.11 2.48 -28.20
CA GLN A 471 -3.55 1.38 -28.99
C GLN A 471 -2.39 0.66 -28.27
N TYR A 472 -1.62 1.39 -27.47
CA TYR A 472 -0.59 0.76 -26.73
C TYR A 472 -1.25 -0.15 -25.70
N SER A 473 -2.27 0.32 -24.97
CA SER A 473 -2.98 -0.47 -23.95
C SER A 473 -3.57 -1.73 -24.54
N LEU A 474 -4.06 -1.69 -25.76
CA LEU A 474 -4.56 -2.88 -26.41
C LEU A 474 -3.48 -3.90 -26.68
N GLN A 475 -2.29 -3.45 -27.07
CA GLN A 475 -1.16 -4.33 -27.28
C GLN A 475 -0.67 -4.93 -25.94
N VAL A 476 -0.60 -4.13 -24.84
CA VAL A 476 -0.34 -4.70 -23.56
C VAL A 476 -1.41 -5.74 -23.27
N ALA A 477 -2.67 -5.45 -23.58
CA ALA A 477 -3.69 -6.36 -23.15
C ALA A 477 -3.57 -7.61 -23.98
N ASP A 478 -3.19 -7.48 -25.21
CA ASP A 478 -3.01 -8.69 -25.96
C ASP A 478 -1.88 -9.58 -25.42
N GLN A 479 -0.82 -8.92 -24.94
CA GLN A 479 0.38 -9.63 -24.61
C GLN A 479 0.07 -10.41 -23.37
N ILE A 480 -0.59 -9.78 -22.38
CA ILE A 480 -0.77 -10.42 -21.11
C ILE A 480 -1.97 -11.36 -21.13
N LEU A 481 -2.96 -11.17 -21.95
CA LEU A 481 -4.06 -12.12 -21.91
C LEU A 481 -3.69 -13.43 -22.59
N ASP A 482 -2.52 -13.55 -23.22
CA ASP A 482 -2.04 -14.84 -23.72
C ASP A 482 -0.81 -15.22 -22.92
N PRO A 483 -0.97 -16.06 -21.89
CA PRO A 483 0.15 -16.45 -21.03
C PRO A 483 1.34 -17.06 -21.78
N THR A 484 1.10 -17.67 -22.94
CA THR A 484 2.13 -18.30 -23.72
C THR A 484 3.12 -17.36 -24.34
N ILE A 485 2.78 -16.11 -24.53
CA ILE A 485 3.80 -15.16 -24.90
C ILE A 485 4.81 -14.98 -23.76
N TYR A 486 4.37 -14.66 -22.55
CA TYR A 486 5.33 -14.51 -21.48
C TYR A 486 6.05 -15.86 -21.32
N ILE A 487 5.33 -16.96 -21.28
CA ILE A 487 5.92 -18.28 -21.01
C ILE A 487 7.07 -18.58 -21.95
N GLU A 488 6.90 -18.32 -23.24
CA GLU A 488 7.90 -18.68 -24.24
C GLU A 488 9.12 -17.78 -24.18
N SER A 489 8.93 -16.55 -23.75
CA SER A 489 10.00 -15.61 -23.48
C SER A 489 10.94 -16.15 -22.42
N VAL A 490 10.43 -16.79 -21.39
CA VAL A 490 11.20 -17.09 -20.22
C VAL A 490 11.63 -18.55 -20.30
N LEU A 491 10.86 -19.48 -20.80
CA LEU A 491 11.25 -20.88 -20.75
C LEU A 491 11.51 -21.47 -22.15
N MET B 1 -9.63 17.98 -40.85
CA MET B 1 -10.37 19.10 -40.19
C MET B 1 -10.83 20.08 -41.25
N THR B 2 -12.12 20.03 -41.51
CA THR B 2 -12.75 20.96 -42.41
C THR B 2 -12.87 22.33 -41.72
N VAL B 3 -13.26 23.30 -42.54
CA VAL B 3 -13.68 24.54 -41.94
C VAL B 3 -14.87 24.29 -41.02
N LEU B 4 -15.82 23.39 -41.40
CA LEU B 4 -16.94 23.13 -40.50
C LEU B 4 -16.48 22.51 -39.19
N HIS B 5 -15.40 21.71 -39.17
CA HIS B 5 -14.82 21.30 -37.90
C HIS B 5 -14.28 22.46 -37.12
N TRP B 6 -13.47 23.29 -37.74
CA TRP B 6 -12.85 24.46 -37.13
C TRP B 6 -13.92 25.41 -36.60
N ALA B 7 -14.98 25.73 -37.34
CA ALA B 7 -16.05 26.56 -36.80
C ALA B 7 -16.62 26.02 -35.50
N THR B 8 -16.99 24.76 -35.51
CA THR B 8 -17.49 24.07 -34.34
C THR B 8 -16.65 24.27 -33.09
N ILE B 9 -15.32 24.16 -33.14
CA ILE B 9 -14.55 24.33 -31.92
C ILE B 9 -13.88 25.71 -31.82
N SER B 10 -14.12 26.57 -32.79
CA SER B 10 -13.51 27.89 -32.80
C SER B 10 -13.70 28.63 -31.47
N PRO B 11 -14.84 28.52 -30.76
CA PRO B 11 -14.99 29.27 -29.52
C PRO B 11 -14.05 28.82 -28.40
N PHE B 12 -13.58 27.58 -28.40
CA PHE B 12 -12.55 27.13 -27.48
C PHE B 12 -11.18 27.74 -27.78
N LEU B 13 -10.89 27.99 -29.05
CA LEU B 13 -9.63 28.61 -29.43
C LEU B 13 -9.68 30.05 -29.03
N LEU B 14 -10.81 30.73 -29.23
CA LEU B 14 -10.79 32.10 -28.78
C LEU B 14 -10.72 32.20 -27.23
N ALA B 15 -11.27 31.23 -26.52
CA ALA B 15 -11.27 31.22 -25.08
C ALA B 15 -9.84 31.19 -24.58
N ILE B 16 -8.98 30.46 -25.23
CA ILE B 16 -7.56 30.50 -24.90
C ILE B 16 -6.98 31.91 -25.09
N LEU B 17 -7.40 32.65 -26.13
CA LEU B 17 -6.84 34.00 -26.30
C LEU B 17 -7.49 35.10 -25.45
N ILE B 18 -8.65 34.85 -24.80
CA ILE B 18 -9.36 35.90 -24.09
C ILE B 18 -8.51 36.45 -22.92
N PRO B 19 -7.89 35.61 -22.06
CA PRO B 19 -7.14 36.18 -20.96
C PRO B 19 -6.00 37.12 -21.38
N PHE B 20 -5.36 36.90 -22.51
CA PHE B 20 -4.38 37.86 -23.06
C PHE B 20 -5.03 39.18 -23.47
N LEU B 21 -6.07 39.11 -24.28
CA LEU B 21 -6.81 40.31 -24.66
C LEU B 21 -7.23 41.14 -23.46
N TYR B 22 -7.63 40.52 -22.36
CA TYR B 22 -8.10 41.25 -21.20
C TYR B 22 -6.91 41.90 -20.57
N LYS B 23 -5.80 41.16 -20.48
CA LYS B 23 -4.58 41.66 -19.86
C LYS B 23 -3.94 42.83 -20.62
N TYR B 24 -3.88 42.74 -21.94
CA TYR B 24 -3.06 43.57 -22.79
C TYR B 24 -3.89 44.33 -23.84
N ALA B 25 -5.16 44.58 -23.53
CA ALA B 25 -6.06 45.41 -24.33
C ALA B 25 -7.23 45.79 -23.46
N ARG B 26 -6.96 46.08 -22.17
CA ARG B 26 -8.02 46.36 -21.20
C ARG B 26 -8.83 47.63 -21.53
N ARG B 27 -8.19 48.65 -22.10
CA ARG B 27 -8.87 49.81 -22.63
C ARG B 27 -10.25 49.43 -23.17
N ILE B 28 -10.28 48.35 -23.95
CA ILE B 28 -11.48 47.85 -24.61
C ILE B 28 -12.15 46.82 -23.71
N HIS B 29 -13.49 46.90 -23.61
CA HIS B 29 -14.34 45.91 -22.95
C HIS B 29 -14.07 44.60 -23.70
N THR B 30 -13.69 43.52 -23.03
CA THR B 30 -13.26 42.33 -23.73
C THR B 30 -14.40 41.83 -24.61
N GLY B 31 -15.66 42.10 -24.23
CA GLY B 31 -16.75 41.61 -25.08
C GLY B 31 -16.66 42.07 -26.50
N TRP B 32 -16.03 43.24 -26.82
CA TRP B 32 -15.95 43.69 -28.23
C TRP B 32 -15.15 42.68 -29.03
N PHE B 33 -14.10 42.12 -28.47
CA PHE B 33 -13.41 41.07 -29.19
C PHE B 33 -14.22 39.77 -29.27
N VAL B 34 -14.98 39.42 -28.23
CA VAL B 34 -15.74 38.19 -28.26
C VAL B 34 -16.87 38.27 -29.29
N LEU B 35 -17.52 39.43 -29.47
CA LEU B 35 -18.72 39.61 -30.28
C LEU B 35 -18.50 39.17 -31.73
N ALA B 36 -17.33 39.45 -32.30
CA ALA B 36 -17.05 39.08 -33.68
C ALA B 36 -17.20 37.58 -33.94
N LEU B 37 -16.83 36.70 -33.00
CA LEU B 37 -16.89 35.27 -33.33
C LEU B 37 -18.33 34.78 -33.53
N PRO B 38 -19.26 34.82 -32.56
CA PRO B 38 -20.59 34.33 -32.85
C PRO B 38 -21.10 35.09 -34.07
N LEU B 39 -20.75 36.36 -34.32
CA LEU B 39 -21.30 37.07 -35.47
C LEU B 39 -20.78 36.52 -36.82
N VAL B 40 -19.47 36.23 -36.93
CA VAL B 40 -19.09 35.48 -38.13
C VAL B 40 -19.59 34.04 -38.18
N LEU B 41 -19.67 33.27 -37.10
CA LEU B 41 -20.24 31.92 -37.20
C LEU B 41 -21.71 32.00 -37.59
N PHE B 42 -22.46 32.97 -37.14
CA PHE B 42 -23.80 33.12 -37.66
C PHE B 42 -23.88 33.25 -39.17
N ILE B 43 -23.09 34.15 -39.73
CA ILE B 43 -23.07 34.33 -41.16
C ILE B 43 -22.54 33.09 -41.91
N TYR B 44 -21.47 32.49 -41.43
CA TYR B 44 -21.10 31.19 -41.89
C TYR B 44 -22.25 30.19 -41.91
N PHE B 45 -22.90 29.91 -40.82
CA PHE B 45 -23.96 28.90 -40.83
C PHE B 45 -25.08 29.30 -41.76
N ILE B 46 -25.51 30.59 -41.81
CA ILE B 46 -26.56 31.07 -42.71
C ILE B 46 -26.32 30.64 -44.16
N ARG B 47 -25.09 30.33 -44.52
CA ARG B 47 -24.79 29.85 -45.85
C ARG B 47 -25.23 28.43 -46.13
N TYR B 48 -25.54 27.65 -45.10
CA TYR B 48 -25.96 26.27 -45.28
C TYR B 48 -27.44 26.19 -45.51
N LEU B 49 -28.18 27.31 -45.35
CA LEU B 49 -29.59 27.30 -45.66
C LEU B 49 -29.74 26.88 -47.12
N SER B 50 -28.81 27.24 -47.99
CA SER B 50 -28.89 26.83 -49.40
C SER B 50 -28.95 25.31 -49.58
N VAL B 51 -28.19 24.54 -48.76
CA VAL B 51 -28.24 23.09 -48.82
C VAL B 51 -29.41 22.50 -48.00
N THR B 52 -29.71 22.99 -46.80
CA THR B 52 -30.64 22.23 -45.97
C THR B 52 -32.03 22.43 -46.56
N SER B 53 -32.28 23.62 -47.06
CA SER B 53 -33.60 24.03 -47.50
C SER B 53 -33.90 23.49 -48.89
N THR B 54 -32.93 22.77 -49.52
CA THR B 54 -33.06 22.00 -50.78
C THR B 54 -32.97 20.48 -50.54
N GLY B 55 -33.36 20.02 -49.35
CA GLY B 55 -33.22 18.67 -48.82
C GLY B 55 -31.84 18.09 -48.46
N GLY B 56 -30.82 18.87 -48.53
CA GLY B 56 -29.50 18.34 -48.30
C GLY B 56 -29.06 18.22 -46.84
N VAL B 57 -27.92 17.52 -46.72
CA VAL B 57 -27.16 17.46 -45.50
C VAL B 57 -25.69 17.55 -45.85
N VAL B 58 -24.89 18.04 -44.91
CA VAL B 58 -23.44 18.07 -45.02
C VAL B 58 -22.87 17.22 -43.88
N GLU B 59 -22.04 16.23 -44.20
CA GLU B 59 -21.38 15.43 -43.21
C GLU B 59 -19.86 15.40 -43.41
N HIS B 60 -19.05 15.72 -42.41
CA HIS B 60 -17.61 15.49 -42.49
C HIS B 60 -17.10 14.75 -41.30
N THR B 61 -16.09 13.92 -41.46
CA THR B 61 -15.56 13.17 -40.34
C THR B 61 -14.04 13.15 -40.33
N ILE B 62 -13.44 13.22 -39.14
CA ILE B 62 -12.04 12.92 -38.89
C ILE B 62 -12.00 11.98 -37.70
N PRO B 63 -11.24 10.88 -37.72
CA PRO B 63 -11.12 10.03 -36.55
C PRO B 63 -10.40 10.68 -35.38
N TRP B 64 -10.83 10.37 -34.19
CA TRP B 64 -10.25 10.90 -33.01
C TRP B 64 -9.70 9.72 -32.18
N VAL B 65 -10.56 8.81 -31.81
CA VAL B 65 -10.14 7.64 -31.07
C VAL B 65 -10.85 6.43 -31.66
N PRO B 66 -10.56 6.15 -32.90
CA PRO B 66 -11.26 5.05 -33.55
C PRO B 66 -11.11 3.66 -32.92
N SER B 67 -10.26 3.47 -31.94
CA SER B 67 -10.14 2.15 -31.34
C SER B 67 -11.31 1.88 -30.38
N LEU B 68 -11.92 2.93 -29.84
CA LEU B 68 -13.18 2.95 -29.12
C LEU B 68 -14.36 3.39 -30.00
N GLY B 69 -14.23 3.51 -31.33
CA GLY B 69 -15.34 3.96 -32.21
C GLY B 69 -15.76 5.44 -32.08
N ILE B 70 -14.86 6.26 -31.63
CA ILE B 70 -15.14 7.65 -31.43
C ILE B 70 -14.54 8.47 -32.55
N ASN B 71 -15.36 9.08 -33.38
CA ASN B 71 -14.87 9.87 -34.52
C ASN B 71 -15.45 11.23 -34.45
N PHE B 72 -14.71 12.30 -34.73
CA PHE B 72 -15.27 13.66 -34.73
C PHE B 72 -15.96 13.93 -36.05
N THR B 73 -17.26 13.69 -36.06
CA THR B 73 -18.10 13.85 -37.25
C THR B 73 -19.06 15.01 -37.10
N VAL B 74 -19.04 15.94 -38.06
CA VAL B 74 -19.90 17.12 -38.00
C VAL B 74 -21.00 16.91 -38.99
N PHE B 75 -22.23 17.25 -38.62
CA PHE B 75 -23.34 16.89 -39.47
C PHE B 75 -24.31 18.02 -39.47
N VAL B 76 -24.57 18.57 -40.69
CA VAL B 76 -25.50 19.69 -40.84
C VAL B 76 -26.76 19.23 -41.54
N ASP B 77 -27.89 19.31 -40.85
CA ASP B 77 -29.16 19.10 -41.45
C ASP B 77 -30.11 20.16 -40.90
N GLY B 78 -31.40 20.03 -41.15
CA GLY B 78 -32.30 21.07 -40.78
C GLY B 78 -32.31 21.21 -39.29
N LEU B 79 -32.24 20.11 -38.60
CA LEU B 79 -32.41 20.22 -37.17
C LEU B 79 -31.16 20.88 -36.65
N SER B 80 -30.01 20.39 -37.06
CA SER B 80 -28.78 20.92 -36.49
C SER B 80 -28.56 22.33 -36.96
N LEU B 81 -28.90 22.64 -38.22
CA LEU B 81 -28.73 24.02 -38.61
C LEU B 81 -29.55 24.99 -37.76
N LEU B 82 -30.81 24.70 -37.53
CA LEU B 82 -31.67 25.51 -36.69
C LEU B 82 -31.02 25.80 -35.35
N PHE B 83 -30.52 24.78 -34.64
CA PHE B 83 -29.89 25.09 -33.37
C PHE B 83 -28.59 25.83 -33.52
N ALA B 84 -27.77 25.56 -34.56
CA ALA B 84 -26.58 26.39 -34.76
C ALA B 84 -26.89 27.88 -34.99
N LEU B 85 -27.95 28.22 -35.67
CA LEU B 85 -28.31 29.64 -35.83
C LEU B 85 -28.83 30.24 -34.56
N LEU B 86 -29.56 29.50 -33.71
CA LEU B 86 -29.91 30.09 -32.43
C LEU B 86 -28.70 30.32 -31.54
N ILE B 87 -27.84 29.35 -31.47
CA ILE B 87 -26.72 29.46 -30.59
C ILE B 87 -25.87 30.63 -31.05
N THR B 88 -25.57 30.78 -32.33
CA THR B 88 -24.71 31.89 -32.80
C THR B 88 -25.49 33.18 -32.95
N GLY B 89 -26.77 33.19 -33.34
CA GLY B 89 -27.55 34.42 -33.42
C GLY B 89 -27.84 35.06 -32.07
N ILE B 90 -28.46 34.30 -31.18
CA ILE B 90 -28.74 34.83 -29.89
C ILE B 90 -27.44 35.02 -29.12
N GLY B 91 -26.42 34.20 -29.37
CA GLY B 91 -25.10 34.42 -28.84
C GLY B 91 -24.57 35.81 -29.16
N THR B 92 -24.62 36.21 -30.40
CA THR B 92 -24.20 37.53 -30.80
C THR B 92 -24.90 38.56 -29.95
N LEU B 93 -26.23 38.53 -29.85
CA LEU B 93 -27.02 39.49 -29.13
C LEU B 93 -26.79 39.52 -27.63
N VAL B 94 -26.50 38.37 -27.08
CA VAL B 94 -26.24 38.32 -25.65
C VAL B 94 -24.84 38.86 -25.39
N ILE B 95 -23.84 38.58 -26.23
CA ILE B 95 -22.56 39.26 -26.01
C ILE B 95 -22.77 40.77 -26.08
N LEU B 96 -23.45 41.24 -27.12
CA LEU B 96 -23.65 42.69 -27.21
C LEU B 96 -24.24 43.25 -25.92
N TYR B 97 -25.27 42.62 -25.34
CA TYR B 97 -25.90 43.03 -24.11
C TYR B 97 -24.91 42.98 -22.97
N SER B 98 -24.07 41.95 -22.90
CA SER B 98 -23.13 41.80 -21.81
C SER B 98 -22.04 42.88 -21.81
N ILE B 99 -21.75 43.49 -22.96
CA ILE B 99 -20.83 44.62 -23.02
C ILE B 99 -21.38 45.78 -22.23
N PHE B 100 -22.69 45.96 -22.17
CA PHE B 100 -23.24 47.11 -21.47
C PHE B 100 -23.73 46.74 -20.10
N TYR B 101 -23.99 45.48 -19.82
CA TYR B 101 -24.40 45.01 -18.51
C TYR B 101 -23.23 44.78 -17.55
N LEU B 102 -22.07 44.24 -18.00
CA LEU B 102 -20.89 44.06 -17.14
C LEU B 102 -19.90 45.21 -17.29
N SER B 103 -19.75 46.16 -16.35
CA SER B 103 -18.67 47.17 -16.34
C SER B 103 -17.26 46.54 -16.34
N LYS B 104 -16.31 46.95 -17.24
CA LYS B 104 -14.96 46.39 -17.31
C LYS B 104 -14.08 46.79 -16.10
N LYS B 105 -14.56 47.73 -15.25
CA LYS B 105 -13.75 48.18 -14.14
C LYS B 105 -13.68 47.11 -13.04
N THR B 106 -14.81 46.74 -12.41
CA THR B 106 -14.74 45.80 -11.30
C THR B 106 -15.03 44.32 -11.69
N GLU B 107 -15.39 44.01 -12.94
CA GLU B 107 -15.82 42.67 -13.29
C GLU B 107 -14.64 41.88 -13.88
N SER B 108 -14.56 40.58 -13.58
CA SER B 108 -13.58 39.68 -14.13
C SER B 108 -14.05 39.28 -15.52
N LEU B 109 -13.89 40.13 -16.52
CA LEU B 109 -14.33 39.79 -17.84
C LEU B 109 -13.60 38.54 -18.37
N ASN B 110 -12.34 38.37 -18.02
CA ASN B 110 -11.62 37.21 -18.49
C ASN B 110 -12.36 35.94 -18.08
N ASN B 111 -12.71 35.75 -16.80
CA ASN B 111 -13.43 34.55 -16.39
C ASN B 111 -14.75 34.44 -17.15
N PHE B 112 -15.51 35.53 -17.22
CA PHE B 112 -16.80 35.53 -17.83
C PHE B 112 -16.71 35.00 -19.28
N TYR B 113 -15.86 35.61 -20.13
CA TYR B 113 -15.81 35.28 -21.52
C TYR B 113 -15.13 33.94 -21.70
N VAL B 114 -14.24 33.53 -20.85
CA VAL B 114 -13.77 32.19 -21.09
C VAL B 114 -14.90 31.19 -20.84
N TYR B 115 -15.66 31.34 -19.74
CA TYR B 115 -16.71 30.37 -19.45
C TYR B 115 -17.73 30.44 -20.55
N LEU B 116 -18.09 31.63 -20.95
CA LEU B 116 -19.11 31.73 -21.96
C LEU B 116 -18.69 31.18 -23.29
N LEU B 117 -17.44 31.32 -23.74
CA LEU B 117 -17.07 30.76 -25.03
C LEU B 117 -16.90 29.26 -24.90
N MET B 118 -16.47 28.76 -23.74
N MET B 118 -16.47 28.76 -23.73
CA MET B 118 -16.48 27.32 -23.53
CA MET B 118 -16.46 27.33 -23.50
C MET B 118 -17.91 26.78 -23.71
C MET B 118 -17.86 26.75 -23.77
N PHE B 119 -18.88 27.50 -23.15
N PHE B 119 -18.89 27.38 -23.17
CA PHE B 119 -20.28 27.12 -23.26
CA PHE B 119 -20.25 26.93 -23.40
C PHE B 119 -20.72 27.10 -24.73
C PHE B 119 -20.62 26.99 -24.88
N MET B 120 -20.33 28.12 -25.50
CA MET B 120 -20.79 28.30 -26.87
C MET B 120 -20.19 27.20 -27.75
N GLY B 121 -18.89 26.95 -27.65
CA GLY B 121 -18.30 25.90 -28.46
C GLY B 121 -18.80 24.54 -28.05
N ALA B 122 -19.04 24.34 -26.75
CA ALA B 122 -19.64 23.07 -26.36
C ALA B 122 -21.06 22.89 -26.94
N MET B 123 -21.92 23.91 -26.92
CA MET B 123 -23.22 23.80 -27.50
C MET B 123 -23.18 23.52 -29.00
N LEU B 124 -22.29 24.15 -29.78
CA LEU B 124 -22.26 23.81 -31.19
C LEU B 124 -21.82 22.38 -31.38
N GLY B 125 -20.83 21.98 -30.62
CA GLY B 125 -20.40 20.62 -30.63
C GLY B 125 -21.52 19.65 -30.34
N VAL B 126 -22.43 19.96 -29.40
CA VAL B 126 -23.59 19.07 -29.17
C VAL B 126 -24.44 18.99 -30.38
N VAL B 127 -24.80 20.15 -30.93
CA VAL B 127 -25.77 20.03 -32.01
C VAL B 127 -25.20 19.58 -33.36
N LEU B 128 -23.88 19.58 -33.60
CA LEU B 128 -23.30 19.26 -34.91
C LEU B 128 -22.68 17.87 -34.89
N SER B 129 -22.53 17.24 -33.77
CA SER B 129 -21.96 15.89 -33.65
C SER B 129 -22.85 14.79 -34.18
N ASP B 130 -22.32 13.95 -35.08
CA ASP B 130 -22.98 12.71 -35.40
C ASP B 130 -22.49 11.53 -34.56
N ASN B 131 -21.37 11.61 -33.87
CA ASN B 131 -20.95 10.50 -33.06
C ASN B 131 -21.53 10.65 -31.64
N LEU B 132 -22.28 9.69 -31.11
CA LEU B 132 -22.81 9.85 -29.73
C LEU B 132 -21.79 10.04 -28.63
N ILE B 133 -20.54 9.59 -28.77
CA ILE B 133 -19.60 9.85 -27.72
C ILE B 133 -18.97 11.20 -27.84
N VAL B 134 -18.77 11.68 -29.05
CA VAL B 134 -18.39 13.09 -29.19
C VAL B 134 -19.55 13.99 -28.80
N LEU B 135 -20.79 13.58 -29.01
CA LEU B 135 -21.84 14.39 -28.44
C LEU B 135 -21.79 14.34 -26.93
N TYR B 136 -21.56 13.18 -26.30
CA TYR B 136 -21.40 13.15 -24.84
C TYR B 136 -20.27 14.06 -24.38
N VAL B 137 -19.16 14.09 -25.08
CA VAL B 137 -18.06 14.91 -24.64
C VAL B 137 -18.52 16.34 -24.62
N PHE B 138 -19.13 16.84 -25.69
CA PHE B 138 -19.57 18.26 -25.59
C PHE B 138 -20.73 18.47 -24.64
N TRP B 139 -21.62 17.48 -24.47
CA TRP B 139 -22.70 17.62 -23.52
C TRP B 139 -22.22 17.84 -22.12
N GLU B 140 -21.17 17.13 -21.70
CA GLU B 140 -20.64 17.38 -20.37
C GLU B 140 -19.86 18.67 -20.29
N LEU B 141 -19.14 19.11 -21.35
CA LEU B 141 -18.59 20.45 -21.25
C LEU B 141 -19.67 21.51 -21.17
N THR B 142 -20.87 21.38 -21.73
CA THR B 142 -21.89 22.42 -21.45
C THR B 142 -22.29 22.42 -19.99
N SER B 143 -22.35 21.28 -19.33
CA SER B 143 -22.72 21.28 -17.92
C SER B 143 -21.65 21.91 -17.07
N LEU B 144 -20.43 21.67 -17.48
CA LEU B 144 -19.36 22.30 -16.81
C LEU B 144 -19.37 23.79 -17.05
N ALA B 145 -19.43 24.25 -18.29
CA ALA B 145 -19.35 25.69 -18.52
C ALA B 145 -20.54 26.41 -17.89
N SER B 146 -21.71 25.77 -17.95
CA SER B 146 -22.90 26.29 -17.30
C SER B 146 -22.71 26.52 -15.80
N SER B 147 -22.20 25.52 -15.05
CA SER B 147 -22.02 25.73 -13.61
C SER B 147 -20.95 26.75 -13.34
N LEU B 148 -19.93 26.86 -14.21
CA LEU B 148 -18.92 27.87 -13.96
C LEU B 148 -19.57 29.21 -14.12
N LEU B 149 -20.42 29.45 -15.12
CA LEU B 149 -21.18 30.71 -15.18
C LEU B 149 -22.17 30.89 -14.06
N ILE B 150 -22.90 29.87 -13.57
CA ILE B 150 -23.78 30.12 -12.41
C ILE B 150 -22.97 30.55 -11.20
N SER B 151 -21.77 30.05 -11.08
CA SER B 151 -20.94 30.37 -9.96
C SER B 151 -20.13 31.64 -10.16
N TYR B 152 -20.35 32.46 -11.15
CA TYR B 152 -19.44 33.55 -11.47
C TYR B 152 -19.20 34.46 -10.27
N TRP B 153 -20.22 34.70 -9.45
CA TRP B 153 -19.98 35.48 -8.24
C TRP B 153 -19.71 34.55 -7.12
N PHE B 154 -18.54 33.90 -7.12
CA PHE B 154 -18.29 32.70 -6.35
C PHE B 154 -18.18 32.96 -4.85
N HIS B 155 -18.12 34.23 -4.47
CA HIS B 155 -18.09 34.62 -3.06
C HIS B 155 -19.47 34.56 -2.43
N ARG B 156 -20.53 34.43 -3.23
CA ARG B 156 -21.90 34.38 -2.72
C ARG B 156 -22.40 32.92 -2.58
N GLU B 157 -23.03 32.62 -1.48
CA GLU B 157 -23.41 31.27 -1.17
C GLU B 157 -24.45 30.78 -2.18
N LYS B 158 -25.41 31.62 -2.55
CA LYS B 158 -26.39 31.23 -3.55
C LYS B 158 -25.80 30.86 -4.91
N SER B 159 -24.80 31.57 -5.33
CA SER B 159 -24.09 31.26 -6.53
C SER B 159 -23.45 29.88 -6.48
N THR B 160 -22.81 29.52 -5.37
CA THR B 160 -22.14 28.25 -5.28
C THR B 160 -23.13 27.12 -5.06
N TYR B 161 -24.28 27.40 -4.44
CA TYR B 161 -25.31 26.41 -4.25
C TYR B 161 -25.90 26.03 -5.62
N GLY B 162 -26.21 27.03 -6.44
CA GLY B 162 -26.75 26.79 -7.74
C GLY B 162 -25.76 26.11 -8.65
N ALA B 163 -24.47 26.43 -8.57
CA ALA B 163 -23.49 25.83 -9.45
C ALA B 163 -23.38 24.36 -9.09
N GLN B 164 -23.40 24.03 -7.79
CA GLN B 164 -23.35 22.63 -7.43
C GLN B 164 -24.60 21.89 -7.87
N LYS B 165 -25.78 22.45 -7.62
CA LYS B 165 -27.02 21.78 -7.89
C LYS B 165 -27.14 21.47 -9.38
N SER B 166 -26.82 22.42 -10.27
CA SER B 166 -26.77 22.18 -11.68
C SER B 166 -25.76 21.09 -12.06
N MET B 167 -24.56 21.17 -11.52
N MET B 167 -24.54 21.18 -11.55
CA MET B 167 -23.63 20.19 -11.95
CA MET B 167 -23.62 20.18 -11.94
C MET B 167 -24.09 18.78 -11.51
C MET B 167 -24.13 18.78 -11.52
N LEU B 168 -24.66 18.61 -10.31
CA LEU B 168 -25.00 17.29 -9.87
C LEU B 168 -26.18 16.82 -10.63
N ILE B 169 -27.23 17.62 -10.85
CA ILE B 169 -28.38 17.05 -11.53
C ILE B 169 -28.12 16.76 -12.99
N THR B 170 -27.36 17.65 -13.66
CA THR B 170 -27.13 17.49 -15.06
C THR B 170 -26.08 16.44 -15.30
N VAL B 171 -25.07 16.36 -14.43
CA VAL B 171 -24.10 15.30 -14.72
C VAL B 171 -24.70 13.95 -14.33
N PHE B 172 -25.56 13.91 -13.35
CA PHE B 172 -26.19 12.63 -13.12
C PHE B 172 -26.91 12.14 -14.36
N GLY B 173 -27.65 13.07 -14.98
CA GLY B 173 -28.28 12.70 -16.19
C GLY B 173 -27.32 12.34 -17.31
N GLY B 174 -26.24 13.11 -17.45
CA GLY B 174 -25.21 12.84 -18.44
C GLY B 174 -24.53 11.48 -18.20
N PHE B 175 -24.23 11.11 -16.97
CA PHE B 175 -23.67 9.77 -16.76
C PHE B 175 -24.66 8.70 -17.13
N ALA B 176 -25.94 8.89 -16.87
CA ALA B 176 -26.87 7.84 -17.25
C ALA B 176 -26.98 7.73 -18.77
N MET B 177 -26.99 8.85 -19.43
CA MET B 177 -27.03 8.91 -20.85
C MET B 177 -25.85 8.18 -21.46
N LEU B 178 -24.67 8.34 -20.94
CA LEU B 178 -23.55 7.57 -21.44
C LEU B 178 -23.81 6.08 -21.36
N GLY B 179 -24.53 5.60 -20.34
CA GLY B 179 -24.84 4.21 -20.27
C GLY B 179 -25.81 3.82 -21.40
N GLY B 180 -26.81 4.69 -21.68
CA GLY B 180 -27.73 4.61 -22.79
C GLY B 180 -27.05 4.54 -24.14
N PHE B 181 -26.05 5.39 -24.36
CA PHE B 181 -25.33 5.48 -25.62
C PHE B 181 -24.49 4.23 -25.76
N SER B 182 -23.93 3.71 -24.67
CA SER B 182 -23.17 2.44 -24.72
C SER B 182 -24.09 1.28 -25.05
N LEU B 183 -25.39 1.30 -24.66
CA LEU B 183 -26.30 0.22 -25.01
C LEU B 183 -26.64 0.29 -26.50
N LEU B 184 -26.70 1.46 -27.07
CA LEU B 184 -26.96 1.54 -28.49
C LEU B 184 -25.78 0.92 -29.24
N TYR B 185 -24.57 1.18 -28.80
CA TYR B 185 -23.42 0.60 -29.45
C TYR B 185 -23.46 -0.92 -29.36
N VAL B 186 -23.85 -1.45 -28.20
CA VAL B 186 -23.96 -2.87 -28.01
C VAL B 186 -25.03 -3.46 -28.92
N MET B 187 -26.07 -2.68 -29.29
CA MET B 187 -27.08 -3.15 -30.22
C MET B 187 -26.61 -3.05 -31.67
N THR B 188 -25.81 -2.06 -32.03
CA THR B 188 -25.70 -1.70 -33.46
C THR B 188 -24.27 -1.74 -33.92
N GLY B 189 -23.33 -1.66 -33.00
CA GLY B 189 -21.95 -1.62 -33.39
C GLY B 189 -21.42 -0.25 -33.75
N THR B 190 -22.18 0.81 -33.54
CA THR B 190 -21.71 2.10 -33.97
C THR B 190 -22.16 3.16 -32.98
N PHE B 191 -21.33 4.14 -32.78
CA PHE B 191 -21.79 5.32 -32.14
C PHE B 191 -22.27 6.40 -33.15
N SER B 192 -22.19 6.14 -34.41
CA SER B 192 -22.78 7.08 -35.34
C SER B 192 -24.30 7.09 -35.30
N ILE B 193 -24.88 8.25 -35.14
CA ILE B 193 -26.31 8.36 -35.09
C ILE B 193 -26.87 8.00 -36.46
N ARG B 194 -26.33 8.57 -37.55
CA ARG B 194 -26.87 8.23 -38.86
C ARG B 194 -26.79 6.72 -39.09
N GLY B 195 -25.77 6.06 -38.62
CA GLY B 195 -25.68 4.61 -38.73
C GLY B 195 -26.56 3.82 -37.77
N ILE B 196 -26.80 4.26 -36.58
CA ILE B 196 -27.80 3.74 -35.71
C ILE B 196 -29.17 3.87 -36.35
N ILE B 197 -29.54 4.98 -36.97
CA ILE B 197 -30.85 5.09 -37.65
C ILE B 197 -30.94 4.10 -38.82
N GLU B 198 -29.85 3.77 -39.50
CA GLU B 198 -29.92 2.71 -40.51
C GLU B 198 -30.20 1.33 -39.92
N ASN B 199 -29.73 1.09 -38.70
CA ASN B 199 -29.85 -0.20 -38.09
C ASN B 199 -30.93 -0.13 -37.05
N VAL B 200 -31.92 0.73 -37.27
CA VAL B 200 -32.91 0.92 -36.23
C VAL B 200 -33.64 -0.40 -35.91
N ASP B 201 -33.74 -1.37 -36.79
CA ASP B 201 -34.38 -2.64 -36.44
C ASP B 201 -33.61 -3.43 -35.39
N LEU B 202 -32.30 -3.30 -35.40
CA LEU B 202 -31.52 -3.96 -34.37
C LEU B 202 -31.69 -3.26 -33.05
N VAL B 203 -32.34 -2.11 -33.00
CA VAL B 203 -32.58 -1.41 -31.77
C VAL B 203 -33.91 -1.82 -31.22
N THR B 204 -34.92 -1.81 -32.04
CA THR B 204 -36.28 -1.97 -31.58
C THR B 204 -36.58 -3.44 -31.27
N SER B 205 -35.82 -4.37 -31.84
CA SER B 205 -35.89 -5.79 -31.53
C SER B 205 -35.21 -6.21 -30.20
N SER B 206 -34.40 -5.32 -29.64
CA SER B 206 -33.49 -5.68 -28.58
C SER B 206 -34.15 -5.60 -27.19
N GLU B 207 -33.68 -6.45 -26.29
CA GLU B 207 -34.12 -6.46 -24.93
C GLU B 207 -33.58 -5.25 -24.19
N LEU B 208 -32.58 -4.62 -24.81
CA LEU B 208 -31.99 -3.42 -24.25
C LEU B 208 -32.66 -2.18 -24.77
N PHE B 209 -33.77 -2.29 -25.52
CA PHE B 209 -34.43 -1.12 -26.07
C PHE B 209 -34.96 -0.22 -24.96
N LEU B 210 -35.76 -0.71 -24.05
CA LEU B 210 -36.29 0.25 -23.10
C LEU B 210 -35.23 0.74 -22.13
N PRO B 211 -34.39 -0.12 -21.57
CA PRO B 211 -33.36 0.51 -20.75
C PRO B 211 -32.62 1.60 -21.54
N ALA B 212 -32.22 1.38 -22.80
CA ALA B 212 -31.52 2.41 -23.53
C ALA B 212 -32.35 3.66 -23.64
N MET B 213 -33.66 3.58 -23.90
CA MET B 213 -34.51 4.76 -23.95
C MET B 213 -34.55 5.51 -22.62
N ILE B 214 -34.70 4.83 -21.48
CA ILE B 214 -34.81 5.53 -20.24
C ILE B 214 -33.52 6.26 -19.95
N LEU B 215 -32.41 5.60 -20.16
CA LEU B 215 -31.15 6.20 -19.80
C LEU B 215 -30.93 7.42 -20.67
N VAL B 216 -31.19 7.33 -21.95
CA VAL B 216 -31.11 8.49 -22.79
C VAL B 216 -32.05 9.60 -22.30
N LEU B 217 -33.32 9.31 -21.93
CA LEU B 217 -34.20 10.38 -21.52
C LEU B 217 -33.78 10.93 -20.17
N LEU B 218 -33.10 10.16 -19.35
CA LEU B 218 -32.59 10.77 -18.15
C LEU B 218 -31.65 11.89 -18.47
N GLY B 219 -30.81 11.71 -19.48
CA GLY B 219 -29.95 12.82 -19.83
C GLY B 219 -30.76 13.96 -20.43
N ALA B 220 -31.61 13.67 -21.37
CA ALA B 220 -32.39 14.77 -21.94
C ALA B 220 -33.22 15.50 -20.91
N PHE B 221 -33.85 14.83 -19.94
CA PHE B 221 -34.81 15.48 -19.09
C PHE B 221 -34.10 16.24 -17.98
N THR B 222 -32.87 15.89 -17.63
CA THR B 222 -32.11 16.71 -16.69
C THR B 222 -31.66 17.99 -17.37
N LYS B 223 -31.17 17.93 -18.56
CA LYS B 223 -30.60 19.10 -19.16
C LYS B 223 -31.69 20.07 -19.59
N SER B 224 -32.81 19.60 -20.08
CA SER B 224 -33.98 20.39 -20.41
C SER B 224 -34.96 20.64 -19.28
N ALA B 225 -34.56 20.40 -18.05
CA ALA B 225 -35.30 20.66 -16.84
C ALA B 225 -36.76 20.21 -16.89
N GLN B 226 -37.04 19.01 -17.34
CA GLN B 226 -38.33 18.38 -17.14
C GLN B 226 -38.52 17.91 -15.72
N PHE B 227 -39.73 18.02 -15.20
CA PHE B 227 -40.08 17.53 -13.87
C PHE B 227 -39.58 16.11 -13.65
N PRO B 228 -38.99 15.68 -12.52
CA PRO B 228 -38.70 16.50 -11.36
C PRO B 228 -37.29 17.10 -11.30
N PHE B 229 -36.60 17.14 -12.41
CA PHE B 229 -35.23 17.62 -12.42
C PHE B 229 -35.19 19.10 -12.69
N HIS B 230 -36.30 19.78 -12.75
CA HIS B 230 -36.30 21.18 -13.10
C HIS B 230 -35.81 22.04 -11.97
N ILE B 231 -35.63 21.51 -10.74
CA ILE B 231 -35.32 22.37 -9.59
C ILE B 231 -33.99 23.08 -9.75
N TRP B 232 -33.12 22.62 -10.65
CA TRP B 232 -31.84 23.33 -10.77
C TRP B 232 -32.02 24.67 -11.48
N LEU B 233 -32.99 24.78 -12.36
CA LEU B 233 -33.14 25.96 -13.21
C LEU B 233 -33.51 27.20 -12.41
N PRO B 234 -34.48 27.20 -11.49
CA PRO B 234 -34.67 28.40 -10.68
C PRO B 234 -33.44 28.80 -9.87
N ASP B 235 -32.60 27.87 -9.45
CA ASP B 235 -31.45 28.22 -8.61
C ASP B 235 -30.25 28.68 -9.45
N ALA B 236 -30.24 28.46 -10.74
CA ALA B 236 -29.28 28.99 -11.68
C ALA B 236 -29.43 30.50 -11.93
N MET B 237 -30.45 31.16 -11.40
CA MET B 237 -30.70 32.57 -11.67
C MET B 237 -29.70 33.52 -10.93
N GLU B 238 -28.90 32.97 -10.03
CA GLU B 238 -27.77 33.67 -9.41
C GLU B 238 -26.73 34.13 -10.43
N ALA B 239 -26.73 33.54 -11.59
CA ALA B 239 -25.87 33.97 -12.67
C ALA B 239 -26.11 35.43 -13.02
N PRO B 240 -25.12 36.08 -13.66
CA PRO B 240 -25.37 37.36 -14.31
C PRO B 240 -26.41 37.16 -15.41
N THR B 241 -27.22 38.15 -15.54
CA THR B 241 -28.34 38.02 -16.42
C THR B 241 -28.02 37.66 -17.88
N PRO B 242 -26.99 38.18 -18.54
CA PRO B 242 -26.74 37.69 -19.90
C PRO B 242 -26.74 36.16 -20.03
N VAL B 243 -26.19 35.44 -19.05
CA VAL B 243 -26.15 33.99 -18.95
C VAL B 243 -27.56 33.42 -18.85
N SER B 244 -28.39 33.90 -17.94
CA SER B 244 -29.77 33.47 -17.94
C SER B 244 -30.43 33.65 -19.29
N ALA B 245 -30.22 34.78 -19.94
CA ALA B 245 -30.80 34.96 -21.25
C ALA B 245 -30.29 33.90 -22.20
N TYR B 246 -28.98 33.59 -22.10
N TYR B 246 -28.98 33.68 -22.26
CA TYR B 246 -28.40 32.58 -22.97
CA TYR B 246 -28.46 32.87 -23.33
C TYR B 246 -28.82 31.18 -22.49
C TYR B 246 -28.65 31.38 -23.02
N LEU B 247 -28.85 30.94 -21.17
N LEU B 247 -28.13 30.88 -21.87
CA LEU B 247 -29.18 29.63 -20.61
CA LEU B 247 -27.89 29.46 -21.57
C LEU B 247 -30.58 29.22 -21.05
C LEU B 247 -29.16 28.81 -21.10
N HIS B 248 -31.54 30.16 -21.08
N HIS B 248 -29.84 29.50 -20.20
CA HIS B 248 -32.93 29.78 -21.30
CA HIS B 248 -30.81 28.88 -19.30
C HIS B 248 -33.37 30.00 -22.75
C HIS B 248 -32.23 29.23 -19.78
N SER B 249 -32.84 31.04 -23.40
N SER B 249 -32.35 29.93 -20.90
CA SER B 249 -33.33 31.40 -24.72
CA SER B 249 -33.64 30.22 -21.44
C SER B 249 -33.07 30.24 -25.72
C SER B 249 -33.70 29.88 -22.93
N ALA B 250 -31.84 29.73 -25.84
N ALA B 250 -32.62 30.12 -23.68
CA ALA B 250 -31.60 28.80 -26.92
CA ALA B 250 -32.68 30.01 -25.14
C ALA B 250 -30.47 27.78 -26.69
C ALA B 250 -31.86 28.89 -25.74
N THR B 251 -29.82 27.76 -25.53
N THR B 251 -30.73 28.46 -25.14
CA THR B 251 -28.65 26.89 -25.38
CA THR B 251 -29.90 27.45 -25.78
C THR B 251 -28.94 25.65 -24.54
C THR B 251 -29.69 26.16 -24.96
N MET B 252 -28.43 25.61 -23.32
N MET B 252 -28.95 26.17 -23.84
CA MET B 252 -28.38 24.39 -22.54
CA MET B 252 -28.57 24.93 -23.19
C MET B 252 -29.79 23.82 -22.36
C MET B 252 -29.78 24.09 -22.68
N VAL B 253 -30.80 24.65 -22.03
CA VAL B 253 -32.08 24.02 -21.70
C VAL B 253 -32.83 23.46 -22.94
N LYS B 254 -32.39 23.76 -24.13
CA LYS B 254 -32.97 23.22 -25.34
C LYS B 254 -32.10 22.11 -25.90
N ALA B 255 -31.01 21.72 -25.23
CA ALA B 255 -30.16 20.60 -25.61
C ALA B 255 -30.89 19.25 -25.44
N GLY B 256 -31.71 19.11 -24.41
CA GLY B 256 -32.50 17.90 -24.25
C GLY B 256 -33.60 17.82 -25.30
N ILE B 257 -34.21 18.95 -25.64
CA ILE B 257 -35.19 18.97 -26.69
C ILE B 257 -34.44 18.60 -27.95
N TYR B 258 -33.22 19.13 -28.19
CA TYR B 258 -32.48 18.76 -29.41
C TYR B 258 -32.23 17.26 -29.41
N LEU B 259 -31.75 16.67 -28.34
CA LEU B 259 -31.43 15.27 -28.34
C LEU B 259 -32.62 14.40 -28.58
N VAL B 260 -33.76 14.72 -27.96
CA VAL B 260 -34.97 13.94 -28.18
C VAL B 260 -35.40 14.06 -29.66
N ALA B 261 -35.31 15.28 -30.25
CA ALA B 261 -35.71 15.44 -31.66
C ALA B 261 -34.73 14.67 -32.50
N ARG B 262 -33.43 14.73 -32.18
CA ARG B 262 -32.48 13.98 -32.96
C ARG B 262 -32.73 12.47 -32.92
N LEU B 263 -32.97 11.87 -31.76
CA LEU B 263 -33.16 10.39 -31.61
C LEU B 263 -34.61 9.93 -31.72
N THR B 264 -35.56 10.76 -32.15
CA THR B 264 -36.93 10.36 -32.49
C THR B 264 -36.92 9.27 -33.55
N PRO B 265 -36.14 9.36 -34.63
CA PRO B 265 -35.96 8.23 -35.51
C PRO B 265 -35.34 6.94 -34.97
N VAL B 266 -34.85 6.84 -33.74
CA VAL B 266 -34.41 5.58 -33.17
C VAL B 266 -35.49 5.01 -32.26
N PHE B 267 -36.12 5.88 -31.46
CA PHE B 267 -36.92 5.47 -30.32
C PHE B 267 -38.40 5.61 -30.54
N ALA B 268 -38.82 6.55 -31.35
CA ALA B 268 -40.23 6.83 -31.51
C ALA B 268 -40.90 5.65 -32.18
N GLY B 269 -42.22 5.58 -32.02
CA GLY B 269 -43.07 4.59 -32.63
C GLY B 269 -43.66 3.62 -31.61
N SER B 270 -43.41 3.89 -30.34
CA SER B 270 -43.74 2.99 -29.25
C SER B 270 -44.54 3.72 -28.19
N ALA B 271 -45.30 2.99 -27.38
CA ALA B 271 -46.10 3.57 -26.33
C ALA B 271 -45.21 4.20 -25.27
N GLU B 272 -44.05 3.63 -25.00
CA GLU B 272 -43.25 4.15 -23.91
C GLU B 272 -42.61 5.48 -24.29
N TRP B 273 -42.21 5.68 -25.56
CA TRP B 273 -41.62 6.93 -25.94
C TRP B 273 -42.71 8.01 -25.92
N PHE B 274 -43.83 7.65 -26.51
CA PHE B 274 -44.99 8.51 -26.55
C PHE B 274 -45.29 8.96 -25.14
N TRP B 275 -45.37 8.04 -24.17
CA TRP B 275 -45.86 8.44 -22.85
C TRP B 275 -44.80 9.09 -21.98
N LEU B 276 -43.53 8.71 -22.14
CA LEU B 276 -42.52 9.35 -21.34
C LEU B 276 -42.40 10.82 -21.78
N LEU B 277 -42.45 11.09 -23.09
CA LEU B 277 -42.36 12.46 -23.57
C LEU B 277 -43.64 13.22 -23.31
N THR B 278 -44.80 12.64 -23.63
CA THR B 278 -46.05 13.34 -23.45
C THR B 278 -46.44 13.52 -21.99
N GLY B 279 -46.21 12.54 -21.13
CA GLY B 279 -46.52 12.72 -19.74
C GLY B 279 -45.55 13.61 -19.00
N PHE B 280 -44.27 13.32 -19.07
CA PHE B 280 -43.34 14.23 -18.43
C PHE B 280 -43.47 15.64 -19.01
N GLY B 281 -43.72 15.74 -20.29
CA GLY B 281 -43.98 17.02 -20.86
C GLY B 281 -45.16 17.72 -20.16
N VAL B 282 -46.33 17.13 -20.17
CA VAL B 282 -47.53 17.74 -19.60
C VAL B 282 -47.40 18.00 -18.09
N VAL B 283 -46.77 17.18 -17.31
CA VAL B 283 -46.61 17.54 -15.94
C VAL B 283 -45.68 18.75 -15.82
N THR B 284 -44.57 18.79 -16.55
CA THR B 284 -43.66 19.89 -16.48
C THR B 284 -44.36 21.19 -16.90
N LEU B 285 -45.07 21.17 -18.00
CA LEU B 285 -45.95 22.27 -18.43
C LEU B 285 -46.80 22.75 -17.27
N LEU B 286 -47.52 21.83 -16.61
CA LEU B 286 -48.41 22.25 -15.52
C LEU B 286 -47.70 22.67 -14.23
N TRP B 287 -46.76 21.88 -13.76
CA TRP B 287 -45.96 22.27 -12.62
C TRP B 287 -45.26 23.59 -12.79
N GLY B 288 -44.57 23.85 -13.91
CA GLY B 288 -43.87 25.13 -14.05
C GLY B 288 -44.80 26.31 -14.17
N SER B 289 -45.91 26.25 -14.90
CA SER B 289 -46.86 27.35 -14.96
C SER B 289 -47.46 27.67 -13.60
N THR B 290 -47.82 26.69 -12.80
CA THR B 290 -48.33 26.90 -11.45
C THR B 290 -47.28 27.48 -10.54
N SER B 291 -46.05 26.95 -10.60
CA SER B 291 -45.06 27.51 -9.71
C SER B 291 -44.73 28.97 -10.01
N ALA B 292 -44.68 29.34 -11.31
CA ALA B 292 -44.33 30.67 -11.75
C ALA B 292 -45.29 31.64 -11.14
N VAL B 293 -46.62 31.32 -11.13
CA VAL B 293 -47.63 32.20 -10.55
C VAL B 293 -47.27 32.65 -9.12
N ARG B 294 -46.56 31.87 -8.32
CA ARG B 294 -46.26 32.32 -6.95
C ARG B 294 -44.89 32.91 -6.77
N GLN B 295 -44.15 33.10 -7.85
CA GLN B 295 -42.82 33.66 -7.73
C GLN B 295 -42.99 35.16 -7.60
N LYS B 296 -42.06 35.82 -6.89
CA LYS B 296 -42.13 37.24 -6.64
C LYS B 296 -40.88 37.95 -7.13
N ASP B 297 -39.89 37.27 -7.67
CA ASP B 297 -38.80 37.91 -8.41
C ASP B 297 -39.00 37.62 -9.89
N LEU B 298 -38.92 38.64 -10.71
CA LEU B 298 -38.94 38.56 -12.15
C LEU B 298 -38.21 37.33 -12.71
N LYS B 299 -36.96 37.07 -12.30
CA LYS B 299 -36.21 35.95 -12.79
C LYS B 299 -36.76 34.61 -12.26
N GLY B 300 -37.32 34.63 -11.06
CA GLY B 300 -38.05 33.49 -10.59
C GLY B 300 -39.20 33.17 -11.49
N ILE B 301 -39.97 34.15 -11.88
CA ILE B 301 -41.11 33.88 -12.72
C ILE B 301 -40.64 33.40 -14.07
N LEU B 302 -39.62 34.05 -14.63
CA LEU B 302 -39.12 33.65 -15.91
C LEU B 302 -38.41 32.29 -15.91
N ALA B 303 -37.80 31.89 -14.83
CA ALA B 303 -37.22 30.57 -14.77
C ALA B 303 -38.29 29.51 -14.76
N PHE B 304 -39.36 29.71 -13.96
CA PHE B 304 -40.40 28.72 -13.95
C PHE B 304 -41.16 28.74 -15.26
N SER B 305 -41.39 29.90 -15.82
CA SER B 305 -41.88 30.00 -17.18
C SER B 305 -41.11 29.13 -18.17
N THR B 306 -39.80 29.24 -18.25
CA THR B 306 -38.99 28.46 -19.16
C THR B 306 -39.19 26.99 -18.88
N VAL B 307 -39.17 26.56 -17.61
CA VAL B 307 -39.53 25.17 -17.32
C VAL B 307 -40.86 24.79 -17.97
N SER B 308 -41.88 25.54 -17.69
CA SER B 308 -43.17 25.30 -18.28
C SER B 308 -43.10 25.17 -19.79
N GLN B 309 -42.52 26.15 -20.46
CA GLN B 309 -42.52 26.12 -21.92
C GLN B 309 -41.64 24.98 -22.46
N LEU B 310 -40.52 24.62 -21.81
CA LEU B 310 -39.87 23.43 -22.26
C LEU B 310 -40.76 22.22 -22.18
N GLY B 311 -41.59 22.06 -21.15
CA GLY B 311 -42.57 20.98 -21.05
C GLY B 311 -43.58 21.03 -22.16
N LEU B 312 -43.94 22.22 -22.62
CA LEU B 312 -44.82 22.31 -23.78
C LEU B 312 -44.14 21.77 -25.04
N ILE B 313 -42.88 22.17 -25.31
CA ILE B 313 -42.18 21.63 -26.46
C ILE B 313 -41.99 20.13 -26.31
N MET B 314 -41.60 19.61 -25.12
CA MET B 314 -41.43 18.14 -24.96
C MET B 314 -42.74 17.37 -25.22
N THR B 315 -43.91 17.86 -24.91
CA THR B 315 -45.19 17.26 -25.16
C THR B 315 -45.47 17.19 -26.65
N LEU B 316 -45.15 18.24 -27.39
CA LEU B 316 -45.35 18.18 -28.82
C LEU B 316 -44.41 17.15 -29.41
N LEU B 317 -43.16 17.01 -28.98
CA LEU B 317 -42.34 15.98 -29.57
C LEU B 317 -42.93 14.62 -29.30
N GLY B 318 -43.41 14.42 -28.11
CA GLY B 318 -44.13 13.23 -27.70
C GLY B 318 -45.38 12.96 -28.53
N LEU B 319 -46.23 13.94 -28.80
CA LEU B 319 -47.41 13.77 -29.64
C LEU B 319 -46.99 13.51 -31.04
N GLY B 320 -45.88 14.11 -31.42
CA GLY B 320 -45.49 14.01 -32.81
C GLY B 320 -44.95 12.62 -33.09
N SER B 321 -44.40 11.95 -32.09
CA SER B 321 -43.87 10.60 -32.31
C SER B 321 -44.95 9.67 -32.82
N ALA B 322 -46.26 10.00 -32.72
CA ALA B 322 -47.29 9.11 -33.22
C ALA B 322 -47.30 9.08 -34.76
N ALA B 323 -46.63 9.99 -35.39
CA ALA B 323 -46.57 9.94 -36.83
C ALA B 323 -45.86 8.64 -37.23
N ILE B 324 -44.88 8.24 -36.46
CA ILE B 324 -44.07 7.08 -36.76
C ILE B 324 -44.86 5.79 -36.51
N TYR B 325 -45.72 5.79 -35.53
CA TYR B 325 -46.51 4.62 -35.21
C TYR B 325 -47.46 4.35 -36.34
N PHE B 326 -48.14 5.38 -36.79
CA PHE B 326 -49.11 5.21 -37.86
C PHE B 326 -48.40 5.10 -39.21
N GLY B 327 -47.18 5.56 -39.37
CA GLY B 327 -46.64 5.70 -40.73
C GLY B 327 -47.66 6.21 -41.77
N ASP B 328 -47.90 5.41 -42.84
CA ASP B 328 -48.73 5.82 -43.98
C ASP B 328 -50.11 5.16 -43.93
N SER B 329 -50.54 4.72 -42.74
CA SER B 329 -51.95 4.43 -42.55
C SER B 329 -52.75 5.73 -42.37
N VAL B 330 -52.04 6.85 -42.19
CA VAL B 330 -52.63 8.18 -42.00
C VAL B 330 -51.92 9.15 -42.95
N ASP B 331 -52.58 10.28 -43.27
CA ASP B 331 -51.92 11.32 -44.06
C ASP B 331 -50.71 11.81 -43.29
N PRO B 332 -49.49 11.88 -43.87
CA PRO B 332 -48.33 12.32 -43.11
C PRO B 332 -48.50 13.68 -42.43
N ALA B 333 -49.24 14.60 -43.05
CA ALA B 333 -49.52 15.93 -42.49
C ALA B 333 -50.06 15.95 -41.05
N PHE B 334 -50.77 14.90 -40.64
CA PHE B 334 -51.80 14.94 -39.64
C PHE B 334 -51.18 15.01 -38.24
N TYR B 335 -50.40 13.98 -37.91
CA TYR B 335 -49.62 13.92 -36.70
C TYR B 335 -48.22 14.53 -36.92
N SER B 336 -47.74 14.75 -38.14
CA SER B 336 -46.51 15.51 -38.25
C SER B 336 -46.73 16.98 -37.82
N PHE B 337 -47.96 17.43 -37.81
CA PHE B 337 -48.26 18.77 -37.35
C PHE B 337 -47.68 19.07 -35.95
N ALA B 338 -47.76 18.15 -35.03
CA ALA B 338 -47.22 18.42 -33.74
C ALA B 338 -45.69 18.70 -33.80
N ILE B 339 -44.94 18.05 -34.65
CA ILE B 339 -43.52 18.27 -34.81
C ILE B 339 -43.25 19.63 -35.43
N MET B 340 -44.06 20.08 -36.36
CA MET B 340 -43.96 21.46 -36.86
C MET B 340 -44.26 22.50 -35.77
N ALA B 341 -45.21 22.25 -34.89
CA ALA B 341 -45.50 23.17 -33.80
C ALA B 341 -44.37 23.22 -32.79
N ALA B 342 -43.77 22.10 -32.47
CA ALA B 342 -42.65 22.04 -31.58
C ALA B 342 -41.52 22.87 -32.14
N ILE B 343 -41.19 22.71 -33.43
CA ILE B 343 -40.08 23.50 -33.97
C ILE B 343 -40.40 24.99 -33.98
N PHE B 344 -41.58 25.35 -34.45
CA PHE B 344 -42.01 26.73 -34.40
C PHE B 344 -42.01 27.25 -32.96
N HIS B 345 -42.53 26.53 -31.99
CA HIS B 345 -42.56 27.08 -30.62
C HIS B 345 -41.16 27.22 -30.07
N LEU B 346 -40.25 26.28 -30.30
N LEU B 346 -40.23 26.28 -30.34
CA LEU B 346 -38.88 26.47 -29.84
CA LEU B 346 -38.85 26.47 -29.93
C LEU B 346 -38.26 27.80 -30.35
C LEU B 346 -38.30 27.83 -30.34
N ILE B 347 -38.42 28.15 -31.63
CA ILE B 347 -37.95 29.40 -32.15
C ILE B 347 -38.61 30.59 -31.49
N ASN B 348 -39.94 30.61 -31.45
CA ASN B 348 -40.63 31.67 -30.77
C ASN B 348 -40.15 31.86 -29.35
N HIS B 349 -40.08 30.78 -28.64
CA HIS B 349 -39.72 30.82 -27.28
C HIS B 349 -38.37 31.49 -27.17
N ALA B 350 -37.37 31.08 -27.92
CA ALA B 350 -36.06 31.73 -27.85
C ALA B 350 -36.19 33.24 -28.07
N THR B 351 -37.07 33.73 -28.91
CA THR B 351 -37.19 35.17 -29.07
C THR B 351 -37.88 35.86 -27.90
N PHE B 352 -39.07 35.45 -27.45
CA PHE B 352 -39.67 36.19 -26.35
C PHE B 352 -38.95 35.92 -25.04
N LYS B 353 -38.44 34.74 -24.78
CA LYS B 353 -37.84 34.59 -23.46
C LYS B 353 -36.49 35.23 -23.40
N GLY B 354 -35.73 35.24 -24.49
CA GLY B 354 -34.43 35.91 -24.43
C GLY B 354 -34.61 37.39 -24.21
N SER B 355 -35.62 37.98 -24.86
CA SER B 355 -35.92 39.38 -24.70
C SER B 355 -36.37 39.67 -23.26
N LEU B 356 -37.21 38.81 -22.63
CA LEU B 356 -37.70 39.08 -21.27
C LEU B 356 -36.63 38.92 -20.21
N PHE B 357 -35.66 38.02 -20.39
CA PHE B 357 -34.54 38.05 -19.47
C PHE B 357 -33.71 39.31 -19.63
N MET B 358 -33.64 39.84 -20.83
CA MET B 358 -32.82 41.02 -21.05
C MET B 358 -33.48 42.24 -20.42
N THR B 359 -34.81 42.36 -20.43
CA THR B 359 -35.52 43.48 -19.83
C THR B 359 -35.57 43.31 -18.31
N ALA B 360 -35.60 42.09 -17.83
CA ALA B 360 -35.58 41.89 -16.39
C ALA B 360 -34.21 42.36 -15.91
N GLY B 361 -33.24 42.19 -16.76
CA GLY B 361 -31.90 42.55 -16.39
C GLY B 361 -31.75 44.05 -16.38
N ILE B 362 -32.40 44.72 -17.29
CA ILE B 362 -32.34 46.18 -17.32
C ILE B 362 -33.07 46.72 -16.12
N ILE B 363 -34.15 46.05 -15.70
CA ILE B 363 -34.94 46.58 -14.61
C ILE B 363 -34.16 46.46 -13.32
N ASP B 364 -33.47 45.35 -13.15
CA ASP B 364 -32.60 45.18 -12.02
C ASP B 364 -31.50 46.21 -12.08
N HIS B 365 -30.92 46.44 -13.26
CA HIS B 365 -29.75 47.30 -13.40
C HIS B 365 -30.07 48.77 -13.12
N GLU B 366 -31.23 49.21 -13.45
CA GLU B 366 -31.67 50.57 -13.28
C GLU B 366 -32.64 50.83 -12.14
N THR B 367 -32.98 49.87 -11.26
CA THR B 367 -33.81 50.09 -10.07
C THR B 367 -33.19 49.40 -8.86
N GLY B 368 -32.27 48.49 -9.13
CA GLY B 368 -31.65 47.72 -8.07
C GLY B 368 -32.52 46.58 -7.55
N THR B 369 -33.70 46.39 -8.11
CA THR B 369 -34.58 45.32 -7.65
C THR B 369 -35.20 44.52 -8.81
N ARG B 370 -35.59 43.27 -8.54
CA ARG B 370 -36.35 42.43 -9.45
C ARG B 370 -37.57 41.89 -8.71
N ASP B 371 -37.99 42.55 -7.64
CA ASP B 371 -39.03 42.07 -6.76
C ASP B 371 -40.34 42.70 -7.19
N ILE B 372 -41.30 41.91 -7.68
CA ILE B 372 -42.56 42.46 -8.14
C ILE B 372 -43.33 43.19 -7.03
N ARG B 373 -42.98 42.99 -5.76
CA ARG B 373 -43.60 43.73 -4.65
C ARG B 373 -43.06 45.16 -4.55
N LYS B 374 -41.81 45.40 -4.97
CA LYS B 374 -41.21 46.72 -4.95
C LYS B 374 -41.25 47.39 -6.29
N LEU B 375 -41.64 46.76 -7.40
CA LEU B 375 -41.65 47.50 -8.66
C LEU B 375 -43.03 48.12 -8.79
N GLY B 376 -43.28 48.86 -9.85
CA GLY B 376 -44.57 49.48 -10.12
C GLY B 376 -44.36 50.80 -10.86
N GLY B 377 -45.14 51.06 -11.91
CA GLY B 377 -45.21 52.40 -12.47
C GLY B 377 -44.13 52.75 -13.47
N LEU B 378 -43.39 51.78 -13.92
CA LEU B 378 -42.23 52.05 -14.71
C LEU B 378 -42.60 52.21 -16.17
N MET B 379 -43.87 52.09 -16.58
CA MET B 379 -44.24 52.32 -17.98
C MET B 379 -43.71 53.66 -18.55
N ALA B 380 -43.93 54.76 -17.83
CA ALA B 380 -43.57 56.11 -18.25
C ALA B 380 -42.08 56.44 -18.07
N ILE B 381 -41.43 55.73 -17.14
CA ILE B 381 -40.03 55.93 -16.77
C ILE B 381 -39.12 55.17 -17.72
N MET B 382 -39.58 54.01 -18.19
CA MET B 382 -38.75 53.09 -18.93
C MET B 382 -39.56 52.61 -20.10
N PRO B 383 -39.86 53.50 -21.03
CA PRO B 383 -40.74 53.15 -22.15
C PRO B 383 -40.24 52.16 -23.22
N VAL B 384 -38.95 52.05 -23.50
CA VAL B 384 -38.53 51.04 -24.48
C VAL B 384 -38.59 49.65 -23.82
N THR B 385 -38.12 49.56 -22.57
CA THR B 385 -38.15 48.34 -21.76
C THR B 385 -39.60 47.92 -21.57
N PHE B 386 -40.47 48.90 -21.39
CA PHE B 386 -41.87 48.62 -21.24
C PHE B 386 -42.43 48.00 -22.52
N THR B 387 -42.06 48.51 -23.67
CA THR B 387 -42.61 48.07 -24.91
C THR B 387 -42.13 46.65 -25.28
N VAL B 388 -40.82 46.41 -25.22
CA VAL B 388 -40.28 45.10 -25.48
C VAL B 388 -40.93 44.13 -24.48
N SER B 389 -41.01 44.50 -23.20
CA SER B 389 -41.59 43.62 -22.20
C SER B 389 -43.03 43.31 -22.55
N LEU B 390 -43.78 44.30 -23.01
CA LEU B 390 -45.18 44.10 -23.35
C LEU B 390 -45.34 43.05 -24.43
N ILE B 391 -44.60 43.22 -25.51
CA ILE B 391 -44.56 42.35 -26.65
C ILE B 391 -44.15 40.95 -26.21
N GLY B 392 -43.07 40.78 -25.46
CA GLY B 392 -42.69 39.45 -25.03
C GLY B 392 -43.76 38.74 -24.19
N LEU B 393 -44.36 39.42 -23.25
CA LEU B 393 -45.33 38.85 -22.31
C LEU B 393 -46.60 38.58 -23.04
N ALA B 394 -47.00 39.43 -24.00
CA ALA B 394 -48.18 39.13 -24.80
C ALA B 394 -47.98 37.89 -25.70
N SER B 395 -46.83 37.79 -26.35
CA SER B 395 -46.47 36.60 -27.10
C SER B 395 -46.40 35.36 -26.20
N MET B 396 -45.80 35.49 -25.03
CA MET B 396 -45.68 34.33 -24.17
C MET B 396 -47.07 33.86 -23.72
N ALA B 397 -47.97 34.79 -23.38
CA ALA B 397 -49.36 34.49 -23.05
C ALA B 397 -50.17 33.98 -24.25
N GLY B 398 -49.63 34.00 -25.46
CA GLY B 398 -50.31 33.60 -26.69
C GLY B 398 -51.39 34.61 -27.08
N LEU B 399 -51.32 35.90 -26.65
CA LEU B 399 -52.20 36.94 -27.25
C LEU B 399 -51.80 37.30 -28.68
N PRO B 400 -52.72 37.44 -29.66
CA PRO B 400 -52.36 37.87 -31.03
C PRO B 400 -52.03 39.35 -31.03
N PRO B 401 -51.34 39.90 -32.04
CA PRO B 401 -50.89 39.17 -33.22
C PRO B 401 -49.44 38.70 -33.17
N PHE B 402 -48.96 38.16 -32.05
CA PHE B 402 -47.53 37.93 -31.91
C PHE B 402 -47.19 36.48 -32.25
N ASN B 403 -45.87 36.19 -32.29
CA ASN B 403 -45.44 34.86 -32.69
C ASN B 403 -46.02 33.77 -31.75
N GLY B 404 -46.18 34.09 -30.45
CA GLY B 404 -46.60 33.10 -29.48
C GLY B 404 -48.06 32.71 -29.58
N PHE B 405 -48.88 33.54 -30.20
CA PHE B 405 -50.29 33.17 -30.46
C PHE B 405 -50.38 32.05 -31.46
N LEU B 406 -49.62 32.14 -32.55
CA LEU B 406 -49.63 31.13 -33.59
C LEU B 406 -49.19 29.80 -33.04
N SER B 407 -48.11 29.82 -32.27
CA SER B 407 -47.56 28.57 -31.79
C SER B 407 -48.50 27.95 -30.74
N LYS B 408 -49.12 28.77 -29.87
N LYS B 408 -49.39 28.74 -30.16
CA LYS B 408 -50.05 28.27 -28.86
CA LYS B 408 -50.34 28.21 -29.19
C LYS B 408 -51.32 27.72 -29.51
C LYS B 408 -51.59 27.67 -29.87
N GLU B 409 -51.77 28.31 -30.61
N GLU B 409 -52.03 28.30 -30.97
CA GLU B 409 -52.88 27.76 -31.38
CA GLU B 409 -53.11 27.74 -31.75
C GLU B 409 -52.51 26.45 -32.09
C GLU B 409 -52.62 26.39 -32.25
N MET B 410 -51.31 26.29 -32.57
CA MET B 410 -50.81 25.03 -33.12
C MET B 410 -50.69 23.96 -32.03
N PHE B 411 -50.39 24.36 -30.82
CA PHE B 411 -50.35 23.44 -29.71
C PHE B 411 -51.75 22.87 -29.42
N PHE B 412 -52.76 23.72 -29.31
CA PHE B 412 -54.13 23.30 -29.05
C PHE B 412 -54.64 22.47 -30.21
N THR B 413 -54.32 22.82 -31.45
CA THR B 413 -54.57 21.89 -32.53
C THR B 413 -53.92 20.51 -32.33
N ALA B 414 -52.62 20.46 -32.05
CA ALA B 414 -52.00 19.17 -31.96
C ALA B 414 -52.67 18.31 -30.90
N LEU B 415 -52.95 18.90 -29.75
CA LEU B 415 -53.54 18.21 -28.62
C LEU B 415 -54.89 17.61 -29.05
N LEU B 416 -55.73 18.38 -29.76
CA LEU B 416 -57.06 17.87 -30.10
C LEU B 416 -56.93 16.73 -31.13
N ARG B 417 -56.00 16.77 -32.08
CA ARG B 417 -55.75 15.63 -32.93
C ARG B 417 -55.34 14.36 -32.15
N ALA B 418 -54.60 14.51 -31.08
CA ALA B 418 -54.07 13.38 -30.36
C ALA B 418 -55.23 12.66 -29.68
N THR B 419 -56.31 13.38 -29.31
CA THR B 419 -57.50 12.77 -28.69
C THR B 419 -58.22 11.82 -29.65
N GLU B 420 -58.11 12.10 -30.96
CA GLU B 420 -58.54 11.22 -32.03
C GLU B 420 -57.67 9.97 -32.26
N MET B 421 -56.67 9.67 -31.44
CA MET B 421 -55.65 8.71 -31.87
C MET B 421 -56.15 7.26 -31.73
N ASN B 422 -56.91 6.92 -30.68
CA ASN B 422 -57.42 5.55 -30.51
C ASN B 422 -56.27 4.53 -30.67
N THR B 423 -55.23 4.78 -29.88
CA THR B 423 -54.07 3.96 -29.60
C THR B 423 -53.39 4.57 -28.38
N PHE B 424 -52.54 3.80 -27.73
CA PHE B 424 -51.70 4.29 -26.66
C PHE B 424 -52.55 4.69 -25.46
N ASN B 425 -53.81 4.27 -25.42
CA ASN B 425 -54.71 4.55 -24.30
C ASN B 425 -55.19 5.97 -24.34
N MET B 426 -55.15 6.60 -25.52
CA MET B 426 -55.56 7.98 -25.62
C MET B 426 -57.07 8.10 -25.67
N GLU B 427 -57.79 6.99 -25.80
CA GLU B 427 -59.25 6.99 -25.74
C GLU B 427 -59.71 7.43 -24.33
N THR B 428 -58.90 7.12 -23.34
CA THR B 428 -59.07 7.35 -21.91
C THR B 428 -58.41 8.65 -21.49
N PHE B 429 -57.11 8.81 -21.85
CA PHE B 429 -56.27 9.87 -21.35
C PHE B 429 -56.17 11.06 -22.30
N GLY B 430 -56.58 10.97 -23.56
CA GLY B 430 -56.56 12.17 -24.38
C GLY B 430 -57.14 13.42 -23.70
N ILE B 431 -58.30 13.38 -23.03
CA ILE B 431 -58.90 14.62 -22.52
C ILE B 431 -58.16 15.09 -21.25
N ILE B 432 -57.63 14.18 -20.49
CA ILE B 432 -56.84 14.64 -19.39
C ILE B 432 -55.68 15.49 -19.93
N ILE B 433 -54.94 15.03 -20.93
CA ILE B 433 -53.89 15.85 -21.50
C ILE B 433 -54.45 17.23 -21.89
N VAL B 434 -55.57 17.28 -22.62
CA VAL B 434 -56.11 18.49 -23.19
C VAL B 434 -56.50 19.40 -22.06
N VAL B 435 -57.11 18.88 -21.01
CA VAL B 435 -57.54 19.72 -19.88
C VAL B 435 -56.35 20.26 -19.08
N LEU B 436 -55.39 19.38 -18.75
CA LEU B 436 -54.20 19.82 -18.04
C LEU B 436 -53.40 20.88 -18.82
N ALA B 437 -53.35 20.75 -20.14
CA ALA B 437 -52.67 21.69 -20.97
C ALA B 437 -53.42 23.00 -20.96
N TRP B 438 -54.75 22.93 -21.20
CA TRP B 438 -55.57 24.12 -21.04
C TRP B 438 -55.37 24.80 -19.69
N ILE B 439 -55.36 24.10 -18.55
CA ILE B 439 -55.18 24.78 -17.26
C ILE B 439 -53.84 25.47 -17.20
N ALA B 440 -52.77 24.77 -17.65
CA ALA B 440 -51.44 25.35 -17.75
C ALA B 440 -51.44 26.61 -18.64
N SER B 441 -52.20 26.65 -19.73
CA SER B 441 -52.29 27.88 -20.52
C SER B 441 -52.95 29.01 -19.76
N VAL B 442 -53.86 28.72 -18.85
CA VAL B 442 -54.50 29.74 -18.03
C VAL B 442 -53.49 30.24 -17.02
N PHE B 443 -52.74 29.35 -16.40
CA PHE B 443 -51.74 29.85 -15.49
C PHE B 443 -50.62 30.62 -16.21
N THR B 444 -50.23 30.24 -17.40
CA THR B 444 -49.25 31.00 -18.16
C THR B 444 -49.71 32.43 -18.37
N PHE B 445 -50.94 32.60 -18.85
CA PHE B 445 -51.53 33.89 -19.03
C PHE B 445 -51.55 34.65 -17.73
N LEU B 446 -51.96 34.02 -16.66
CA LEU B 446 -51.96 34.71 -15.38
C LEU B 446 -50.56 35.09 -14.95
N TYR B 447 -49.49 34.26 -15.10
CA TYR B 447 -48.19 34.76 -14.59
C TYR B 447 -47.65 35.90 -15.48
N CYS B 448 -48.06 35.98 -16.73
CA CYS B 448 -47.71 37.08 -17.61
C CYS B 448 -48.47 38.33 -17.22
N LEU B 449 -49.73 38.25 -16.81
CA LEU B 449 -50.42 39.44 -16.33
C LEU B 449 -49.79 39.94 -15.03
N ILE B 450 -49.45 39.05 -14.12
CA ILE B 450 -48.84 39.48 -12.88
C ILE B 450 -47.54 40.19 -13.17
N MET B 451 -46.71 39.64 -14.03
CA MET B 451 -45.44 40.28 -14.27
C MET B 451 -45.66 41.64 -14.95
N PHE B 452 -46.53 41.70 -15.94
CA PHE B 452 -46.83 42.96 -16.57
C PHE B 452 -47.48 44.01 -15.63
N PHE B 453 -48.57 43.73 -14.93
CA PHE B 453 -49.25 44.76 -14.15
C PHE B 453 -48.44 45.18 -12.92
N LYS B 454 -47.85 44.22 -12.22
CA LYS B 454 -47.12 44.60 -11.04
C LYS B 454 -45.85 45.39 -11.39
N THR B 455 -45.27 45.16 -12.55
CA THR B 455 -44.01 45.81 -12.83
C THR B 455 -44.28 47.17 -13.40
N PHE B 456 -45.22 47.30 -14.33
CA PHE B 456 -45.23 48.47 -15.16
C PHE B 456 -46.44 49.35 -14.89
N THR B 457 -47.41 48.92 -14.11
CA THR B 457 -48.61 49.73 -13.93
C THR B 457 -48.68 50.13 -12.46
N GLY B 458 -49.67 50.98 -12.17
CA GLY B 458 -49.73 51.66 -10.89
C GLY B 458 -48.95 52.97 -10.95
N LYS B 459 -48.57 53.44 -9.76
CA LYS B 459 -47.89 54.72 -9.63
C LYS B 459 -46.41 54.44 -9.35
N PHE B 460 -45.56 55.20 -10.06
CA PHE B 460 -44.13 55.11 -9.84
C PHE B 460 -43.84 55.63 -8.43
N LYS B 461 -43.22 54.79 -7.63
CA LYS B 461 -42.92 55.14 -6.25
C LYS B 461 -41.43 55.47 -6.17
N PRO B 462 -41.01 56.73 -6.35
CA PRO B 462 -39.58 57.03 -6.39
C PRO B 462 -38.81 56.62 -5.14
N GLU B 463 -39.47 56.55 -3.96
CA GLU B 463 -38.77 56.18 -2.74
C GLU B 463 -38.58 54.66 -2.54
N ASN B 464 -39.19 53.78 -3.33
CA ASN B 464 -38.83 52.36 -3.18
C ASN B 464 -37.38 52.12 -3.59
N TYR B 465 -36.94 52.87 -4.58
CA TYR B 465 -35.66 52.59 -5.20
C TYR B 465 -34.64 53.53 -4.59
N ASP B 466 -33.46 53.00 -4.26
CA ASP B 466 -32.33 53.81 -3.82
C ASP B 466 -31.97 54.89 -4.85
N VAL B 467 -31.52 54.43 -6.02
CA VAL B 467 -31.08 55.26 -7.12
C VAL B 467 -32.29 55.95 -7.79
N LYS B 468 -32.08 57.05 -8.49
CA LYS B 468 -33.10 57.62 -9.37
C LYS B 468 -33.26 56.74 -10.62
N VAL B 469 -34.50 56.47 -11.09
CA VAL B 469 -34.72 55.50 -12.14
C VAL B 469 -34.74 56.14 -13.54
N HIS B 470 -34.00 55.60 -14.48
CA HIS B 470 -34.00 56.11 -15.84
C HIS B 470 -34.00 54.93 -16.83
N GLU B 471 -34.36 55.13 -18.09
CA GLU B 471 -34.18 54.08 -19.05
C GLU B 471 -32.70 53.71 -19.16
N ALA B 472 -32.47 52.50 -19.69
CA ALA B 472 -31.17 51.97 -19.94
C ALA B 472 -30.52 52.70 -21.10
N PRO B 473 -29.17 52.75 -21.16
CA PRO B 473 -28.43 53.14 -22.35
C PRO B 473 -28.78 52.38 -23.61
N ILE B 474 -28.75 53.04 -24.76
CA ILE B 474 -29.10 52.43 -26.04
C ILE B 474 -28.38 51.08 -26.26
N GLY B 475 -27.09 50.98 -25.93
CA GLY B 475 -26.36 49.74 -26.18
C GLY B 475 -27.03 48.54 -25.52
N MET B 476 -27.47 48.71 -24.28
CA MET B 476 -28.20 47.68 -23.56
C MET B 476 -29.55 47.36 -24.23
N LEU B 477 -30.22 48.34 -24.79
CA LEU B 477 -31.53 48.16 -25.40
C LEU B 477 -31.50 47.48 -26.76
N ILE B 478 -30.40 47.50 -27.49
CA ILE B 478 -30.43 46.97 -28.85
C ILE B 478 -30.80 45.49 -28.87
N SER B 479 -30.24 44.69 -27.93
CA SER B 479 -30.45 43.25 -27.99
C SER B 479 -31.89 42.87 -27.68
N PRO B 480 -32.53 43.40 -26.63
CA PRO B 480 -33.96 43.14 -26.50
C PRO B 480 -34.84 43.71 -27.58
N VAL B 481 -34.53 44.82 -28.23
CA VAL B 481 -35.36 45.36 -29.31
C VAL B 481 -35.22 44.53 -30.58
N ILE B 482 -34.04 44.05 -30.92
CA ILE B 482 -33.97 43.14 -32.04
C ILE B 482 -34.73 41.87 -31.75
N LEU B 483 -34.61 41.26 -30.53
CA LEU B 483 -35.43 40.08 -30.22
C LEU B 483 -36.91 40.45 -30.17
N GLY B 484 -37.28 41.58 -29.62
CA GLY B 484 -38.67 41.96 -29.61
C GLY B 484 -39.22 42.15 -31.03
N SER B 485 -38.42 42.67 -31.94
CA SER B 485 -38.83 42.84 -33.33
C SER B 485 -39.14 41.49 -33.99
N LEU B 486 -38.34 40.45 -33.71
CA LEU B 486 -38.61 39.15 -34.30
C LEU B 486 -39.93 38.56 -33.77
N VAL B 487 -40.26 38.83 -32.52
CA VAL B 487 -41.55 38.42 -31.99
C VAL B 487 -42.66 38.88 -32.93
N ILE B 488 -42.54 40.10 -33.47
CA ILE B 488 -43.57 40.72 -34.32
C ILE B 488 -43.49 40.20 -35.74
N VAL B 489 -42.29 40.16 -36.27
CA VAL B 489 -42.02 39.68 -37.62
C VAL B 489 -42.50 38.24 -37.84
N PHE B 490 -42.14 37.29 -36.98
CA PHE B 490 -42.62 35.93 -37.06
C PHE B 490 -44.10 35.86 -36.72
N GLY B 491 -44.64 36.92 -36.12
CA GLY B 491 -46.06 36.90 -35.84
C GLY B 491 -46.85 37.21 -37.10
N PHE B 492 -46.41 38.23 -37.85
CA PHE B 492 -47.03 38.60 -39.13
C PHE B 492 -46.52 37.80 -40.34
N PHE B 493 -45.22 37.51 -40.36
CA PHE B 493 -44.59 36.87 -41.48
C PHE B 493 -44.05 35.55 -40.98
N PRO B 494 -44.86 34.66 -40.39
CA PRO B 494 -44.31 33.40 -39.95
C PRO B 494 -43.75 32.69 -41.16
N ASN B 495 -44.36 32.74 -42.35
CA ASN B 495 -43.89 31.81 -43.38
C ASN B 495 -42.52 32.18 -43.93
N ILE B 496 -41.83 33.21 -43.40
CA ILE B 496 -40.41 33.30 -43.70
C ILE B 496 -39.68 32.01 -43.23
N LEU B 497 -40.17 31.39 -42.15
CA LEU B 497 -39.51 30.27 -41.49
C LEU B 497 -39.94 28.97 -42.12
N ALA B 498 -41.00 28.97 -42.93
CA ALA B 498 -41.70 27.73 -43.22
C ALA B 498 -40.84 26.73 -44.02
N TYR B 499 -40.15 27.15 -45.08
CA TYR B 499 -39.45 26.19 -45.94
C TYR B 499 -37.94 26.35 -45.84
N THR B 500 -37.50 27.45 -45.22
CA THR B 500 -36.11 27.68 -44.94
C THR B 500 -35.66 26.90 -43.72
N ILE B 501 -36.51 26.90 -42.67
CA ILE B 501 -36.11 26.43 -41.38
C ILE B 501 -36.98 25.28 -40.91
N ILE B 502 -38.28 25.50 -40.87
CA ILE B 502 -39.18 24.57 -40.21
C ILE B 502 -39.29 23.31 -41.02
N GLU B 503 -39.46 23.37 -42.34
CA GLU B 503 -39.71 22.11 -43.02
C GLU B 503 -38.47 21.22 -42.99
N PRO B 504 -37.26 21.76 -43.20
CA PRO B 504 -36.09 20.91 -43.16
C PRO B 504 -35.93 20.28 -41.81
N ALA B 505 -36.17 21.01 -40.71
CA ALA B 505 -36.10 20.41 -39.40
C ALA B 505 -37.13 19.28 -39.22
N MET B 506 -38.32 19.37 -39.79
CA MET B 506 -39.28 18.29 -39.77
C MET B 506 -38.75 17.07 -40.51
N GLN B 507 -38.08 17.25 -41.63
CA GLN B 507 -37.53 16.09 -42.29
C GLN B 507 -36.45 15.38 -41.48
N ALA B 508 -35.60 16.12 -40.75
CA ALA B 508 -34.62 15.54 -39.87
C ALA B 508 -35.27 14.71 -38.77
N ILE B 509 -36.45 15.07 -38.31
CA ILE B 509 -37.08 14.42 -37.16
C ILE B 509 -37.94 13.30 -37.63
N LEU B 510 -38.62 13.41 -38.79
CA LEU B 510 -39.47 12.35 -39.34
C LEU B 510 -38.94 11.90 -40.72
N PRO B 511 -37.76 11.27 -40.77
CA PRO B 511 -37.13 11.00 -42.06
C PRO B 511 -37.74 9.89 -42.91
N THR B 512 -38.45 8.94 -42.29
CA THR B 512 -39.14 7.87 -42.99
C THR B 512 -40.57 8.23 -43.40
N LEU B 513 -41.03 9.42 -43.06
CA LEU B 513 -42.47 9.69 -43.20
C LEU B 513 -42.79 10.02 -44.66
N LEU B 514 -41.85 10.64 -45.33
CA LEU B 514 -42.04 11.07 -46.72
C LEU B 514 -40.94 10.52 -47.64
N ALA B 515 -41.34 10.21 -48.89
CA ALA B 515 -40.45 9.75 -49.96
C ALA B 515 -39.41 10.80 -50.20
N ASP B 516 -38.25 10.45 -50.75
CA ASP B 516 -37.26 11.48 -51.03
C ASP B 516 -37.81 12.49 -52.06
N GLY B 517 -37.56 13.78 -51.75
CA GLY B 517 -37.98 14.89 -52.60
C GLY B 517 -39.41 15.37 -52.31
N GLU B 518 -40.11 14.64 -51.45
CA GLU B 518 -41.39 15.11 -50.93
C GLU B 518 -41.14 16.09 -49.79
N VAL B 519 -41.81 17.24 -49.87
CA VAL B 519 -41.82 18.24 -48.82
C VAL B 519 -43.11 18.15 -47.97
N PHE B 520 -43.02 18.41 -46.67
CA PHE B 520 -44.20 18.67 -45.88
C PHE B 520 -44.81 20.00 -46.29
N TYR B 521 -46.14 20.10 -46.22
CA TYR B 521 -46.79 21.39 -46.34
C TYR B 521 -46.69 22.18 -45.01
N VAL B 522 -46.21 23.41 -45.09
CA VAL B 522 -46.10 24.27 -43.93
C VAL B 522 -46.63 25.62 -44.35
N ASN B 523 -47.83 25.93 -43.89
CA ASN B 523 -48.38 27.24 -44.10
C ASN B 523 -48.96 27.72 -42.77
N ILE B 524 -48.32 28.71 -42.18
CA ILE B 524 -48.69 29.23 -40.88
C ILE B 524 -49.43 30.54 -41.06
N TYR B 525 -50.62 30.66 -40.48
CA TYR B 525 -51.43 31.86 -40.61
C TYR B 525 -52.24 32.08 -39.34
N MET B 526 -52.61 33.34 -39.10
CA MET B 526 -53.24 33.78 -37.86
C MET B 526 -54.72 33.39 -37.71
N TRP B 527 -55.52 33.33 -38.79
CA TRP B 527 -56.97 33.17 -38.65
C TRP B 527 -57.46 31.86 -39.24
N HIS B 528 -58.04 30.99 -38.41
CA HIS B 528 -58.56 29.72 -38.89
C HIS B 528 -60.05 29.61 -38.63
N GLY B 529 -60.68 30.74 -38.27
CA GLY B 529 -62.12 30.77 -38.06
C GLY B 529 -62.49 30.53 -36.61
N PHE B 530 -63.77 30.21 -36.39
CA PHE B 530 -64.27 29.95 -35.05
C PHE B 530 -64.22 28.45 -34.80
N ASN B 531 -63.00 27.96 -34.54
CA ASN B 531 -62.85 26.55 -34.28
C ASN B 531 -62.62 26.35 -32.78
N ALA B 532 -62.42 25.08 -32.40
CA ALA B 532 -62.20 24.71 -31.01
C ALA B 532 -61.02 25.48 -30.45
N GLU B 533 -59.95 25.57 -31.23
CA GLU B 533 -58.68 26.13 -30.74
C GLU B 533 -58.82 27.63 -30.45
N LEU B 534 -59.75 28.33 -31.14
CA LEU B 534 -59.98 29.75 -30.86
C LEU B 534 -60.79 29.88 -29.57
N PHE B 535 -61.75 28.95 -29.36
CA PHE B 535 -62.49 28.97 -28.12
C PHE B 535 -61.59 28.61 -26.97
N MET B 536 -60.72 27.63 -27.15
CA MET B 536 -59.78 27.30 -26.10
C MET B 536 -58.96 28.56 -25.76
N THR B 537 -58.51 29.29 -26.78
CA THR B 537 -57.72 30.49 -26.49
C THR B 537 -58.54 31.57 -25.80
N MET B 538 -59.79 31.82 -26.26
CA MET B 538 -60.66 32.78 -25.58
C MET B 538 -60.90 32.35 -24.13
N GLY B 539 -61.20 31.08 -23.95
CA GLY B 539 -61.13 30.43 -22.66
C GLY B 539 -60.01 30.86 -21.75
N VAL B 540 -58.77 30.66 -22.24
CA VAL B 540 -57.53 30.97 -21.51
C VAL B 540 -57.54 32.43 -21.13
N VAL B 541 -57.89 33.30 -22.07
CA VAL B 541 -57.90 34.73 -21.74
C VAL B 541 -58.86 35.08 -20.60
N ALA B 542 -60.16 34.81 -20.75
CA ALA B 542 -61.14 34.90 -19.68
C ALA B 542 -60.67 34.29 -18.34
N ALA B 543 -60.34 32.99 -18.33
CA ALA B 543 -60.00 32.36 -17.08
C ALA B 543 -58.85 33.14 -16.44
N GLY B 544 -57.83 33.48 -17.25
CA GLY B 544 -56.66 34.24 -16.83
C GLY B 544 -57.05 35.58 -16.22
N ILE B 545 -57.88 36.37 -16.91
CA ILE B 545 -58.35 37.62 -16.35
C ILE B 545 -59.16 37.41 -15.09
N ILE B 546 -60.10 36.46 -15.07
CA ILE B 546 -60.82 36.26 -13.83
C ILE B 546 -59.84 36.03 -12.68
N LEU B 547 -59.02 34.97 -12.75
CA LEU B 547 -58.09 34.66 -11.68
C LEU B 547 -57.21 35.84 -11.33
N PHE B 548 -56.87 36.68 -12.28
CA PHE B 548 -56.07 37.85 -11.97
C PHE B 548 -56.86 38.87 -11.15
N LEU B 549 -58.12 39.12 -11.53
CA LEU B 549 -59.00 40.02 -10.76
C LEU B 549 -59.35 39.48 -9.36
N MET B 550 -59.37 38.16 -9.19
CA MET B 550 -59.53 37.55 -7.88
C MET B 550 -58.22 37.47 -7.10
N MET B 551 -57.13 38.14 -7.49
CA MET B 551 -55.87 37.90 -6.81
C MET B 551 -55.86 38.49 -5.41
N LYS B 552 -56.58 39.60 -5.19
CA LYS B 552 -56.77 40.16 -3.86
C LYS B 552 -57.12 39.03 -2.89
N ASN B 553 -57.95 38.10 -3.36
CA ASN B 553 -58.45 36.99 -2.57
C ASN B 553 -57.35 35.95 -2.36
N TRP B 554 -56.91 35.27 -3.44
CA TRP B 554 -56.01 34.13 -3.27
C TRP B 554 -54.56 34.46 -2.89
N ALA B 555 -54.19 35.73 -2.77
CA ALA B 555 -52.82 36.06 -2.48
C ALA B 555 -52.54 35.89 -1.00
N LYS B 556 -53.62 35.77 -0.22
CA LYS B 556 -53.53 35.64 1.23
C LYS B 556 -53.39 34.15 1.57
N THR B 557 -53.73 33.27 0.64
CA THR B 557 -53.55 31.83 0.80
C THR B 557 -52.11 31.37 1.04
N ALA B 558 -51.97 30.17 1.57
CA ALA B 558 -50.71 29.60 1.99
C ALA B 558 -49.90 29.19 0.77
N PHE B 559 -50.58 28.79 -0.30
CA PHE B 559 -49.98 28.57 -1.60
C PHE B 559 -49.19 29.79 -2.09
N TYR B 560 -49.78 30.97 -2.07
CA TYR B 560 -49.07 32.15 -2.52
C TYR B 560 -48.01 32.63 -1.54
N MET B 561 -48.05 32.19 -0.29
CA MET B 561 -47.09 32.67 0.70
C MET B 561 -45.68 32.14 0.43
N LYS B 562 -45.57 30.88 -0.02
CA LYS B 562 -44.27 30.28 -0.31
C LYS B 562 -43.91 30.51 -1.77
N GLU B 563 -42.61 30.38 -2.13
CA GLU B 563 -42.19 30.48 -3.51
C GLU B 563 -41.21 29.38 -3.85
N ARG B 564 -40.56 28.80 -2.84
CA ARG B 564 -39.52 27.81 -3.11
C ARG B 564 -40.25 26.53 -3.44
N ASP B 565 -39.70 25.76 -4.38
CA ASP B 565 -40.36 24.57 -4.88
C ASP B 565 -40.31 23.48 -3.80
N PRO B 566 -41.41 22.73 -3.56
CA PRO B 566 -41.39 21.65 -2.58
C PRO B 566 -40.54 20.42 -2.92
N LEU B 567 -40.12 20.25 -4.18
CA LEU B 567 -39.17 19.18 -4.48
C LEU B 567 -37.77 19.49 -3.96
N ASN B 568 -37.45 20.73 -3.63
CA ASN B 568 -36.13 21.09 -3.17
C ASN B 568 -35.77 20.40 -1.84
N TRP B 569 -36.73 20.22 -0.95
CA TRP B 569 -36.56 19.41 0.23
C TRP B 569 -35.95 18.05 -0.06
N PHE B 570 -36.49 17.30 -0.99
CA PHE B 570 -35.81 16.10 -1.38
C PHE B 570 -34.36 16.40 -1.70
N TYR B 571 -34.06 17.29 -2.65
CA TYR B 571 -32.68 17.46 -3.10
C TYR B 571 -31.83 17.72 -1.89
N ASP B 572 -32.26 18.66 -1.09
CA ASP B 572 -31.48 19.07 0.04
C ASP B 572 -31.22 17.98 1.09
N ASN B 573 -32.21 17.15 1.38
CA ASN B 573 -32.14 16.12 2.39
C ASN B 573 -31.32 14.96 1.86
N SER B 574 -31.44 14.65 0.60
CA SER B 574 -30.65 13.61 -0.02
C SER B 574 -29.17 13.94 0.03
N LEU B 575 -28.81 15.19 -0.13
CA LEU B 575 -27.42 15.58 -0.03
C LEU B 575 -26.94 15.48 1.40
N SER B 576 -27.77 15.83 2.38
CA SER B 576 -27.25 15.89 3.74
C SER B 576 -27.04 14.44 4.20
N GLY B 577 -27.92 13.59 3.72
CA GLY B 577 -27.98 12.18 3.86
C GLY B 577 -26.83 11.40 3.26
N VAL B 578 -26.40 11.72 2.06
CA VAL B 578 -25.21 11.08 1.53
C VAL B 578 -24.09 11.31 2.53
N ILE B 579 -24.04 12.48 3.15
CA ILE B 579 -22.92 12.79 4.01
C ILE B 579 -23.01 12.12 5.38
N THR B 580 -24.14 12.20 6.00
CA THR B 580 -24.49 11.44 7.16
C THR B 580 -24.38 9.92 6.90
N GLY B 581 -24.95 9.42 5.85
CA GLY B 581 -24.84 7.98 5.67
C GLY B 581 -23.42 7.52 5.42
N SER B 582 -22.71 8.20 4.55
CA SER B 582 -21.32 7.94 4.31
C SER B 582 -20.56 7.87 5.63
N GLN B 583 -20.73 8.93 6.46
CA GLN B 583 -20.07 8.98 7.73
C GLN B 583 -20.42 7.83 8.68
N ALA B 584 -21.62 7.31 8.66
CA ALA B 584 -22.01 6.20 9.51
C ALA B 584 -21.34 4.93 9.01
N VAL B 585 -21.41 4.65 7.73
CA VAL B 585 -20.79 3.47 7.15
C VAL B 585 -19.25 3.49 7.32
N THR B 586 -18.65 4.68 7.25
CA THR B 586 -17.22 4.76 7.32
C THR B 586 -16.75 4.58 8.76
N ARG B 587 -17.49 5.12 9.72
CA ARG B 587 -17.13 4.97 11.12
C ARG B 587 -17.17 3.50 11.57
N ILE B 588 -18.03 2.66 11.02
CA ILE B 588 -18.10 1.31 11.49
C ILE B 588 -16.88 0.55 10.96
N GLN B 589 -16.32 0.93 9.85
CA GLN B 589 -15.13 0.26 9.42
C GLN B 589 -13.87 0.87 10.09
N MET B 590 -13.75 2.16 10.11
CA MET B 590 -12.55 2.80 10.49
C MET B 590 -12.72 3.27 11.91
N THR B 591 -12.58 2.32 12.81
CA THR B 591 -12.83 2.50 14.21
C THR B 591 -11.58 3.02 14.87
N GLY B 592 -10.42 2.90 14.22
CA GLY B 592 -9.19 3.33 14.88
C GLY B 592 -8.57 2.20 15.69
N LEU B 593 -9.27 1.08 15.83
CA LEU B 593 -8.82 0.05 16.71
C LEU B 593 -8.15 -1.12 15.92
N LEU B 594 -6.83 -1.31 16.14
CA LEU B 594 -6.09 -2.27 15.38
C LEU B 594 -6.67 -3.67 15.46
N ARG B 595 -7.19 -4.06 16.62
CA ARG B 595 -7.92 -5.30 16.73
C ARG B 595 -9.09 -5.41 15.73
N ASP B 596 -9.91 -4.36 15.60
CA ASP B 596 -11.01 -4.43 14.62
C ASP B 596 -10.45 -4.64 13.24
N TYR B 597 -9.36 -3.91 12.88
CA TYR B 597 -8.83 -4.14 11.55
C TYR B 597 -8.35 -5.56 11.36
N PHE B 598 -7.62 -6.15 12.34
CA PHE B 598 -7.20 -7.53 12.11
C PHE B 598 -8.38 -8.49 12.13
N ALA B 599 -9.38 -8.23 12.98
CA ALA B 599 -10.54 -9.12 13.02
C ALA B 599 -11.37 -9.06 11.73
N TYR B 600 -11.54 -7.87 11.11
CA TYR B 600 -12.19 -7.83 9.80
C TYR B 600 -11.42 -8.59 8.73
N MET B 601 -10.14 -8.32 8.64
CA MET B 601 -9.36 -9.02 7.65
C MET B 601 -9.33 -10.52 7.87
N THR B 602 -9.06 -11.00 9.07
CA THR B 602 -9.01 -12.44 9.31
C THR B 602 -10.37 -13.05 9.18
N THR B 603 -11.42 -12.34 9.56
CA THR B 603 -12.74 -12.96 9.37
C THR B 603 -13.07 -13.15 7.89
N PHE B 604 -12.72 -12.15 7.10
CA PHE B 604 -12.88 -12.26 5.69
C PHE B 604 -12.04 -13.41 5.13
N MET B 605 -10.77 -13.51 5.47
CA MET B 605 -9.97 -14.66 5.06
C MET B 605 -10.57 -16.02 5.44
N ILE B 606 -11.13 -16.19 6.63
CA ILE B 606 -11.66 -17.47 7.04
C ILE B 606 -12.84 -17.84 6.19
N LEU B 607 -13.74 -16.89 5.97
CA LEU B 607 -14.94 -17.13 5.20
C LEU B 607 -14.62 -17.43 3.73
N LEU B 608 -13.68 -16.73 3.15
CA LEU B 608 -13.36 -16.95 1.76
C LEU B 608 -12.49 -18.19 1.56
N LEU B 609 -11.47 -18.40 2.38
CA LEU B 609 -10.69 -19.64 2.20
C LEU B 609 -11.52 -20.83 2.59
N GLY B 610 -12.31 -20.66 3.65
CA GLY B 610 -13.22 -21.68 4.05
C GLY B 610 -14.20 -22.06 2.95
N TYR B 611 -14.85 -21.05 2.37
CA TYR B 611 -15.76 -21.34 1.25
C TYR B 611 -15.04 -22.01 0.09
N THR B 612 -13.81 -21.60 -0.26
CA THR B 612 -13.15 -22.18 -1.43
C THR B 612 -12.73 -23.63 -1.19
N MET B 613 -12.24 -23.94 0.01
CA MET B 613 -11.96 -25.30 0.44
C MET B 613 -13.22 -26.17 0.39
N PHE B 614 -14.42 -25.68 0.76
CA PHE B 614 -15.61 -26.50 0.55
C PHE B 614 -16.04 -26.64 -0.89
N ARG B 615 -15.90 -25.60 -1.66
CA ARG B 615 -16.37 -25.63 -3.02
C ARG B 615 -15.52 -26.52 -3.92
N TYR B 616 -14.23 -26.60 -3.70
CA TYR B 616 -13.40 -27.43 -4.52
C TYR B 616 -13.03 -28.69 -3.84
N ASP B 617 -13.65 -29.03 -2.70
CA ASP B 617 -13.50 -30.30 -2.03
C ASP B 617 -12.04 -30.56 -1.71
N ALA B 618 -11.41 -29.61 -1.06
CA ALA B 618 -9.99 -29.66 -0.93
C ALA B 618 -9.60 -30.11 0.47
N PHE B 619 -10.52 -30.35 1.42
CA PHE B 619 -10.13 -30.98 2.71
C PHE B 619 -9.76 -32.44 2.50
N THR B 620 -8.54 -32.77 2.87
CA THR B 620 -7.85 -33.99 2.48
C THR B 620 -6.66 -34.08 3.41
N ILE B 621 -6.21 -35.31 3.55
CA ILE B 621 -5.01 -35.55 4.30
C ILE B 621 -4.37 -36.77 3.67
N ASP B 622 -3.07 -36.81 3.61
CA ASP B 622 -2.38 -37.98 3.10
C ASP B 622 -1.54 -38.57 4.23
N THR B 623 -1.97 -39.68 4.80
CA THR B 623 -1.27 -40.25 5.93
C THR B 623 -0.23 -41.27 5.49
N THR B 624 -0.10 -41.57 4.23
CA THR B 624 0.86 -42.57 3.81
C THR B 624 2.22 -41.96 3.51
N ASN B 625 2.25 -40.85 2.80
CA ASN B 625 3.51 -40.34 2.29
C ASN B 625 4.06 -39.34 3.28
N VAL B 626 4.13 -39.75 4.55
CA VAL B 626 4.72 -38.93 5.58
C VAL B 626 5.93 -39.67 6.08
N THR B 627 6.90 -38.94 6.69
CA THR B 627 8.02 -39.59 7.36
C THR B 627 7.67 -39.91 8.83
N GLY B 628 8.50 -40.75 9.46
CA GLY B 628 8.37 -41.19 10.85
C GLY B 628 8.71 -40.13 11.91
N ILE B 629 8.09 -40.34 13.07
CA ILE B 629 8.28 -39.53 14.25
C ILE B 629 8.97 -40.41 15.25
N ALA B 630 10.27 -40.18 15.45
CA ALA B 630 11.02 -40.72 16.58
C ALA B 630 10.32 -40.36 17.88
N PRO B 631 10.43 -41.20 18.92
CA PRO B 631 9.70 -40.92 20.15
C PRO B 631 10.14 -39.64 20.82
N TYR B 632 11.38 -39.20 20.67
CA TYR B 632 11.79 -37.97 21.30
C TYR B 632 11.16 -36.74 20.63
N ILE B 633 10.67 -36.84 19.38
CA ILE B 633 10.05 -35.72 18.72
C ILE B 633 8.66 -35.45 19.31
N TRP B 634 7.93 -36.47 19.76
CA TRP B 634 6.69 -36.31 20.50
C TRP B 634 6.91 -35.51 21.75
N VAL B 635 8.03 -35.66 22.42
CA VAL B 635 8.10 -34.84 23.62
C VAL B 635 8.51 -33.42 23.22
N ILE B 636 9.51 -33.25 22.37
CA ILE B 636 9.92 -31.92 21.93
C ILE B 636 8.69 -31.14 21.47
N THR B 637 7.86 -31.74 20.64
CA THR B 637 6.69 -31.08 20.05
C THR B 637 5.67 -30.69 21.12
N LEU B 638 5.41 -31.60 22.04
CA LEU B 638 4.60 -31.22 23.20
C LEU B 638 5.16 -30.02 23.95
N VAL B 639 6.46 -29.89 24.14
CA VAL B 639 6.97 -28.69 24.81
C VAL B 639 6.71 -27.47 23.95
N PHE B 640 6.95 -27.61 22.69
CA PHE B 640 6.85 -26.49 21.78
C PHE B 640 5.42 -25.93 21.80
N ILE B 641 4.47 -26.85 21.80
CA ILE B 641 3.07 -26.51 21.83
C ILE B 641 2.69 -25.95 23.18
N ALA B 642 3.00 -26.63 24.29
CA ALA B 642 2.80 -26.01 25.61
C ALA B 642 3.43 -24.62 25.72
N ALA B 643 4.67 -24.42 25.28
CA ALA B 643 5.28 -23.10 25.45
C ALA B 643 4.47 -22.05 24.69
N THR B 644 4.13 -22.39 23.45
CA THR B 644 3.33 -21.53 22.62
C THR B 644 1.94 -21.23 23.21
N LEU B 645 1.18 -22.22 23.68
CA LEU B 645 -0.11 -21.95 24.30
C LEU B 645 -0.02 -21.16 25.61
N SER B 646 1.08 -21.11 26.27
CA SER B 646 1.17 -20.40 27.54
C SER B 646 1.25 -18.90 27.25
N ILE B 647 1.68 -18.49 26.07
CA ILE B 647 1.95 -17.09 25.93
C ILE B 647 0.75 -16.22 26.23
N PRO B 648 -0.48 -16.44 25.72
CA PRO B 648 -1.57 -15.54 26.07
C PRO B 648 -1.89 -15.49 27.54
N PHE B 649 -1.36 -16.39 28.39
CA PHE B 649 -1.70 -16.29 29.79
C PHE B 649 -0.62 -15.64 30.62
N ILE B 650 0.44 -15.21 29.98
CA ILE B 650 1.51 -14.61 30.74
C ILE B 650 1.22 -13.14 30.97
N ASN B 651 1.48 -12.60 32.17
CA ASN B 651 1.27 -11.20 32.42
C ASN B 651 2.47 -10.39 32.92
N LYS B 652 3.62 -10.94 32.82
CA LYS B 652 4.81 -10.23 33.15
C LYS B 652 5.68 -10.26 31.93
N ARG B 653 6.31 -9.14 31.56
CA ARG B 653 7.01 -9.14 30.30
C ARG B 653 8.26 -9.97 30.38
N ILE B 654 8.96 -10.09 31.52
CA ILE B 654 10.18 -10.85 31.43
C ILE B 654 9.84 -12.32 31.23
N THR B 655 8.71 -12.78 31.77
CA THR B 655 8.32 -14.13 31.51
C THR B 655 8.08 -14.31 29.99
N ALA B 656 7.49 -13.31 29.38
CA ALA B 656 7.17 -13.40 27.98
C ALA B 656 8.49 -13.60 27.21
N VAL B 657 9.51 -12.83 27.50
CA VAL B 657 10.76 -12.92 26.76
C VAL B 657 11.37 -14.32 26.96
N VAL B 658 11.40 -14.81 28.19
CA VAL B 658 11.91 -16.14 28.44
C VAL B 658 11.18 -17.22 27.63
N VAL B 659 9.87 -17.18 27.56
CA VAL B 659 9.13 -18.19 26.85
C VAL B 659 9.21 -18.01 25.34
N VAL B 660 9.42 -16.81 24.89
CA VAL B 660 9.80 -16.59 23.52
C VAL B 660 11.18 -17.18 23.18
N GLY B 661 12.17 -16.98 24.00
CA GLY B 661 13.42 -17.71 23.94
C GLY B 661 13.24 -19.23 23.90
N VAL B 662 12.48 -19.78 24.82
CA VAL B 662 12.27 -21.18 24.74
C VAL B 662 11.81 -21.51 23.32
N ILE B 663 10.81 -20.81 22.85
CA ILE B 663 10.22 -21.14 21.55
C ILE B 663 11.28 -21.05 20.46
N GLY B 664 12.06 -19.98 20.49
CA GLY B 664 13.18 -19.79 19.60
C GLY B 664 14.24 -20.88 19.62
N PHE B 665 14.66 -21.30 20.78
CA PHE B 665 15.55 -22.42 20.90
C PHE B 665 14.96 -23.71 20.37
N LEU B 666 13.69 -23.99 20.68
CA LEU B 666 13.09 -25.21 20.18
C LEU B 666 12.89 -25.17 18.67
N LEU B 667 12.53 -24.07 18.08
CA LEU B 667 12.48 -24.01 16.62
C LEU B 667 13.90 -24.27 16.05
N ALA B 668 14.97 -23.79 16.65
CA ALA B 668 16.30 -24.16 16.17
C ALA B 668 16.54 -25.65 16.31
N LEU B 669 16.11 -26.25 17.41
CA LEU B 669 16.24 -27.71 17.55
C LEU B 669 15.48 -28.47 16.48
N LEU B 670 14.26 -28.03 16.10
CA LEU B 670 13.56 -28.67 15.02
C LEU B 670 14.34 -28.54 13.73
N PHE B 671 14.93 -27.34 13.46
CA PHE B 671 15.68 -27.21 12.23
C PHE B 671 16.83 -28.21 12.17
N VAL B 672 17.47 -28.54 13.25
CA VAL B 672 18.48 -29.61 13.28
C VAL B 672 17.86 -30.93 13.03
N VAL B 673 16.84 -31.33 13.76
CA VAL B 673 16.19 -32.63 13.44
C VAL B 673 15.78 -32.73 11.96
N PHE B 674 15.28 -31.65 11.37
CA PHE B 674 14.91 -31.59 10.00
C PHE B 674 16.08 -31.22 9.08
N ARG B 675 17.34 -31.41 9.51
CA ARG B 675 18.46 -31.43 8.58
C ARG B 675 18.64 -30.08 7.90
N ALA B 676 18.62 -29.02 8.69
CA ALA B 676 18.71 -27.68 8.17
C ALA B 676 19.66 -26.97 9.10
N PRO B 677 20.96 -27.34 9.11
CA PRO B 677 21.97 -26.73 9.98
C PRO B 677 22.10 -25.23 9.75
N ASP B 678 22.11 -24.73 8.49
CA ASP B 678 22.24 -23.26 8.28
C ASP B 678 21.03 -22.49 8.84
N LEU B 679 19.84 -23.09 8.90
CA LEU B 679 18.71 -22.49 9.57
C LEU B 679 18.85 -22.54 11.06
N ALA B 680 19.31 -23.65 11.62
CA ALA B 680 19.45 -23.71 13.05
C ALA B 680 20.36 -22.55 13.51
N LEU B 681 21.49 -22.39 12.81
N LEU B 681 21.51 -22.39 12.82
CA LEU B 681 22.46 -21.37 13.17
CA LEU B 681 22.48 -21.36 13.17
C LEU B 681 21.83 -20.00 13.10
C LEU B 681 21.83 -20.00 13.10
N THR B 682 21.26 -19.67 11.94
CA THR B 682 20.66 -18.35 11.76
C THR B 682 19.58 -18.11 12.81
N GLN B 683 18.69 -19.10 13.03
CA GLN B 683 17.58 -18.96 13.93
C GLN B 683 18.10 -18.66 15.36
N LEU B 684 19.15 -19.31 15.81
CA LEU B 684 19.70 -19.08 17.11
C LEU B 684 20.27 -17.69 17.27
N LEU B 685 21.06 -17.22 16.30
CA LEU B 685 21.65 -15.90 16.33
C LEU B 685 20.58 -14.83 16.23
N VAL B 686 19.61 -14.95 15.39
CA VAL B 686 18.53 -13.98 15.36
C VAL B 686 17.78 -13.98 16.70
N GLU B 687 17.44 -15.17 17.27
N GLU B 687 17.45 -15.15 17.27
CA GLU B 687 16.78 -15.27 18.58
CA GLU B 687 16.74 -15.19 18.54
C GLU B 687 17.51 -14.45 19.65
C GLU B 687 17.51 -14.46 19.66
N THR B 688 18.84 -14.59 19.67
CA THR B 688 19.64 -13.93 20.68
C THR B 688 19.58 -12.41 20.51
N VAL B 689 19.73 -11.90 19.31
CA VAL B 689 19.76 -10.47 19.13
C VAL B 689 18.32 -10.01 19.39
N THR B 690 17.30 -10.79 19.08
CA THR B 690 15.95 -10.35 19.40
C THR B 690 15.63 -10.26 20.89
N VAL B 691 16.38 -10.94 21.72
CA VAL B 691 16.18 -10.93 23.15
C VAL B 691 16.89 -9.71 23.71
N LEU B 692 18.08 -9.37 23.20
CA LEU B 692 18.68 -8.11 23.61
C LEU B 692 17.79 -6.94 23.19
N LEU B 693 17.21 -6.98 22.01
CA LEU B 693 16.41 -5.90 21.53
C LEU B 693 15.17 -5.75 22.35
N LEU B 694 14.45 -6.84 22.67
CA LEU B 694 13.25 -6.77 23.53
C LEU B 694 13.60 -6.18 24.88
N MET B 695 14.76 -6.49 25.42
CA MET B 695 15.14 -5.86 26.66
C MET B 695 15.58 -4.41 26.51
N LEU B 696 16.22 -4.02 25.44
CA LEU B 696 16.50 -2.62 25.16
C LEU B 696 15.19 -1.86 24.95
N ALA B 697 14.20 -2.47 24.36
CA ALA B 697 12.92 -1.84 24.25
C ALA B 697 12.20 -1.80 25.60
N PHE B 698 12.46 -2.72 26.55
CA PHE B 698 11.70 -2.80 27.81
C PHE B 698 12.10 -1.67 28.76
N TYR B 699 13.25 -1.04 28.47
CA TYR B 699 13.61 0.12 29.24
C TYR B 699 12.63 1.30 28.94
N HIS B 700 11.97 1.27 27.79
CA HIS B 700 11.16 2.37 27.29
C HIS B 700 9.70 2.04 27.48
N LEU B 701 9.36 0.75 27.31
CA LEU B 701 7.98 0.27 27.41
C LEU B 701 7.58 0.08 28.85
N PRO B 702 6.27 0.05 29.12
CA PRO B 702 5.76 -0.30 30.45
C PRO B 702 5.73 -1.81 30.70
N GLU B 703 5.34 -2.26 31.90
CA GLU B 703 5.06 -3.68 32.15
C GLU B 703 3.73 -4.15 31.50
N LEU B 704 3.65 -5.44 31.10
CA LEU B 704 2.37 -6.11 30.77
C LEU B 704 1.38 -6.08 31.95
N ARG B 705 0.11 -6.22 31.61
CA ARG B 705 -1.02 -6.20 32.53
C ARG B 705 -1.89 -7.42 32.21
N LYS B 706 -2.64 -7.93 33.19
CA LYS B 706 -3.74 -8.79 32.86
C LYS B 706 -4.81 -7.84 32.38
N GLU B 707 -5.19 -7.95 31.09
CA GLU B 707 -6.29 -7.17 30.52
C GLU B 707 -7.55 -8.03 30.65
N GLU B 708 -8.72 -7.41 30.99
CA GLU B 708 -9.85 -8.19 31.49
C GLU B 708 -10.61 -8.89 30.35
N PHE B 709 -11.25 -10.01 30.73
CA PHE B 709 -11.87 -10.87 29.73
C PHE B 709 -13.26 -10.33 29.46
N LYS B 710 -13.39 -9.33 28.57
CA LYS B 710 -14.71 -8.94 28.11
C LYS B 710 -15.26 -10.17 27.42
N PRO B 711 -16.40 -10.75 27.86
CA PRO B 711 -16.86 -12.03 27.30
C PRO B 711 -16.95 -12.01 25.77
N ARG B 712 -17.78 -11.13 25.18
CA ARG B 712 -18.01 -11.11 23.74
C ARG B 712 -16.72 -10.87 22.92
N PHE B 713 -15.95 -9.85 23.32
CA PHE B 713 -14.75 -9.40 22.62
C PHE B 713 -13.74 -10.55 22.48
N ASN B 714 -13.45 -11.23 23.59
CA ASN B 714 -12.43 -12.23 23.66
C ASN B 714 -12.99 -13.59 23.24
N ILE B 715 -14.27 -13.78 23.07
CA ILE B 715 -14.71 -15.08 22.51
C ILE B 715 -14.74 -15.01 20.97
N VAL B 716 -15.21 -13.90 20.43
CA VAL B 716 -15.00 -13.65 19.04
C VAL B 716 -13.51 -13.76 18.72
N ASN B 717 -12.60 -13.19 19.50
CA ASN B 717 -11.18 -13.31 19.23
C ASN B 717 -10.76 -14.78 19.23
N LEU B 718 -11.29 -15.56 20.14
CA LEU B 718 -10.90 -16.94 20.21
C LEU B 718 -11.39 -17.71 19.01
N ILE B 719 -12.59 -17.45 18.55
CA ILE B 719 -13.13 -18.18 17.42
C ILE B 719 -12.39 -17.81 16.16
N ILE B 720 -12.07 -16.53 15.96
CA ILE B 720 -11.26 -16.15 14.81
C ILE B 720 -9.85 -16.78 14.82
N SER B 721 -9.18 -16.84 15.94
CA SER B 721 -7.88 -17.48 16.12
C SER B 721 -7.87 -18.95 15.84
N ILE B 722 -8.86 -19.66 16.31
CA ILE B 722 -8.96 -21.06 15.99
C ILE B 722 -9.25 -21.25 14.50
N GLY B 723 -10.03 -20.34 13.92
CA GLY B 723 -10.37 -20.50 12.55
C GLY B 723 -9.17 -20.22 11.66
N VAL B 724 -8.34 -19.26 12.00
CA VAL B 724 -7.10 -19.12 11.24
C VAL B 724 -6.18 -20.33 11.41
N GLY B 725 -5.95 -20.78 12.63
CA GLY B 725 -5.13 -21.95 12.81
C GLY B 725 -5.62 -23.19 12.06
N PHE B 726 -6.86 -23.50 12.25
CA PHE B 726 -7.45 -24.63 11.56
C PHE B 726 -7.28 -24.47 10.06
N LEU B 727 -7.53 -23.30 9.46
CA LEU B 727 -7.40 -23.25 8.00
C LEU B 727 -5.96 -23.32 7.53
N VAL B 728 -5.02 -22.73 8.22
CA VAL B 728 -3.65 -22.89 7.84
C VAL B 728 -3.21 -24.36 7.86
N THR B 729 -3.57 -25.11 8.88
CA THR B 729 -3.34 -26.54 8.90
C THR B 729 -4.06 -27.28 7.80
N ALA B 730 -5.33 -27.05 7.55
CA ALA B 730 -6.10 -27.85 6.58
C ALA B 730 -5.50 -27.62 5.22
N ILE B 731 -5.11 -26.36 4.96
CA ILE B 731 -4.62 -26.09 3.62
C ILE B 731 -3.20 -26.64 3.46
N ALA B 732 -2.41 -26.57 4.54
CA ALA B 732 -1.12 -27.29 4.61
C ALA B 732 -1.32 -28.77 4.33
N LEU B 733 -2.26 -29.45 4.95
CA LEU B 733 -2.37 -30.87 4.72
C LEU B 733 -2.82 -31.21 3.29
N SER B 734 -3.67 -30.35 2.69
CA SER B 734 -4.19 -30.56 1.33
C SER B 734 -3.13 -30.25 0.30
N SER B 735 -2.32 -29.24 0.55
CA SER B 735 -1.18 -29.00 -0.31
C SER B 735 -0.17 -30.15 -0.29
N LEU B 736 0.18 -30.68 0.89
CA LEU B 736 1.01 -31.85 0.92
C LEU B 736 0.45 -32.96 0.08
N ALA B 737 -0.77 -33.35 0.28
CA ALA B 737 -1.40 -34.42 -0.50
C ALA B 737 -1.46 -34.12 -2.02
N LEU B 738 -1.73 -32.90 -2.49
CA LEU B 738 -1.77 -32.71 -3.96
C LEU B 738 -0.36 -32.74 -4.48
N GLY B 739 0.56 -32.18 -3.76
CA GLY B 739 1.95 -32.23 -4.11
C GLY B 739 2.46 -33.63 -4.30
N ASN B 740 1.99 -34.55 -3.45
CA ASN B 740 2.44 -35.95 -3.49
C ASN B 740 1.79 -36.68 -4.64
N GLU B 741 0.61 -36.28 -5.06
CA GLU B 741 -0.10 -37.00 -6.12
C GLU B 741 0.57 -36.61 -7.41
N ALA B 742 0.58 -35.31 -7.63
CA ALA B 742 1.15 -34.63 -8.76
C ALA B 742 2.55 -35.19 -9.13
N GLY B 743 3.46 -35.33 -8.17
CA GLY B 743 4.84 -35.72 -8.37
C GLY B 743 5.64 -34.91 -9.41
N ILE B 744 5.60 -33.60 -9.33
CA ILE B 744 6.44 -32.75 -10.16
C ILE B 744 7.85 -32.73 -9.58
N GLU B 745 8.86 -33.02 -10.40
CA GLU B 745 10.24 -33.00 -9.88
C GLU B 745 10.57 -31.58 -9.46
N PRO B 746 11.02 -31.34 -8.25
CA PRO B 746 11.30 -29.95 -7.84
C PRO B 746 12.47 -29.39 -8.65
N ILE B 747 12.46 -28.10 -8.97
CA ILE B 747 13.55 -27.47 -9.71
C ILE B 747 14.91 -27.53 -8.98
N SER B 748 14.95 -27.88 -7.73
CA SER B 748 16.11 -27.80 -6.86
C SER B 748 16.98 -29.06 -7.01
N GLN B 749 16.54 -30.11 -7.70
CA GLN B 749 17.46 -31.13 -8.16
C GLN B 749 18.56 -30.56 -9.10
N PHE B 750 18.39 -29.39 -9.67
CA PHE B 750 19.46 -28.80 -10.46
C PHE B 750 20.63 -28.31 -9.59
N PHE B 751 20.32 -27.71 -8.45
CA PHE B 751 21.28 -27.30 -7.49
C PHE B 751 22.00 -28.51 -6.87
N VAL B 752 21.28 -29.59 -6.70
CA VAL B 752 21.94 -30.80 -6.26
C VAL B 752 22.99 -31.22 -7.29
N GLU B 753 22.67 -31.17 -8.59
CA GLU B 753 23.59 -31.64 -9.62
C GLU B 753 24.79 -30.71 -9.83
N ASN B 754 24.58 -29.42 -9.75
CA ASN B 754 25.45 -28.41 -10.32
C ASN B 754 26.00 -27.48 -9.27
N SER B 755 25.67 -27.62 -7.97
CA SER B 755 26.30 -26.70 -7.03
C SER B 755 27.82 -26.85 -7.09
N LYS B 756 28.38 -28.05 -7.16
CA LYS B 756 29.84 -28.04 -7.03
C LYS B 756 30.44 -27.79 -8.42
N GLU B 757 29.95 -28.45 -9.46
CA GLU B 757 30.51 -28.32 -10.79
C GLU B 757 30.35 -26.91 -11.37
N LEU B 758 29.17 -26.30 -11.32
CA LEU B 758 29.00 -24.98 -11.94
C LEU B 758 29.10 -23.88 -10.95
N ALA B 759 29.21 -24.11 -9.67
CA ALA B 759 29.26 -22.92 -8.82
C ALA B 759 30.31 -23.09 -7.76
N GLY B 760 31.05 -24.18 -7.83
CA GLY B 760 32.16 -24.31 -6.95
C GLY B 760 31.91 -24.44 -5.44
N GLY B 761 30.73 -24.78 -4.92
CA GLY B 761 30.66 -24.99 -3.49
C GLY B 761 30.00 -26.30 -3.15
N TYR B 762 30.20 -26.80 -1.96
CA TYR B 762 29.51 -27.97 -1.52
C TYR B 762 28.30 -27.65 -0.63
N ASN B 763 28.19 -26.48 -0.06
CA ASN B 763 27.06 -26.10 0.75
C ASN B 763 25.93 -25.56 -0.18
N MET B 764 24.99 -26.39 -0.61
CA MET B 764 23.93 -26.01 -1.49
C MET B 764 23.12 -24.84 -0.99
N VAL B 765 22.94 -24.65 0.29
CA VAL B 765 22.16 -23.51 0.67
C VAL B 765 22.99 -22.26 0.40
N ASN B 766 24.25 -22.18 0.83
N ASN B 766 24.24 -22.19 0.80
CA ASN B 766 25.05 -20.97 0.58
CA ASN B 766 25.00 -20.97 0.57
C ASN B 766 25.19 -20.71 -0.92
C ASN B 766 25.20 -20.71 -0.92
N VAL B 767 25.31 -21.75 -1.74
CA VAL B 767 25.49 -21.57 -3.13
C VAL B 767 24.22 -20.96 -3.72
N ILE B 768 23.06 -21.37 -3.24
CA ILE B 768 21.87 -20.78 -3.75
C ILE B 768 21.83 -19.34 -3.34
N LEU B 769 22.19 -19.03 -2.09
CA LEU B 769 22.08 -17.66 -1.68
C LEU B 769 22.99 -16.74 -2.46
N VAL B 770 24.24 -17.11 -2.76
CA VAL B 770 25.18 -16.17 -3.33
C VAL B 770 25.27 -16.36 -4.84
N ASP B 771 24.80 -17.45 -5.40
CA ASP B 771 25.04 -17.70 -6.80
C ASP B 771 23.74 -17.92 -7.59
N PHE B 772 22.97 -18.96 -7.35
CA PHE B 772 21.79 -19.19 -8.18
C PHE B 772 20.71 -18.19 -7.94
N ARG B 773 20.68 -17.53 -6.76
CA ARG B 773 19.61 -16.67 -6.37
C ARG B 773 20.18 -15.52 -5.59
N GLY B 774 21.31 -15.04 -6.06
CA GLY B 774 22.08 -14.02 -5.38
C GLY B 774 21.37 -12.67 -5.28
N LEU B 775 20.49 -12.37 -6.24
CA LEU B 775 19.81 -11.08 -6.14
C LEU B 775 18.97 -10.97 -4.86
N ASP B 776 18.30 -12.05 -4.48
CA ASP B 776 17.57 -12.01 -3.23
C ASP B 776 18.40 -11.70 -2.02
N THR B 777 19.62 -12.23 -2.01
CA THR B 777 20.49 -11.96 -0.88
C THR B 777 20.93 -10.49 -0.84
N LEU B 778 21.28 -9.94 -1.99
CA LEU B 778 21.64 -8.55 -2.07
C LEU B 778 20.43 -7.70 -1.66
N LEU B 779 19.21 -8.03 -2.10
CA LEU B 779 18.03 -7.28 -1.62
C LEU B 779 17.76 -7.45 -0.14
N GLU B 780 18.05 -8.62 0.44
CA GLU B 780 17.80 -8.82 1.86
C GLU B 780 18.76 -7.98 2.72
N VAL B 781 20.04 -7.78 2.34
CA VAL B 781 20.88 -6.91 3.17
C VAL B 781 20.44 -5.47 2.99
N LEU B 782 19.86 -5.16 1.83
CA LEU B 782 19.29 -3.82 1.69
C LEU B 782 18.11 -3.64 2.66
N VAL B 783 17.26 -4.68 2.86
CA VAL B 783 16.22 -4.54 3.87
C VAL B 783 16.82 -4.19 5.22
N LEU B 784 17.92 -4.90 5.62
CA LEU B 784 18.54 -4.66 6.92
C LEU B 784 19.10 -3.25 6.99
N GLY B 785 19.78 -2.85 5.89
CA GLY B 785 20.37 -1.55 5.94
C GLY B 785 19.29 -0.47 6.09
N ILE B 786 18.20 -0.60 5.38
CA ILE B 786 17.13 0.36 5.54
C ILE B 786 16.59 0.34 6.94
N ALA B 787 16.34 -0.87 7.47
CA ALA B 787 15.91 -0.93 8.87
C ALA B 787 16.89 -0.26 9.85
N ALA B 788 18.20 -0.37 9.59
CA ALA B 788 19.12 0.28 10.51
C ALA B 788 19.09 1.77 10.33
N LEU B 789 19.16 2.25 9.09
CA LEU B 789 19.04 3.69 8.90
C LEU B 789 17.68 4.16 9.42
N GLY B 790 16.63 3.35 9.28
CA GLY B 790 15.34 3.76 9.79
C GLY B 790 15.30 3.88 11.30
N VAL B 791 15.91 2.96 11.97
CA VAL B 791 15.97 3.04 13.40
C VAL B 791 16.71 4.33 13.78
N ILE B 792 17.83 4.66 13.13
CA ILE B 792 18.45 5.95 13.52
C ILE B 792 17.44 7.09 13.33
N ALA B 793 16.79 7.16 12.15
CA ALA B 793 15.92 8.29 11.86
C ALA B 793 14.80 8.34 12.87
N LEU B 794 14.19 7.21 13.16
CA LEU B 794 13.10 7.16 14.11
C LEU B 794 13.54 7.57 15.51
N ILE B 795 14.74 7.30 15.97
CA ILE B 795 15.15 7.72 17.29
C ILE B 795 15.64 9.18 17.27
N LYS B 796 16.44 9.61 16.34
CA LYS B 796 17.03 10.93 16.37
C LYS B 796 16.21 12.06 15.73
N LEU B 797 15.30 11.85 14.76
CA LEU B 797 14.63 13.02 14.18
C LEU B 797 13.29 13.22 14.82
N ARG B 798 13.06 14.35 15.51
CA ARG B 798 11.76 14.63 16.20
C ARG B 798 11.38 16.05 15.87
N MET B 799 10.35 16.12 15.07
CA MET B 799 9.86 17.28 14.36
C MET B 799 8.52 17.58 15.00
N THR B 800 8.09 18.85 14.93
CA THR B 800 6.82 19.25 15.55
C THR B 800 5.64 19.11 14.61
N GLY B 801 5.90 19.12 13.30
CA GLY B 801 4.83 19.14 12.32
C GLY B 801 4.62 20.53 11.72
N ARG B 802 5.22 21.58 12.29
CA ARG B 802 5.08 22.90 11.69
C ARG B 802 6.26 23.30 10.80
N GLU B 803 7.17 22.39 10.51
CA GLU B 803 8.40 22.71 9.82
C GLU B 803 8.24 22.65 8.30
N ASP B 804 7.29 21.84 7.81
CA ASP B 804 7.22 21.58 6.37
C ASP B 804 5.81 21.10 5.99
N VAL B 805 5.47 21.18 4.68
CA VAL B 805 4.09 21.24 4.17
C VAL B 805 3.91 20.95 2.66
N LYS C 5 30.80 -0.18 41.98
CA LYS C 5 29.71 -0.71 42.86
C LYS C 5 29.57 -2.24 42.74
N SER C 6 29.72 -2.85 41.55
CA SER C 6 29.84 -4.31 41.45
C SER C 6 31.28 -4.73 41.12
N ASN C 7 31.86 -5.62 41.90
CA ASN C 7 33.08 -6.34 41.53
C ASN C 7 32.77 -7.35 40.42
N ASP C 8 33.19 -7.01 39.22
CA ASP C 8 33.03 -7.81 38.01
C ASP C 8 34.33 -8.51 37.62
N VAL C 9 35.27 -8.69 38.52
CA VAL C 9 36.53 -9.32 38.18
C VAL C 9 36.31 -10.61 37.35
N LEU C 10 35.32 -11.44 37.69
CA LEU C 10 35.13 -12.69 36.99
C LEU C 10 34.44 -12.49 35.64
N LEU C 11 33.36 -11.71 35.57
CA LEU C 11 32.78 -11.40 34.28
C LEU C 11 33.79 -10.73 33.32
N HIS C 12 34.55 -9.75 33.76
CA HIS C 12 35.55 -9.11 32.89
C HIS C 12 36.67 -10.04 32.45
N SER C 13 37.06 -10.98 33.27
CA SER C 13 38.08 -11.95 32.91
C SER C 13 37.60 -12.92 31.86
N VAL C 14 36.41 -13.43 32.02
CA VAL C 14 35.90 -14.40 31.12
C VAL C 14 35.56 -13.71 29.80
N THR C 15 34.97 -12.50 29.81
CA THR C 15 34.58 -11.81 28.59
C THR C 15 35.80 -11.56 27.73
N ARG C 16 36.93 -11.16 28.33
CA ARG C 16 38.12 -11.10 27.54
C ARG C 16 38.50 -12.44 26.88
N VAL C 17 38.34 -13.62 27.44
CA VAL C 17 38.78 -14.86 26.80
C VAL C 17 37.77 -15.26 25.72
N VAL C 18 36.49 -15.29 26.05
CA VAL C 18 35.50 -15.72 25.13
C VAL C 18 35.44 -14.84 23.88
N THR C 19 35.68 -13.54 23.96
CA THR C 19 35.61 -12.61 22.84
C THR C 19 36.64 -12.98 21.76
N PHE C 20 37.86 -13.25 22.21
CA PHE C 20 38.84 -13.79 21.32
C PHE C 20 38.29 -15.00 20.53
N ILE C 21 37.66 -15.93 21.24
CA ILE C 21 37.20 -17.19 20.66
C ILE C 21 36.01 -16.95 19.76
N ILE C 22 35.03 -16.17 20.21
CA ILE C 22 33.92 -15.88 19.34
C ILE C 22 34.39 -15.17 18.07
N LEU C 23 35.22 -14.15 18.14
CA LEU C 23 35.64 -13.53 16.90
C LEU C 23 36.34 -14.52 15.96
N ALA C 24 37.24 -15.34 16.50
CA ALA C 24 37.89 -16.28 15.63
C ALA C 24 36.83 -17.19 15.01
N PHE C 25 35.86 -17.67 15.78
CA PHE C 25 34.83 -18.51 15.25
C PHE C 25 33.98 -17.75 14.25
N SER C 26 33.69 -16.48 14.48
CA SER C 26 32.94 -15.76 13.44
C SER C 26 33.68 -15.66 12.13
N VAL C 27 34.99 -15.47 12.14
CA VAL C 27 35.70 -15.43 10.87
C VAL C 27 35.69 -16.81 10.24
N TYR C 28 35.87 -17.88 10.99
CA TYR C 28 35.76 -19.20 10.38
C TYR C 28 34.39 -19.39 9.74
N LEU C 29 33.28 -19.07 10.41
CA LEU C 29 31.95 -19.21 9.88
C LEU C 29 31.82 -18.42 8.59
N PHE C 30 32.36 -17.20 8.54
CA PHE C 30 32.32 -16.47 7.29
C PHE C 30 33.05 -17.25 6.19
N PHE C 31 34.32 -17.67 6.37
CA PHE C 31 35.00 -18.28 5.25
C PHE C 31 34.48 -19.68 4.94
N ALA C 32 33.85 -20.37 5.88
CA ALA C 32 33.46 -21.72 5.62
C ALA C 32 32.20 -21.85 4.77
N GLY C 33 31.39 -20.77 4.69
CA GLY C 33 30.10 -20.78 4.07
C GLY C 33 30.00 -21.54 2.74
N HIS C 34 30.97 -21.43 1.86
CA HIS C 34 30.83 -22.03 0.55
C HIS C 34 30.77 -23.53 0.67
N ASN C 35 31.42 -24.13 1.68
CA ASN C 35 31.49 -25.56 1.63
C ASN C 35 30.94 -26.18 2.90
N ASN C 36 30.54 -25.41 3.87
CA ASN C 36 30.08 -25.94 5.13
C ASN C 36 29.15 -24.90 5.69
N PRO C 37 28.37 -25.19 6.75
CA PRO C 37 27.52 -24.16 7.34
C PRO C 37 28.25 -22.86 7.77
N GLY C 38 27.69 -21.70 7.46
CA GLY C 38 28.28 -20.41 7.73
C GLY C 38 27.94 -19.39 6.63
N GLY C 39 28.86 -18.50 6.28
CA GLY C 39 28.62 -17.49 5.27
C GLY C 39 28.51 -16.10 5.88
N GLY C 40 28.06 -15.11 5.09
CA GLY C 40 28.05 -13.73 5.50
C GLY C 40 27.08 -13.45 6.64
N PHE C 41 25.84 -13.96 6.57
N PHE C 41 25.84 -13.94 6.54
CA PHE C 41 24.90 -13.60 7.62
CA PHE C 41 24.85 -13.69 7.55
C PHE C 41 25.28 -14.27 8.93
C PHE C 41 25.27 -14.28 8.91
N ILE C 42 25.53 -15.59 8.91
CA ILE C 42 25.90 -16.29 10.11
C ILE C 42 27.19 -15.69 10.67
N GLY C 43 28.22 -15.46 9.84
CA GLY C 43 29.47 -14.89 10.28
C GLY C 43 29.23 -13.53 10.88
N GLY C 44 28.45 -12.71 10.17
CA GLY C 44 28.20 -11.36 10.61
C GLY C 44 27.46 -11.28 11.92
N LEU C 45 26.43 -12.10 12.07
CA LEU C 45 25.72 -12.12 13.33
C LEU C 45 26.63 -12.65 14.43
N MET C 46 27.45 -13.69 14.16
CA MET C 46 28.38 -14.17 15.15
C MET C 46 29.39 -13.12 15.58
N THR C 47 29.90 -12.33 14.62
CA THR C 47 30.81 -11.24 14.96
C THR C 47 30.12 -10.16 15.76
N ALA C 48 28.90 -9.81 15.36
CA ALA C 48 28.12 -8.85 16.14
C ALA C 48 27.93 -9.33 17.57
N SER C 49 27.59 -10.60 17.76
CA SER C 49 27.47 -11.20 19.09
C SER C 49 28.75 -11.03 19.90
N ALA C 50 29.94 -11.24 19.29
CA ALA C 50 31.16 -10.94 20.03
C ALA C 50 31.25 -9.47 20.45
N LEU C 51 30.91 -8.51 19.59
CA LEU C 51 31.05 -7.14 20.02
C LEU C 51 29.97 -6.85 21.04
N LEU C 52 28.78 -7.38 20.92
CA LEU C 52 27.75 -7.15 21.92
C LEU C 52 28.20 -7.69 23.25
N LEU C 53 28.79 -8.92 23.29
CA LEU C 53 29.21 -9.43 24.59
C LEU C 53 30.22 -8.50 25.27
N MET C 54 31.13 -7.83 24.52
CA MET C 54 32.02 -6.81 25.04
C MET C 54 31.21 -5.64 25.63
N TYR C 55 30.17 -5.14 24.97
CA TYR C 55 29.30 -4.09 25.52
C TYR C 55 28.56 -4.56 26.76
N LEU C 56 28.06 -5.77 26.74
CA LEU C 56 27.41 -6.35 27.91
C LEU C 56 28.33 -6.50 29.11
N GLY C 57 29.53 -7.01 28.86
CA GLY C 57 30.48 -7.34 29.89
C GLY C 57 31.12 -6.10 30.51
N PHE C 58 31.25 -5.00 29.72
CA PHE C 58 31.98 -3.86 30.19
C PHE C 58 31.00 -2.71 30.22
N ASP C 59 31.28 -1.57 29.61
CA ASP C 59 30.31 -0.46 29.55
C ASP C 59 30.51 0.31 28.25
N MET C 60 29.56 1.19 27.86
CA MET C 60 29.54 1.68 26.48
C MET C 60 30.70 2.62 26.24
N LYS C 61 31.06 3.44 27.23
CA LYS C 61 32.06 4.45 27.00
C LYS C 61 33.41 3.79 26.73
N SER C 62 33.77 2.77 27.51
CA SER C 62 35.05 2.05 27.38
C SER C 62 35.15 1.22 26.08
N ILE C 63 34.05 0.58 25.66
CA ILE C 63 34.13 -0.31 24.58
C ILE C 63 34.06 0.52 23.32
N LYS C 64 33.36 1.66 23.35
CA LYS C 64 33.40 2.52 22.18
C LYS C 64 34.80 3.08 21.98
N LYS C 65 35.61 3.37 23.02
CA LYS C 65 36.97 3.78 22.72
C LYS C 65 37.74 2.59 22.13
N ALA C 66 37.51 1.40 22.64
CA ALA C 66 38.33 0.25 22.34
C ALA C 66 38.14 -0.21 20.90
N ILE C 67 36.89 -0.21 20.40
CA ILE C 67 36.49 -0.69 19.10
C ILE C 67 35.67 0.42 18.45
N PRO C 68 36.38 1.41 17.90
CA PRO C 68 35.74 2.62 17.40
C PRO C 68 35.37 2.64 15.92
N PHE C 69 34.65 1.60 15.47
CA PHE C 69 34.17 1.45 14.10
C PHE C 69 32.98 2.36 13.85
N ASP C 70 32.92 2.88 12.61
CA ASP C 70 31.79 3.61 12.10
C ASP C 70 30.87 2.60 11.41
N PHE C 71 29.92 2.03 12.18
CA PHE C 71 28.98 1.03 11.72
C PHE C 71 28.10 1.53 10.60
N THR C 72 27.84 2.84 10.50
CA THR C 72 27.05 3.34 9.40
C THR C 72 27.81 3.33 8.08
N LYS C 73 29.10 3.67 8.12
CA LYS C 73 29.79 3.59 6.85
C LYS C 73 29.98 2.13 6.45
N MET C 74 30.09 1.26 7.41
CA MET C 74 30.17 -0.17 7.12
C MET C 74 28.90 -0.68 6.38
N ILE C 75 27.70 -0.16 6.66
CA ILE C 75 26.52 -0.44 5.84
C ILE C 75 26.71 0.04 4.42
N ALA C 76 27.03 1.31 4.23
CA ALA C 76 27.15 1.82 2.87
C ALA C 76 28.27 1.08 2.10
N PHE C 77 29.42 0.84 2.75
CA PHE C 77 30.51 0.16 2.05
C PHE C 77 30.20 -1.30 1.81
N GLY C 78 29.64 -2.00 2.82
CA GLY C 78 29.06 -3.30 2.60
C GLY C 78 28.16 -3.41 1.39
N LEU C 79 27.17 -2.51 1.31
CA LEU C 79 26.28 -2.56 0.15
C LEU C 79 27.05 -2.31 -1.12
N LEU C 80 27.87 -1.25 -1.20
CA LEU C 80 28.59 -1.06 -2.46
C LEU C 80 29.52 -2.21 -2.79
N LEU C 81 30.21 -2.82 -1.84
CA LEU C 81 31.04 -3.94 -2.20
C LEU C 81 30.22 -5.07 -2.84
N ALA C 82 29.05 -5.34 -2.28
CA ALA C 82 28.21 -6.37 -2.84
C ALA C 82 27.64 -5.99 -4.20
N ILE C 83 27.18 -4.74 -4.41
CA ILE C 83 26.75 -4.34 -5.77
C ILE C 83 27.87 -4.41 -6.82
N ILE C 84 29.01 -3.88 -6.48
CA ILE C 84 30.09 -3.80 -7.43
C ILE C 84 30.51 -5.20 -7.87
N THR C 85 30.69 -6.13 -6.94
CA THR C 85 31.05 -7.50 -7.26
C THR C 85 30.15 -8.08 -8.36
N GLY C 86 28.85 -7.75 -8.31
CA GLY C 86 27.90 -8.15 -9.32
C GLY C 86 28.17 -7.65 -10.74
N PHE C 87 29.03 -6.65 -10.95
CA PHE C 87 29.31 -6.15 -12.31
C PHE C 87 30.44 -6.90 -12.99
N GLY C 88 31.16 -7.76 -12.24
CA GLY C 88 32.11 -8.71 -12.80
C GLY C 88 31.76 -9.23 -14.17
N GLY C 89 30.56 -9.72 -14.34
CA GLY C 89 30.20 -10.29 -15.61
C GLY C 89 30.13 -9.24 -16.71
N LEU C 90 29.88 -7.97 -16.39
CA LEU C 90 29.84 -6.98 -17.47
C LEU C 90 31.21 -6.81 -18.16
N LEU C 91 32.32 -7.22 -17.52
CA LEU C 91 33.61 -7.38 -18.18
C LEU C 91 33.60 -8.44 -19.27
N VAL C 92 32.92 -9.56 -19.05
CA VAL C 92 33.06 -10.67 -19.98
C VAL C 92 31.75 -10.83 -20.76
N GLY C 93 30.92 -9.77 -20.77
CA GLY C 93 29.65 -9.74 -21.45
C GLY C 93 28.65 -10.77 -20.90
N ASP C 94 28.37 -10.69 -19.60
CA ASP C 94 27.57 -11.68 -18.91
C ASP C 94 26.52 -10.96 -18.08
N PRO C 95 25.42 -11.61 -17.77
CA PRO C 95 24.43 -10.89 -17.01
C PRO C 95 24.92 -10.43 -15.65
N TYR C 96 24.34 -9.37 -15.11
CA TYR C 96 24.67 -8.91 -13.76
C TYR C 96 24.57 -10.07 -12.75
N LEU C 97 25.48 -10.10 -11.80
CA LEU C 97 25.53 -11.01 -10.70
C LEU C 97 25.96 -12.39 -11.17
N THR C 98 26.61 -12.53 -12.32
CA THR C 98 27.32 -13.76 -12.64
C THR C 98 28.55 -13.91 -11.74
N GLN C 99 28.76 -15.10 -11.17
CA GLN C 99 29.81 -15.38 -10.17
C GLN C 99 30.80 -16.26 -10.90
N TYR C 100 32.06 -16.17 -10.56
CA TYR C 100 33.17 -16.85 -11.23
C TYR C 100 34.08 -17.52 -10.21
N PHE C 101 34.60 -18.70 -10.51
CA PHE C 101 35.62 -19.30 -9.65
C PHE C 101 36.63 -20.01 -10.50
N GLU C 102 37.90 -19.93 -10.10
CA GLU C 102 38.96 -20.75 -10.67
C GLU C 102 39.82 -21.36 -9.56
N TYR C 103 40.42 -22.57 -9.76
CA TYR C 103 41.53 -23.10 -8.93
C TYR C 103 42.85 -22.61 -9.51
N TYR C 104 43.43 -21.53 -8.94
CA TYR C 104 44.81 -21.09 -9.20
C TYR C 104 45.83 -21.94 -8.42
N GLN C 105 47.14 -21.86 -8.76
CA GLN C 105 48.22 -22.44 -7.97
C GLN C 105 49.12 -21.34 -7.46
N ILE C 106 49.26 -21.24 -6.14
CA ILE C 106 50.24 -20.39 -5.53
C ILE C 106 51.27 -21.34 -4.93
N PRO C 107 52.58 -21.19 -5.23
CA PRO C 107 53.62 -21.91 -4.50
C PRO C 107 53.52 -21.85 -2.96
N ILE C 108 53.43 -20.63 -2.40
CA ILE C 108 53.44 -20.37 -0.95
C ILE C 108 52.41 -21.25 -0.27
N LEU C 109 51.15 -21.03 -0.66
CA LEU C 109 50.03 -21.76 -0.10
C LEU C 109 49.93 -23.14 -0.76
N GLY C 110 49.33 -23.19 -1.96
CA GLY C 110 49.04 -24.41 -2.68
C GLY C 110 47.91 -24.16 -3.68
N GLU C 111 47.25 -25.22 -4.14
CA GLU C 111 46.05 -25.06 -4.95
C GLU C 111 45.04 -24.27 -4.13
N THR C 112 44.49 -23.18 -4.69
CA THR C 112 43.55 -22.34 -3.97
C THR C 112 42.39 -21.95 -4.90
N GLU C 113 41.15 -21.98 -4.39
CA GLU C 113 40.01 -21.55 -5.18
C GLU C 113 39.74 -20.06 -4.91
N LEU C 114 39.87 -19.23 -5.95
CA LEU C 114 39.35 -17.87 -5.93
C LEU C 114 37.93 -17.81 -6.54
N THR C 115 37.01 -17.06 -5.92
CA THR C 115 35.61 -16.92 -6.31
C THR C 115 35.15 -15.45 -6.15
N THR C 116 34.33 -14.91 -7.03
CA THR C 116 33.72 -13.58 -6.77
C THR C 116 32.74 -13.65 -5.61
N ALA C 117 32.24 -14.86 -5.33
CA ALA C 117 31.38 -15.11 -4.18
C ALA C 117 32.04 -14.70 -2.86
N LEU C 118 33.35 -14.72 -2.74
CA LEU C 118 33.98 -14.24 -1.53
C LEU C 118 33.82 -12.73 -1.31
N PRO C 119 34.20 -11.84 -2.23
CA PRO C 119 33.90 -10.43 -2.01
C PRO C 119 32.38 -10.19 -1.95
N PHE C 120 31.56 -10.96 -2.65
CA PHE C 120 30.15 -10.69 -2.56
C PHE C 120 29.70 -10.94 -1.14
N ASP C 121 30.10 -12.09 -0.63
CA ASP C 121 29.72 -12.50 0.71
C ASP C 121 30.44 -11.64 1.74
N LEU C 122 31.55 -11.01 1.43
CA LEU C 122 32.15 -10.05 2.37
C LEU C 122 31.31 -8.77 2.48
N GLY C 123 30.64 -8.42 1.38
CA GLY C 123 29.81 -7.26 1.43
C GLY C 123 28.62 -7.58 2.33
N ILE C 124 28.01 -8.75 2.18
CA ILE C 124 26.90 -9.14 3.03
C ILE C 124 27.33 -9.06 4.50
N TYR C 125 28.46 -9.67 4.83
CA TYR C 125 29.05 -9.69 6.14
C TYR C 125 29.21 -8.30 6.72
N LEU C 126 29.72 -7.32 5.96
CA LEU C 126 29.87 -5.99 6.54
C LEU C 126 28.55 -5.34 6.82
N VAL C 127 27.57 -5.53 5.96
CA VAL C 127 26.30 -4.92 6.30
C VAL C 127 25.77 -5.58 7.58
N VAL C 128 25.87 -6.90 7.71
CA VAL C 128 25.22 -7.57 8.83
C VAL C 128 25.86 -7.11 10.12
N VAL C 129 27.15 -6.90 10.14
CA VAL C 129 27.72 -6.45 11.42
C VAL C 129 27.28 -5.01 11.65
N GLY C 130 27.39 -4.20 10.59
CA GLY C 130 27.05 -2.81 10.66
C GLY C 130 25.63 -2.58 11.14
N ILE C 131 24.66 -3.29 10.62
CA ILE C 131 23.29 -3.05 11.02
C ILE C 131 22.97 -3.54 12.43
N ALA C 132 23.59 -4.65 12.85
CA ALA C 132 23.33 -5.16 14.20
C ALA C 132 23.84 -4.19 15.25
N LEU C 133 24.99 -3.64 15.01
CA LEU C 133 25.56 -2.75 15.99
C LEU C 133 24.86 -1.41 15.90
N THR C 134 24.49 -0.94 14.73
CA THR C 134 23.82 0.38 14.61
C THR C 134 22.45 0.31 15.29
N ILE C 135 21.74 -0.79 15.05
CA ILE C 135 20.45 -0.92 15.71
C ILE C 135 20.59 -1.00 17.21
N ILE C 136 21.46 -1.87 17.72
CA ILE C 136 21.48 -2.07 19.16
C ILE C 136 22.09 -0.88 19.89
N LEU C 137 23.12 -0.29 19.31
CA LEU C 137 23.74 0.83 19.99
C LEU C 137 22.90 2.10 19.91
N THR C 138 22.02 2.25 18.94
CA THR C 138 21.30 3.50 18.79
C THR C 138 20.21 3.50 19.80
N ILE C 139 19.59 2.33 20.01
CA ILE C 139 18.60 2.16 21.04
C ILE C 139 19.24 2.30 22.42
N ALA C 140 20.30 1.60 22.72
CA ALA C 140 20.91 1.63 24.05
C ALA C 140 21.34 3.06 24.43
N GLU C 141 21.82 3.83 23.49
CA GLU C 141 22.17 5.20 23.79
C GLU C 141 21.04 6.21 23.63
N ASP C 142 19.81 5.80 23.34
CA ASP C 142 18.66 6.70 23.25
C ASP C 142 18.34 7.26 24.63
N ASP C 143 18.82 8.49 24.87
CA ASP C 143 18.55 9.24 26.10
C ASP C 143 17.09 9.65 26.17
N MET C 144 16.65 10.38 25.12
CA MET C 144 15.33 11.03 25.04
C MET C 144 14.18 9.99 24.95
N MET D 1 4.79 -37.16 10.18
CA MET D 1 5.71 -36.00 10.63
C MET D 1 5.46 -34.61 9.97
N GLU D 2 5.13 -34.61 8.64
CA GLU D 2 4.60 -33.43 7.98
C GLU D 2 3.24 -33.14 8.61
N ILE D 3 2.52 -34.15 9.09
CA ILE D 3 1.25 -33.93 9.74
C ILE D 3 1.37 -33.27 11.09
N LEU D 4 2.23 -33.80 11.91
CA LEU D 4 2.48 -33.22 13.18
C LEU D 4 3.03 -31.80 13.04
N MET D 5 3.93 -31.54 12.08
CA MET D 5 4.42 -30.17 11.93
C MET D 5 3.37 -29.27 11.32
N SER D 6 2.50 -29.75 10.43
CA SER D 6 1.38 -28.91 9.99
C SER D 6 0.44 -28.54 11.15
N ILE D 7 0.25 -29.43 12.10
CA ILE D 7 -0.51 -29.06 13.28
C ILE D 7 0.20 -28.03 14.19
N THR D 8 1.46 -28.21 14.43
CA THR D 8 2.25 -27.24 15.20
C THR D 8 2.17 -25.87 14.51
N VAL D 9 2.23 -25.76 13.19
CA VAL D 9 2.06 -24.49 12.55
C VAL D 9 0.70 -23.91 12.90
N GLY D 10 -0.34 -24.74 12.80
CA GLY D 10 -1.70 -24.36 13.18
C GLY D 10 -1.73 -23.69 14.54
N VAL D 11 -1.11 -24.33 15.52
CA VAL D 11 -1.03 -23.74 16.82
C VAL D 11 -0.25 -22.43 16.87
N LEU D 12 0.91 -22.26 16.25
CA LEU D 12 1.50 -20.94 16.18
C LEU D 12 0.53 -19.95 15.52
N PHE D 13 -0.16 -20.30 14.45
CA PHE D 13 -1.07 -19.34 13.83
C PHE D 13 -2.21 -19.00 14.75
N MET D 14 -2.69 -20.00 15.49
CA MET D 14 -3.82 -19.70 16.35
C MET D 14 -3.46 -18.79 17.53
N VAL D 15 -2.35 -19.02 18.21
CA VAL D 15 -1.92 -18.16 19.30
C VAL D 15 -1.44 -16.83 18.74
N GLY D 16 -0.70 -16.83 17.65
CA GLY D 16 -0.15 -15.59 17.14
C GLY D 16 -1.35 -14.72 16.73
N THR D 17 -2.36 -15.28 16.14
CA THR D 17 -3.56 -14.51 15.82
C THR D 17 -4.29 -14.05 17.06
N TYR D 18 -4.37 -14.87 18.07
CA TYR D 18 -5.02 -14.40 19.28
C TYR D 18 -4.26 -13.22 19.83
N LEU D 19 -2.92 -13.28 19.88
CA LEU D 19 -2.22 -12.16 20.45
C LEU D 19 -2.35 -10.84 19.64
N ILE D 20 -2.45 -10.91 18.31
CA ILE D 20 -2.52 -9.65 17.61
C ILE D 20 -3.91 -9.02 17.81
N LEU D 21 -4.89 -9.78 18.31
CA LEU D 21 -6.22 -9.23 18.59
C LEU D 21 -6.35 -8.68 19.99
N THR D 22 -5.31 -8.57 20.78
CA THR D 22 -5.33 -7.97 22.11
C THR D 22 -5.04 -6.47 22.03
N LYS D 23 -5.11 -5.80 23.18
CA LYS D 23 -5.02 -4.36 23.34
C LYS D 23 -3.61 -3.99 23.69
N SER D 24 -2.72 -4.93 24.01
CA SER D 24 -1.36 -4.57 24.44
C SER D 24 -0.42 -4.48 23.23
N LEU D 25 0.30 -3.40 23.13
CA LEU D 25 1.34 -3.19 22.13
C LEU D 25 2.35 -4.32 22.11
N LEU D 26 2.84 -4.74 23.29
CA LEU D 26 3.88 -5.74 23.34
C LEU D 26 3.27 -7.08 22.90
N ARG D 27 2.05 -7.39 23.35
CA ARG D 27 1.45 -8.63 22.93
C ARG D 27 1.22 -8.69 21.44
N VAL D 28 0.99 -7.58 20.77
CA VAL D 28 0.83 -7.61 19.33
C VAL D 28 2.17 -7.92 18.67
N VAL D 29 3.21 -7.27 19.12
CA VAL D 29 4.51 -7.57 18.54
C VAL D 29 4.88 -9.06 18.76
N VAL D 30 4.65 -9.62 19.95
CA VAL D 30 4.90 -11.03 20.10
C VAL D 30 4.05 -11.91 19.19
N GLY D 31 2.75 -11.64 19.03
CA GLY D 31 1.93 -12.38 18.13
C GLY D 31 2.53 -12.38 16.72
N LEU D 32 3.09 -11.20 16.30
CA LEU D 32 3.65 -11.08 14.96
C LEU D 32 4.93 -11.90 14.86
N ILE D 33 5.73 -11.97 15.93
CA ILE D 33 6.88 -12.90 15.97
C ILE D 33 6.45 -14.36 15.96
N LEU D 34 5.39 -14.75 16.67
CA LEU D 34 5.00 -16.12 16.50
C LEU D 34 4.48 -16.46 15.08
N LEU D 35 3.72 -15.57 14.44
CA LEU D 35 3.25 -15.88 13.11
C LEU D 35 4.47 -16.03 12.18
N SER D 36 5.49 -15.21 12.33
CA SER D 36 6.64 -15.42 11.47
C SER D 36 7.21 -16.81 11.71
N HIS D 37 7.42 -17.23 12.99
CA HIS D 37 7.94 -18.57 13.25
C HIS D 37 7.10 -19.61 12.58
N GLY D 38 5.78 -19.48 12.72
CA GLY D 38 4.96 -20.42 12.02
C GLY D 38 5.14 -20.48 10.52
N ALA D 39 5.21 -19.33 9.88
CA ALA D 39 5.35 -19.34 8.42
C ALA D 39 6.68 -19.99 8.03
N HIS D 40 7.70 -19.74 8.82
CA HIS D 40 8.98 -20.32 8.45
C HIS D 40 8.97 -21.82 8.69
N LEU D 41 8.34 -22.29 9.79
CA LEU D 41 8.22 -23.72 9.98
C LEU D 41 7.34 -24.36 8.91
N LEU D 42 6.32 -23.59 8.42
CA LEU D 42 5.44 -24.10 7.36
C LEU D 42 6.20 -24.32 6.06
N LEU D 43 7.08 -23.37 5.72
CA LEU D 43 7.79 -23.45 4.43
C LEU D 43 8.74 -24.63 4.44
N LEU D 44 9.35 -24.96 5.59
CA LEU D 44 10.16 -26.19 5.67
C LEU D 44 9.33 -27.44 5.57
N THR D 45 8.24 -27.53 6.37
CA THR D 45 7.37 -28.71 6.30
C THR D 45 6.78 -29.01 4.91
N MET D 46 6.41 -27.93 4.18
CA MET D 46 5.81 -28.09 2.88
C MET D 46 6.79 -28.67 1.89
N ALA D 47 8.10 -28.48 2.10
CA ALA D 47 9.07 -29.10 1.17
C ALA D 47 9.27 -30.60 1.35
N GLY D 48 8.75 -31.20 2.45
CA GLY D 48 8.92 -32.62 2.86
C GLY D 48 9.96 -32.68 3.97
N LEU D 49 9.74 -33.42 5.04
CA LEU D 49 10.73 -33.37 6.12
C LEU D 49 11.45 -34.71 6.13
N GLN D 50 12.74 -34.70 6.51
CA GLN D 50 13.54 -35.86 6.87
C GLN D 50 13.76 -36.76 5.65
N ARG D 51 13.96 -36.10 4.53
CA ARG D 51 13.93 -36.74 3.23
C ARG D 51 15.33 -37.08 2.71
N GLY D 52 16.35 -36.46 3.27
CA GLY D 52 17.70 -36.96 3.23
C GLY D 52 18.65 -36.13 4.08
N ALA D 53 19.93 -36.15 3.68
CA ALA D 53 20.95 -35.59 4.50
C ALA D 53 20.80 -34.10 4.52
N PRO D 54 21.47 -33.42 5.44
CA PRO D 54 21.60 -31.98 5.35
C PRO D 54 22.26 -31.66 4.00
N PRO D 55 21.93 -30.54 3.37
CA PRO D 55 22.32 -30.34 1.97
C PRO D 55 23.77 -29.86 1.80
N LEU D 56 24.71 -30.80 2.05
CA LEU D 56 26.13 -30.54 2.00
C LEU D 56 26.75 -31.62 1.15
N LEU D 57 27.18 -31.28 -0.10
CA LEU D 57 27.44 -32.30 -1.11
C LEU D 57 28.63 -33.17 -0.77
N HIS D 58 29.48 -32.70 0.10
CA HIS D 58 30.64 -33.48 0.44
C HIS D 58 30.26 -34.68 1.28
N LEU D 59 28.99 -34.76 1.75
CA LEU D 59 28.52 -35.89 2.54
C LEU D 59 28.25 -37.05 1.61
N GLU D 60 28.28 -36.81 0.31
CA GLU D 60 28.07 -37.86 -0.68
C GLU D 60 26.91 -38.77 -0.29
N ALA D 61 25.76 -38.17 0.08
CA ALA D 61 24.52 -38.89 0.41
C ALA D 61 23.77 -39.18 -0.87
N THR D 62 22.77 -40.07 -0.76
CA THR D 62 21.93 -40.43 -1.92
C THR D 62 20.86 -39.39 -2.19
N THR D 63 20.30 -38.87 -1.11
CA THR D 63 19.18 -37.96 -1.13
C THR D 63 19.57 -36.84 -0.22
N TYR D 64 19.31 -35.62 -0.58
CA TYR D 64 19.54 -34.56 0.34
C TYR D 64 18.20 -33.98 0.68
N SER D 65 18.04 -33.41 1.87
CA SER D 65 16.86 -32.60 2.14
C SER D 65 16.86 -31.43 1.14
N ASP D 66 15.71 -30.90 0.76
CA ASP D 66 15.61 -29.93 -0.30
C ASP D 66 16.28 -28.62 0.11
N PRO D 67 17.31 -28.11 -0.62
CA PRO D 67 18.02 -26.93 -0.18
C PRO D 67 17.28 -25.66 -0.59
N LEU D 68 16.37 -25.69 -1.56
CA LEU D 68 15.83 -24.40 -1.94
C LEU D 68 14.99 -23.78 -0.85
N PRO D 69 14.12 -24.49 -0.14
CA PRO D 69 13.36 -23.88 0.94
C PRO D 69 14.22 -23.37 2.08
N GLN D 70 15.29 -24.08 2.38
CA GLN D 70 16.19 -23.66 3.39
C GLN D 70 16.73 -22.31 3.00
N ALA D 71 17.07 -22.08 1.71
CA ALA D 71 17.57 -20.73 1.37
C ALA D 71 16.45 -19.71 1.43
N LEU D 72 15.19 -20.10 1.06
CA LEU D 72 14.10 -19.14 1.21
C LEU D 72 13.90 -18.77 2.67
N ILE D 73 13.92 -19.77 3.57
CA ILE D 73 13.71 -19.46 4.96
C ILE D 73 14.83 -18.57 5.50
N LEU D 74 16.09 -18.84 5.09
CA LEU D 74 17.11 -17.97 5.60
C LEU D 74 16.77 -16.51 5.23
N THR D 75 16.44 -16.27 4.01
CA THR D 75 16.14 -14.91 3.63
C THR D 75 14.98 -14.34 4.47
N ALA D 76 13.90 -15.12 4.56
CA ALA D 76 12.75 -14.68 5.32
C ALA D 76 13.07 -14.41 6.80
N ILE D 77 13.92 -15.23 7.43
CA ILE D 77 14.26 -14.94 8.79
C ILE D 77 15.02 -13.65 8.92
N VAL D 78 15.84 -13.39 7.90
CA VAL D 78 16.72 -12.25 7.96
C VAL D 78 15.89 -11.01 7.71
N ILE D 79 15.01 -11.02 6.72
CA ILE D 79 14.11 -9.88 6.56
C ILE D 79 13.31 -9.60 7.83
N SER D 80 12.71 -10.65 8.37
CA SER D 80 11.89 -10.56 9.53
C SER D 80 12.66 -9.96 10.71
N PHE D 81 13.93 -10.21 10.77
CA PHE D 81 14.72 -9.64 11.85
C PHE D 81 14.79 -8.13 11.73
N GLY D 82 15.03 -7.71 10.45
CA GLY D 82 15.08 -6.30 10.13
C GLY D 82 13.79 -5.55 10.49
N VAL D 83 12.72 -6.10 10.04
CA VAL D 83 11.42 -5.53 10.29
C VAL D 83 11.04 -5.56 11.76
N THR D 84 11.32 -6.62 12.50
CA THR D 84 10.92 -6.66 13.90
C THR D 84 11.71 -5.62 14.66
N SER D 85 12.98 -5.44 14.26
CA SER D 85 13.74 -4.40 14.92
C SER D 85 13.02 -3.08 14.80
N PHE D 86 12.61 -2.80 13.56
CA PHE D 86 12.10 -1.49 13.25
C PHE D 86 10.79 -1.34 14.00
N LEU D 87 10.00 -2.39 13.96
CA LEU D 87 8.74 -2.37 14.70
C LEU D 87 8.88 -2.23 16.21
N LEU D 88 9.85 -2.82 16.88
CA LEU D 88 10.00 -2.64 18.31
C LEU D 88 10.36 -1.22 18.63
N VAL D 89 11.23 -0.61 17.83
CA VAL D 89 11.52 0.79 18.10
C VAL D 89 10.30 1.64 17.80
N LEU D 90 9.56 1.40 16.72
CA LEU D 90 8.39 2.19 16.49
C LEU D 90 7.40 2.05 17.64
N ALA D 91 7.25 0.86 18.20
CA ALA D 91 6.37 0.64 19.34
C ALA D 91 6.77 1.45 20.54
N TYR D 92 8.04 1.44 20.91
CA TYR D 92 8.43 2.19 22.10
C TYR D 92 8.38 3.70 21.86
N ARG D 93 8.75 4.19 20.69
CA ARG D 93 8.62 5.61 20.40
C ARG D 93 7.16 6.02 20.50
N THR D 94 6.21 5.16 20.06
CA THR D 94 4.79 5.42 20.17
C THR D 94 4.34 5.46 21.64
N TYR D 95 4.85 4.58 22.48
CA TYR D 95 4.43 4.53 23.86
C TYR D 95 4.90 5.81 24.52
N LYS D 96 6.16 6.24 24.22
CA LYS D 96 6.77 7.35 24.91
C LYS D 96 5.99 8.60 24.64
N GLU D 97 5.52 8.76 23.39
CA GLU D 97 4.88 9.97 22.97
C GLU D 97 3.46 9.99 23.51
N HIS D 98 2.77 8.89 23.50
CA HIS D 98 1.35 8.82 23.90
C HIS D 98 1.17 8.44 25.35
N LYS D 99 2.23 8.01 26.00
CA LYS D 99 2.17 7.60 27.40
C LYS D 99 1.17 6.46 27.61
N THR D 100 0.88 5.67 26.57
CA THR D 100 0.02 4.48 26.71
C THR D 100 0.47 3.38 25.80
N ASP D 101 0.36 2.13 26.25
CA ASP D 101 0.65 0.96 25.39
C ASP D 101 -0.65 0.26 25.00
N ASP D 102 -1.76 0.70 25.58
CA ASP D 102 -3.09 0.21 25.24
C ASP D 102 -3.53 0.74 23.88
N LEU D 103 -3.82 -0.17 22.96
CA LEU D 103 -4.24 0.21 21.61
C LEU D 103 -5.64 0.85 21.56
N ASP D 104 -6.49 0.58 22.59
CA ASP D 104 -7.75 1.30 22.73
C ASP D 104 -7.55 2.81 22.89
N GLN D 105 -6.48 3.19 23.57
CA GLN D 105 -6.18 4.60 23.79
C GLN D 105 -5.51 5.20 22.57
N LEU D 106 -5.09 4.37 21.60
CA LEU D 106 -4.42 4.88 20.41
C LEU D 106 -5.41 5.01 19.25
N ARG D 107 -6.71 4.99 19.52
CA ARG D 107 -7.70 5.06 18.45
C ARG D 107 -7.63 6.37 17.68
N GLY D 108 -7.39 7.49 18.37
CA GLY D 108 -7.42 8.81 17.72
C GLY D 108 -8.83 9.38 17.64
N SER D 109 -8.96 10.58 17.04
CA SER D 109 -10.26 11.25 16.84
C SER D 109 -11.16 10.46 15.87
N ALA D 110 -12.48 10.49 16.10
CA ALA D 110 -13.45 9.71 15.32
C ALA D 110 -13.93 10.52 14.12
N ASP D 111 -13.97 9.90 12.92
CA ASP D 111 -14.13 10.64 11.67
C ASP D 111 -13.05 11.72 11.63
N GLU D 112 -11.76 11.31 11.56
CA GLU D 112 -10.65 12.13 12.05
C GLU D 112 -10.85 13.62 11.68
N MET E 1 57.51 -17.75 30.04
CA MET E 1 56.79 -18.99 29.60
C MET E 1 56.49 -18.84 28.11
N ALA E 2 56.05 -17.65 27.71
CA ALA E 2 55.77 -17.42 26.31
C ALA E 2 57.10 -17.32 25.59
N PHE E 3 58.11 -16.62 26.18
CA PHE E 3 59.45 -16.63 25.58
C PHE E 3 59.93 -18.06 25.29
N GLN E 4 59.92 -18.95 26.30
CA GLN E 4 60.49 -20.28 26.16
C GLN E 4 59.69 -21.09 25.14
N ILE E 5 58.36 -21.00 25.13
CA ILE E 5 57.59 -21.81 24.20
C ILE E 5 57.95 -21.40 22.77
N LEU E 6 58.06 -20.09 22.56
CA LEU E 6 58.41 -19.57 21.24
C LEU E 6 59.79 -20.07 20.83
N LEU E 7 60.81 -19.95 21.74
CA LEU E 7 62.15 -20.46 21.51
C LEU E 7 62.09 -21.93 21.11
N ASN E 8 61.31 -22.70 21.83
CA ASN E 8 61.25 -24.12 21.60
C ASN E 8 60.73 -24.40 20.20
N LEU E 9 59.73 -23.67 19.77
CA LEU E 9 59.16 -23.84 18.43
C LEU E 9 60.19 -23.47 17.38
N VAL E 10 60.95 -22.37 17.60
CA VAL E 10 62.06 -21.98 16.73
C VAL E 10 63.09 -23.12 16.61
N ILE E 11 63.48 -23.71 17.74
CA ILE E 11 64.40 -24.82 17.75
C ILE E 11 63.86 -26.00 16.93
N ALA E 12 62.57 -26.35 17.12
CA ALA E 12 61.98 -27.46 16.38
C ALA E 12 61.90 -27.08 14.90
N VAL E 13 61.46 -25.85 14.59
CA VAL E 13 61.29 -25.38 13.22
C VAL E 13 62.57 -25.64 12.44
N ILE E 14 63.71 -25.19 13.02
CA ILE E 14 64.97 -25.27 12.31
C ILE E 14 65.29 -26.75 12.21
N TRP E 15 65.27 -27.42 13.37
CA TRP E 15 65.59 -28.83 13.46
C TRP E 15 64.86 -29.68 12.43
N VAL E 16 63.60 -29.38 12.13
CA VAL E 16 62.95 -30.26 11.15
C VAL E 16 63.54 -30.06 9.74
N ASN E 17 64.13 -28.89 9.45
CA ASN E 17 64.74 -28.64 8.15
C ASN E 17 65.97 -29.50 8.05
N PHE E 18 66.80 -29.35 9.08
CA PHE E 18 68.05 -30.06 9.24
C PHE E 18 67.77 -31.55 9.16
N GLN E 19 66.64 -31.98 9.74
CA GLN E 19 66.33 -33.41 9.71
C GLN E 19 65.44 -33.75 8.52
N ASN E 20 65.41 -32.87 7.50
CA ASN E 20 64.75 -33.07 6.20
C ASN E 20 63.29 -33.55 6.28
N SER E 21 62.62 -33.40 7.44
CA SER E 21 61.22 -33.80 7.54
C SER E 21 60.32 -32.59 7.73
N TYR E 22 59.36 -32.37 6.82
CA TYR E 22 58.30 -31.42 7.12
C TYR E 22 57.11 -32.30 7.50
N THR E 23 57.45 -33.58 7.74
CA THR E 23 56.55 -34.58 8.27
C THR E 23 56.25 -34.22 9.72
N ALA E 24 55.12 -34.69 10.24
CA ALA E 24 54.61 -34.24 11.54
C ALA E 24 55.43 -34.77 12.72
N VAL E 25 55.58 -36.11 12.89
CA VAL E 25 56.16 -36.69 14.11
C VAL E 25 57.56 -36.12 14.39
N ASP E 26 58.25 -35.59 13.37
CA ASP E 26 59.59 -35.04 13.52
C ASP E 26 59.56 -33.73 14.32
N PHE E 27 58.53 -32.91 14.06
CA PHE E 27 58.27 -31.70 14.82
C PHE E 27 58.29 -32.03 16.31
N LEU E 28 57.74 -33.20 16.70
CA LEU E 28 57.69 -33.63 18.11
C LEU E 28 59.10 -33.96 18.60
N ILE E 29 59.82 -34.86 17.89
CA ILE E 29 61.22 -35.14 18.21
C ILE E 29 61.96 -33.82 18.38
N GLY E 30 61.81 -32.93 17.37
CA GLY E 30 62.42 -31.62 17.36
C GLY E 30 62.03 -30.81 18.60
N TYR E 31 60.73 -30.79 18.93
CA TYR E 31 60.24 -29.97 20.04
C TYR E 31 60.82 -30.54 21.33
N VAL E 32 60.86 -31.87 21.41
CA VAL E 32 61.35 -32.53 22.61
C VAL E 32 62.81 -32.13 22.82
N VAL E 33 63.66 -32.17 21.78
CA VAL E 33 65.06 -31.78 21.99
C VAL E 33 65.09 -30.30 22.37
N GLY E 34 64.22 -29.46 21.78
CA GLY E 34 64.11 -28.06 22.21
C GLY E 34 63.85 -28.00 23.73
N ILE E 35 63.02 -28.92 24.28
CA ILE E 35 62.76 -28.97 25.71
C ILE E 35 64.04 -29.30 26.46
N PHE E 36 64.65 -30.47 26.20
CA PHE E 36 65.97 -30.80 26.75
C PHE E 36 67.00 -29.70 26.47
N ILE E 37 67.07 -29.14 25.24
CA ILE E 37 67.99 -28.02 25.07
C ILE E 37 67.71 -26.95 26.14
N LEU E 38 66.45 -26.50 26.27
CA LEU E 38 66.10 -25.43 27.21
C LEU E 38 66.32 -25.87 28.66
N PHE E 39 66.02 -27.14 28.95
CA PHE E 39 66.22 -27.66 30.30
C PHE E 39 67.70 -27.62 30.68
N VAL E 40 68.59 -28.07 29.78
CA VAL E 40 70.02 -28.08 30.03
C VAL E 40 70.52 -26.65 30.24
N LEU E 41 70.01 -25.72 29.41
CA LEU E 41 70.49 -24.37 29.43
C LEU E 41 69.75 -23.49 30.43
N ARG E 42 68.76 -24.03 31.17
CA ARG E 42 67.93 -23.18 32.03
C ARG E 42 68.80 -22.52 33.10
N ARG E 43 69.76 -23.27 33.65
CA ARG E 43 70.64 -22.71 34.66
C ARG E 43 71.57 -21.69 33.99
N PHE E 44 72.01 -22.01 32.75
CA PHE E 44 72.91 -21.13 32.00
C PHE E 44 72.21 -19.79 31.76
N LEU E 45 70.92 -19.85 31.41
CA LEU E 45 70.11 -18.65 31.22
C LEU E 45 69.50 -18.28 32.57
N ARG E 46 68.35 -17.62 32.59
CA ARG E 46 67.77 -17.27 33.86
C ARG E 46 66.43 -17.99 34.05
N PHE E 47 66.07 -18.90 33.10
CA PHE E 47 64.73 -19.43 32.87
C PHE E 47 64.08 -20.20 34.05
N ASP E 48 62.89 -19.75 34.53
CA ASP E 48 61.99 -20.64 35.24
C ASP E 48 61.51 -21.59 34.17
N PHE E 49 61.91 -22.86 34.23
CA PHE E 49 61.79 -23.72 33.08
C PHE E 49 60.30 -23.83 32.87
N TYR E 50 59.79 -23.77 31.63
CA TYR E 50 58.36 -23.54 31.39
C TYR E 50 57.56 -24.81 31.66
N MET E 51 58.18 -26.00 31.48
CA MET E 51 57.39 -27.22 31.58
C MET E 51 56.91 -27.49 33.04
N ARG E 52 57.54 -26.94 34.03
CA ARG E 52 57.01 -27.01 35.36
C ARG E 52 55.61 -26.35 35.40
N ARG E 53 55.46 -25.17 34.79
CA ARG E 53 54.20 -24.46 34.76
C ARG E 53 53.19 -25.20 33.87
N VAL E 54 53.64 -25.83 32.79
CA VAL E 54 52.72 -26.54 31.92
C VAL E 54 52.15 -27.76 32.61
N TRP E 55 52.92 -28.36 33.50
CA TRP E 55 52.50 -29.48 34.31
C TRP E 55 51.52 -29.01 35.40
N ALA E 56 51.82 -27.93 36.12
CA ALA E 56 50.94 -27.28 37.05
C ALA E 56 49.54 -27.08 36.46
N ILE E 57 49.51 -26.70 35.18
CA ILE E 57 48.28 -26.40 34.50
C ILE E 57 47.57 -27.70 34.21
N ILE E 58 48.26 -28.70 33.73
CA ILE E 58 47.58 -29.94 33.43
C ILE E 58 46.92 -30.51 34.71
N LYS E 59 47.58 -30.33 35.82
CA LYS E 59 47.09 -30.86 37.04
C LYS E 59 45.88 -30.04 37.52
N LEU E 60 45.86 -28.71 37.29
CA LEU E 60 44.71 -27.88 37.53
C LEU E 60 43.55 -28.30 36.63
N ILE E 61 43.77 -28.53 35.35
CA ILE E 61 42.68 -29.04 34.54
C ILE E 61 42.15 -30.33 35.13
N VAL E 62 43.00 -31.22 35.64
CA VAL E 62 42.53 -32.50 36.13
C VAL E 62 41.69 -32.28 37.36
N LEU E 63 42.06 -31.29 38.15
CA LEU E 63 41.37 -31.03 39.38
C LEU E 63 39.99 -30.40 39.10
N PHE E 64 39.88 -29.57 38.09
CA PHE E 64 38.63 -28.99 37.67
C PHE E 64 37.71 -30.17 37.36
N PHE E 65 38.17 -31.13 36.59
CA PHE E 65 37.37 -32.29 36.29
C PHE E 65 37.09 -33.20 37.50
N LYS E 66 38.05 -33.40 38.40
CA LYS E 66 37.83 -34.31 39.51
C LYS E 66 36.75 -33.71 40.40
N GLU E 67 36.85 -32.44 40.74
CA GLU E 67 35.92 -31.79 41.65
C GLU E 67 34.50 -31.76 41.06
N LEU E 68 34.37 -31.55 39.73
CA LEU E 68 33.08 -31.57 39.08
C LEU E 68 32.40 -32.93 39.20
N ILE E 69 33.13 -34.01 39.05
CA ILE E 69 32.60 -35.36 39.28
C ILE E 69 32.15 -35.57 40.71
N LEU E 70 32.92 -35.10 41.65
CA LEU E 70 32.54 -35.22 43.05
C LEU E 70 31.33 -34.36 43.32
N ALA E 71 31.30 -33.13 42.75
CA ALA E 71 30.19 -32.22 42.96
C ALA E 71 28.87 -32.85 42.50
N ASN E 72 28.93 -33.61 41.40
CA ASN E 72 27.75 -34.24 40.91
C ASN E 72 27.29 -35.41 41.77
N ILE E 73 28.22 -36.16 42.35
CA ILE E 73 27.89 -37.18 43.32
C ILE E 73 27.16 -36.58 44.53
N ASP E 74 27.61 -35.40 44.99
CA ASP E 74 26.99 -34.73 46.11
C ASP E 74 25.54 -34.38 45.75
N VAL E 75 25.30 -34.04 44.49
CA VAL E 75 24.05 -33.48 44.03
C VAL E 75 23.08 -34.63 43.86
N ILE E 76 23.54 -35.71 43.29
CA ILE E 76 22.77 -36.90 43.21
C ILE E 76 22.25 -37.37 44.57
N LYS E 77 23.09 -37.46 45.55
CA LYS E 77 22.64 -37.84 46.86
C LYS E 77 21.48 -36.97 47.29
N ILE E 78 21.60 -35.64 47.16
CA ILE E 78 20.65 -34.68 47.70
C ILE E 78 19.33 -34.77 46.97
N VAL E 79 19.38 -34.82 45.65
CA VAL E 79 18.21 -34.74 44.81
C VAL E 79 17.48 -36.08 44.80
N LEU E 80 18.15 -37.21 44.96
CA LEU E 80 17.42 -38.49 44.97
C LEU E 80 17.10 -38.94 46.39
N SER E 81 17.37 -38.12 47.39
CA SER E 81 16.98 -38.39 48.76
C SER E 81 15.49 -38.08 48.88
N PRO E 82 14.70 -38.98 49.52
CA PRO E 82 13.26 -38.77 49.69
C PRO E 82 12.97 -37.39 50.26
N LYS E 83 13.79 -36.93 51.20
CA LYS E 83 13.57 -35.59 51.71
C LYS E 83 14.83 -34.75 51.55
N MET E 84 14.68 -33.53 51.00
CA MET E 84 15.78 -32.57 50.98
C MET E 84 16.24 -32.44 52.42
N ASN E 85 17.47 -32.87 52.69
CA ASN E 85 18.09 -32.67 54.00
C ASN E 85 19.27 -31.73 53.77
N ILE E 86 18.97 -30.44 53.54
CA ILE E 86 20.06 -29.49 53.32
C ILE E 86 19.99 -28.36 54.36
N GLN E 87 21.15 -27.80 54.74
CA GLN E 87 21.18 -26.66 55.65
C GLN E 87 22.00 -25.53 55.06
N PRO E 88 21.46 -24.81 54.07
CA PRO E 88 22.26 -23.89 53.25
C PRO E 88 22.62 -22.56 53.94
N GLY E 89 23.49 -21.76 53.35
CA GLY E 89 23.86 -20.43 53.81
C GLY E 89 24.97 -19.80 52.96
N ILE E 90 25.21 -18.49 53.16
CA ILE E 90 26.27 -17.75 52.49
C ILE E 90 27.44 -17.48 53.41
N VAL E 91 28.64 -17.99 53.07
CA VAL E 91 29.82 -17.89 53.91
C VAL E 91 30.82 -16.96 53.27
N ALA E 92 31.39 -15.99 54.01
CA ALA E 92 32.53 -15.25 53.47
C ALA E 92 33.82 -16.05 53.67
N VAL E 93 34.57 -16.31 52.62
CA VAL E 93 35.81 -17.09 52.70
C VAL E 93 37.01 -16.21 52.30
N PRO E 94 38.00 -15.97 53.20
CA PRO E 94 39.20 -15.24 52.87
C PRO E 94 39.96 -15.77 51.66
N THR E 95 40.65 -14.90 50.90
CA THR E 95 41.63 -15.35 49.89
C THR E 95 42.95 -14.54 49.95
N LYS E 96 44.05 -15.25 49.70
CA LYS E 96 45.34 -14.62 49.50
C LYS E 96 45.54 -14.25 48.01
N LEU E 97 44.92 -14.98 47.10
CA LEU E 97 45.10 -14.70 45.68
C LEU E 97 44.84 -13.23 45.38
N LYS E 98 45.83 -12.63 44.72
CA LYS E 98 45.88 -11.21 44.48
C LYS E 98 45.42 -10.94 43.08
N THR E 99 45.82 -11.72 42.06
CA THR E 99 45.48 -11.27 40.70
C THR E 99 44.07 -11.62 40.18
N ASP E 100 43.63 -10.93 39.12
CA ASP E 100 42.29 -11.06 38.61
C ASP E 100 42.14 -12.39 37.94
N TRP E 101 43.19 -12.88 37.35
CA TRP E 101 43.01 -14.15 36.69
C TRP E 101 43.09 -15.26 37.72
N GLU E 102 43.77 -15.05 38.85
CA GLU E 102 43.79 -16.09 39.83
C GLU E 102 42.42 -16.12 40.49
N LEU E 103 41.85 -14.95 40.87
CA LEU E 103 40.53 -14.90 41.51
C LEU E 103 39.46 -15.52 40.61
N SER E 104 39.65 -15.36 39.34
CA SER E 104 38.69 -15.84 38.40
C SER E 104 38.84 -17.33 38.34
N LEU E 105 40.06 -17.83 38.45
CA LEU E 105 40.25 -19.29 38.48
C LEU E 105 39.66 -19.92 39.73
N LEU E 106 39.92 -19.35 40.87
CA LEU E 106 39.35 -19.80 42.11
C LEU E 106 37.83 -19.74 42.12
N ALA E 107 37.20 -18.58 41.83
CA ALA E 107 35.77 -18.49 41.80
C ALA E 107 35.15 -19.53 40.87
N SER E 108 35.83 -19.91 39.84
CA SER E 108 35.32 -20.91 38.95
C SER E 108 35.48 -22.29 39.49
N LEU E 109 36.57 -22.56 40.16
CA LEU E 109 36.78 -23.85 40.76
C LEU E 109 35.78 -24.06 41.91
N ILE E 110 35.56 -23.11 42.79
CA ILE E 110 34.59 -23.22 43.86
C ILE E 110 33.21 -23.60 43.32
N SER E 111 32.81 -22.99 42.23
CA SER E 111 31.48 -23.22 41.73
C SER E 111 31.44 -24.58 41.04
N LEU E 112 32.55 -25.20 40.67
CA LEU E 112 32.49 -26.54 40.10
C LEU E 112 32.78 -27.61 41.15
N THR E 113 32.94 -27.28 42.41
CA THR E 113 33.38 -28.21 43.43
C THR E 113 32.20 -28.48 44.34
N PRO E 114 32.29 -29.54 45.19
CA PRO E 114 31.12 -30.03 45.95
C PRO E 114 30.54 -29.13 47.01
N GLY E 115 29.25 -28.83 46.80
CA GLY E 115 28.44 -28.14 47.79
C GLY E 115 28.45 -26.63 47.68
N THR E 116 29.20 -26.08 46.72
CA THR E 116 29.45 -24.65 46.79
C THR E 116 29.18 -23.93 45.49
N LEU E 117 28.93 -22.65 45.64
CA LEU E 117 28.76 -21.80 44.50
C LEU E 117 29.21 -20.38 44.82
N SER E 118 30.10 -19.81 44.01
CA SER E 118 30.63 -18.46 44.15
C SER E 118 29.51 -17.49 43.86
N MET E 119 29.15 -16.69 44.86
N MET E 119 29.18 -16.62 44.81
CA MET E 119 28.13 -15.63 44.70
CA MET E 119 28.12 -15.66 44.55
C MET E 119 28.74 -14.29 44.27
C MET E 119 28.64 -14.21 44.37
N ASP E 120 29.79 -13.83 44.92
CA ASP E 120 30.19 -12.45 44.93
C ASP E 120 31.59 -12.35 45.49
N PHE E 121 32.23 -11.20 45.26
CA PHE E 121 33.58 -10.91 45.76
C PHE E 121 33.45 -9.67 46.58
N SER E 122 34.22 -9.52 47.67
CA SER E 122 34.29 -8.21 48.31
C SER E 122 34.89 -7.13 47.38
N ASP E 123 34.72 -5.87 47.71
CA ASP E 123 35.25 -4.79 46.89
C ASP E 123 36.79 -4.88 46.82
N ASP E 124 37.42 -5.14 47.96
CA ASP E 124 38.86 -5.25 48.03
C ASP E 124 39.36 -6.59 47.50
N ASN E 125 38.42 -7.53 47.21
CA ASN E 125 38.76 -8.83 46.63
C ASN E 125 39.42 -9.76 47.66
N LYS E 126 39.23 -9.48 48.96
CA LYS E 126 39.83 -10.29 49.99
C LYS E 126 38.91 -11.41 50.50
N TYR E 127 37.66 -11.38 50.07
CA TYR E 127 36.68 -12.40 50.43
C TYR E 127 35.92 -12.87 49.20
N ILE E 128 35.62 -14.18 49.16
CA ILE E 128 34.76 -14.71 48.12
C ILE E 128 33.53 -15.19 48.85
N TYR E 129 32.38 -14.62 48.54
CA TYR E 129 31.09 -15.04 49.16
C TYR E 129 30.58 -16.35 48.56
N ILE E 130 30.41 -17.39 49.38
CA ILE E 130 30.05 -18.71 48.86
C ILE E 130 28.69 -19.24 49.35
N HIS E 131 27.80 -19.55 48.39
CA HIS E 131 26.56 -20.20 48.73
C HIS E 131 26.91 -21.66 48.90
N ALA E 132 26.71 -22.19 50.10
CA ALA E 132 27.01 -23.54 50.50
C ALA E 132 25.72 -24.25 50.81
N ILE E 133 25.64 -25.51 50.47
CA ILE E 133 24.41 -26.31 50.59
C ILE E 133 24.36 -26.91 51.99
N ASP E 134 25.54 -27.18 52.61
CA ASP E 134 25.63 -27.57 54.01
C ASP E 134 26.58 -26.69 54.83
N VAL E 135 26.07 -25.69 55.53
CA VAL E 135 26.93 -24.74 56.25
C VAL E 135 27.60 -25.40 57.47
N PRO E 136 26.95 -26.31 58.25
CA PRO E 136 27.66 -27.13 59.24
C PRO E 136 29.05 -27.63 58.86
N ASN E 137 29.21 -28.19 57.66
CA ASN E 137 30.50 -28.66 57.18
C ASN E 137 31.36 -27.55 56.53
N LYS E 138 31.17 -26.27 56.90
CA LYS E 138 31.87 -25.20 56.22
C LYS E 138 33.38 -25.28 56.43
N GLU E 139 33.84 -25.68 57.61
CA GLU E 139 35.27 -25.80 57.91
C GLU E 139 36.01 -26.68 56.89
N LYS E 140 35.44 -27.80 56.47
CA LYS E 140 36.02 -28.60 55.41
C LYS E 140 36.15 -27.80 54.12
N MET E 141 35.10 -27.10 53.72
CA MET E 141 35.12 -26.32 52.48
C MET E 141 36.21 -25.26 52.58
N ILE E 142 36.28 -24.52 53.69
CA ILE E 142 37.29 -23.46 53.86
C ILE E 142 38.69 -24.04 53.85
N ARG E 143 38.86 -25.22 54.46
CA ARG E 143 40.13 -25.93 54.41
C ARG E 143 40.45 -26.36 52.99
N ASP E 144 39.52 -26.94 52.25
CA ASP E 144 39.80 -27.28 50.84
C ASP E 144 40.14 -26.06 49.97
N ILE E 145 39.48 -24.91 50.13
CA ILE E 145 39.86 -23.76 49.36
C ILE E 145 41.33 -23.42 49.67
N HIS E 146 41.69 -23.39 50.93
CA HIS E 146 43.00 -22.97 51.37
C HIS E 146 44.11 -23.96 51.00
N ASP E 147 43.87 -25.26 51.06
CA ASP E 147 44.96 -26.22 51.02
C ASP E 147 44.95 -27.04 49.74
N THR E 148 43.83 -27.11 49.04
CA THR E 148 43.86 -27.74 47.73
C THR E 148 43.78 -26.68 46.64
N PHE E 149 42.69 -25.87 46.62
CA PHE E 149 42.36 -25.05 45.45
C PHE E 149 43.31 -23.87 45.25
N GLU E 150 43.61 -23.08 46.29
CA GLU E 150 44.53 -21.97 46.12
C GLU E 150 45.95 -22.50 46.00
N ARG E 151 46.31 -23.64 46.62
CA ARG E 151 47.63 -24.21 46.38
C ARG E 151 47.81 -24.55 44.89
N ALA E 152 46.77 -25.04 44.22
CA ALA E 152 46.92 -25.52 42.85
C ALA E 152 46.94 -24.32 41.90
N ILE E 153 46.30 -23.22 42.30
CA ILE E 153 46.25 -22.06 41.42
C ILE E 153 47.61 -21.42 41.47
N LEU E 154 48.15 -21.25 42.66
CA LEU E 154 49.44 -20.60 42.84
C LEU E 154 50.60 -21.38 42.13
N GLU E 155 50.54 -22.69 41.97
CA GLU E 155 51.53 -23.36 41.15
C GLU E 155 51.49 -22.90 39.70
N VAL E 156 50.33 -22.64 39.14
CA VAL E 156 50.35 -22.15 37.78
C VAL E 156 50.61 -20.65 37.78
N THR E 157 50.21 -19.97 38.87
CA THR E 157 50.33 -18.53 39.05
C THR E 157 51.77 -18.05 39.21
N ASN E 158 52.44 -18.57 40.25
CA ASN E 158 53.84 -18.32 40.57
C ASN E 158 54.58 -19.67 40.65
N MET F 1 21.44 -51.62 18.75
CA MET F 1 21.59 -51.67 20.27
C MET F 1 22.29 -50.44 20.85
N PHE F 2 23.46 -50.07 20.29
CA PHE F 2 24.00 -48.74 20.40
C PHE F 2 23.00 -47.69 19.89
N GLN F 3 22.32 -47.88 18.80
CA GLN F 3 21.32 -46.93 18.38
C GLN F 3 20.12 -46.94 19.32
N SER F 4 19.81 -48.04 19.97
CA SER F 4 18.74 -48.10 20.96
C SER F 4 19.06 -47.26 22.20
N ILE F 5 20.25 -47.39 22.72
CA ILE F 5 20.69 -46.51 23.74
C ILE F 5 20.65 -45.05 23.28
N LEU F 6 21.15 -44.69 22.09
CA LEU F 6 21.04 -43.28 21.74
C LEU F 6 19.58 -42.87 21.74
N MET F 7 18.62 -43.68 21.29
CA MET F 7 17.23 -43.26 21.37
C MET F 7 16.74 -43.08 22.80
N ILE F 8 17.06 -43.98 23.71
CA ILE F 8 16.70 -43.80 25.09
C ILE F 8 17.28 -42.50 25.63
N VAL F 9 18.53 -42.20 25.40
CA VAL F 9 19.04 -40.93 25.89
C VAL F 9 18.39 -39.73 25.24
N LEU F 10 17.98 -39.80 23.96
CA LEU F 10 17.27 -38.64 23.43
C LEU F 10 15.94 -38.47 24.10
N VAL F 11 15.21 -39.55 24.40
CA VAL F 11 13.98 -39.40 25.17
C VAL F 11 14.21 -38.77 26.55
N VAL F 12 15.22 -39.19 27.27
CA VAL F 12 15.49 -38.66 28.59
C VAL F 12 15.88 -37.19 28.44
N MET F 13 16.73 -36.83 27.47
N MET F 13 16.67 -36.82 27.44
CA MET F 13 17.02 -35.42 27.22
CA MET F 13 17.00 -35.42 27.23
C MET F 13 15.74 -34.60 26.93
C MET F 13 15.75 -34.58 26.93
N SER F 14 14.82 -35.14 26.16
CA SER F 14 13.56 -34.46 25.86
C SER F 14 12.79 -34.16 27.15
N ILE F 15 12.69 -35.17 28.03
CA ILE F 15 12.00 -35.00 29.28
C ILE F 15 12.69 -33.94 30.16
N SER F 16 14.02 -33.91 30.14
CA SER F 16 14.76 -32.92 30.84
C SER F 16 14.36 -31.53 30.36
N LEU F 17 14.26 -31.30 29.03
CA LEU F 17 13.82 -30.01 28.48
C LEU F 17 12.40 -29.66 28.97
N PHE F 18 11.52 -30.65 28.98
CA PHE F 18 10.19 -30.50 29.51
C PHE F 18 10.24 -29.99 30.96
N VAL F 19 11.06 -30.61 31.81
CA VAL F 19 11.15 -30.24 33.21
C VAL F 19 11.80 -28.87 33.38
N CYS F 20 12.86 -28.51 32.65
CA CYS F 20 13.29 -27.11 32.67
C CYS F 20 12.23 -26.10 32.26
N PHE F 21 11.52 -26.37 31.19
CA PHE F 21 10.47 -25.48 30.75
C PHE F 21 9.43 -25.22 31.87
N ILE F 22 9.10 -26.14 32.72
CA ILE F 22 8.09 -25.88 33.73
C ILE F 22 8.49 -24.69 34.60
N ARG F 23 9.77 -24.55 34.98
CA ARG F 23 10.13 -23.42 35.83
C ARG F 23 10.17 -22.12 35.04
N THR F 24 10.36 -22.17 33.72
CA THR F 24 10.29 -20.92 32.96
C THR F 24 8.88 -20.36 33.02
N LEU F 25 7.88 -21.22 33.19
CA LEU F 25 6.49 -20.80 33.35
C LEU F 25 6.20 -20.43 34.77
N ILE F 26 6.40 -21.37 35.66
CA ILE F 26 5.93 -21.16 37.02
C ILE F 26 6.93 -20.37 37.93
N GLY F 27 8.20 -20.12 37.55
CA GLY F 27 9.06 -19.29 38.39
C GLY F 27 9.34 -20.07 39.66
N PRO F 28 9.10 -19.53 40.87
CA PRO F 28 8.28 -18.35 41.16
C PRO F 28 8.82 -16.96 40.83
N THR F 29 10.13 -16.81 40.86
CA THR F 29 10.73 -15.50 40.70
C THR F 29 11.23 -15.41 39.27
N MET F 30 11.50 -14.20 38.77
CA MET F 30 12.19 -14.02 37.52
C MET F 30 13.56 -14.63 37.52
N SER F 31 14.28 -14.65 38.63
CA SER F 31 15.60 -15.27 38.66
C SER F 31 15.43 -16.73 38.32
N ASP F 32 14.44 -17.41 38.94
CA ASP F 32 14.16 -18.80 38.69
C ASP F 32 13.92 -19.07 37.18
N ARG F 33 13.19 -18.27 36.53
CA ARG F 33 12.94 -18.41 35.12
C ARG F 33 14.21 -18.30 34.27
N ILE F 34 15.09 -17.36 34.58
N ILE F 34 15.10 -17.39 34.57
CA ILE F 34 16.34 -17.17 33.86
CA ILE F 34 16.28 -17.23 33.76
C ILE F 34 17.21 -18.40 34.05
C ILE F 34 17.23 -18.39 34.05
N VAL F 35 17.26 -18.91 35.28
CA VAL F 35 18.01 -20.14 35.53
C VAL F 35 17.50 -21.35 34.71
N ALA F 36 16.21 -21.58 34.74
CA ALA F 36 15.64 -22.62 33.93
C ALA F 36 15.99 -22.36 32.50
N LEU F 37 15.91 -21.15 32.01
CA LEU F 37 16.20 -20.89 30.60
C LEU F 37 17.65 -21.25 30.29
N ASP F 38 18.56 -20.88 31.14
CA ASP F 38 19.97 -21.13 30.97
C ASP F 38 20.16 -22.64 30.92
N THR F 39 19.54 -23.37 31.83
CA THR F 39 19.66 -24.82 31.83
C THR F 39 19.02 -25.48 30.58
N PHE F 40 17.94 -24.91 30.04
CA PHE F 40 17.27 -25.41 28.85
C PHE F 40 18.28 -25.37 27.70
N GLY F 41 18.99 -24.25 27.54
CA GLY F 41 19.90 -24.08 26.44
C GLY F 41 21.11 -24.99 26.53
N ILE F 42 21.67 -25.12 27.73
CA ILE F 42 22.78 -26.08 27.92
C ILE F 42 22.34 -27.49 27.53
N ASN F 43 21.14 -27.90 27.95
CA ASN F 43 20.63 -29.22 27.64
C ASN F 43 20.48 -29.46 26.14
N LEU F 44 20.14 -28.41 25.37
CA LEU F 44 20.10 -28.53 23.92
C LEU F 44 21.43 -28.95 23.29
N ILE F 45 22.55 -28.52 23.84
CA ILE F 45 23.85 -29.02 23.36
C ILE F 45 23.97 -30.54 23.50
N GLY F 46 23.49 -31.09 24.66
CA GLY F 46 23.47 -32.53 24.85
C GLY F 46 22.65 -33.19 23.73
N PHE F 47 21.42 -32.68 23.58
CA PHE F 47 20.50 -33.25 22.63
C PHE F 47 21.09 -33.31 21.20
N ILE F 48 21.73 -32.24 20.76
CA ILE F 48 22.39 -32.21 19.47
C ILE F 48 23.62 -33.11 19.37
N GLY F 49 24.51 -33.13 20.36
CA GLY F 49 25.59 -34.10 20.35
C GLY F 49 25.04 -35.48 20.07
N VAL F 50 23.89 -35.86 20.71
CA VAL F 50 23.45 -37.21 20.52
C VAL F 50 22.79 -37.31 19.15
N ILE F 51 22.03 -36.29 18.69
CA ILE F 51 21.53 -36.38 17.32
C ILE F 51 22.71 -36.58 16.34
N MET F 52 23.86 -35.88 16.46
CA MET F 52 24.99 -36.09 15.57
C MET F 52 25.47 -37.53 15.57
N MET F 53 25.46 -38.31 16.70
CA MET F 53 25.86 -39.74 16.70
C MET F 53 24.81 -40.63 16.04
N LEU F 54 23.55 -40.32 16.22
CA LEU F 54 22.49 -41.10 15.61
C LEU F 54 22.37 -40.93 14.10
N GLN F 55 22.33 -39.69 13.61
CA GLN F 55 22.36 -39.37 12.20
C GLN F 55 23.79 -39.61 11.66
N GLU F 56 24.80 -39.89 12.50
CA GLU F 56 26.23 -40.05 12.15
C GLU F 56 26.77 -38.91 11.24
N THR F 57 26.63 -37.67 11.67
CA THR F 57 27.01 -36.54 10.89
C THR F 57 27.64 -35.47 11.78
N LEU F 58 28.61 -34.79 11.21
CA LEU F 58 29.16 -33.58 11.76
C LEU F 58 28.62 -32.27 11.20
N ALA F 59 27.62 -32.31 10.30
CA ALA F 59 26.93 -31.07 9.95
C ALA F 59 26.49 -30.18 11.14
N TYR F 60 26.29 -30.70 12.36
CA TYR F 60 25.78 -29.86 13.42
C TYR F 60 26.84 -29.45 14.38
N SER F 61 28.13 -29.65 14.12
CA SER F 61 29.14 -29.29 15.14
C SER F 61 29.26 -27.79 15.41
N GLU F 62 29.02 -26.94 14.41
CA GLU F 62 28.92 -25.50 14.66
C GLU F 62 27.71 -25.12 15.53
N VAL F 63 26.58 -25.78 15.38
CA VAL F 63 25.41 -25.49 16.20
C VAL F 63 25.69 -25.65 17.69
N VAL F 64 26.50 -26.61 18.13
CA VAL F 64 26.60 -26.81 19.57
C VAL F 64 27.42 -25.67 20.10
N LEU F 65 28.42 -25.24 19.34
CA LEU F 65 29.28 -24.17 19.78
C LEU F 65 28.52 -22.85 19.80
N VAL F 66 27.62 -22.61 18.84
CA VAL F 66 26.82 -21.39 18.90
C VAL F 66 25.89 -21.43 20.11
N ILE F 67 25.28 -22.56 20.43
CA ILE F 67 24.32 -22.58 21.51
C ILE F 67 25.06 -22.23 22.79
N SER F 68 26.22 -22.81 23.01
CA SER F 68 26.93 -22.50 24.24
C SER F 68 27.19 -20.98 24.34
N ILE F 69 27.59 -20.31 23.24
CA ILE F 69 27.83 -18.88 23.26
C ILE F 69 26.52 -18.15 23.54
N LEU F 70 25.48 -18.49 22.84
CA LEU F 70 24.27 -17.70 22.99
C LEU F 70 23.59 -17.91 24.33
N ALA F 71 23.56 -19.14 24.85
CA ALA F 71 22.93 -19.34 26.14
C ALA F 71 23.59 -18.43 27.18
N PHE F 72 24.91 -18.29 27.10
CA PHE F 72 25.68 -17.40 27.95
C PHE F 72 25.29 -15.93 27.74
N ILE F 73 25.26 -15.40 26.52
CA ILE F 73 24.89 -14.01 26.29
C ILE F 73 23.46 -13.75 26.78
N GLY F 74 22.56 -14.68 26.58
CA GLY F 74 21.22 -14.62 27.12
C GLY F 74 21.11 -14.48 28.61
N SER F 75 21.85 -15.28 29.34
N SER F 75 21.85 -15.28 29.35
CA SER F 75 21.78 -15.28 30.80
CA SER F 75 21.77 -15.28 30.80
C SER F 75 22.37 -14.00 31.41
C SER F 75 22.40 -14.01 31.42
N ILE F 76 23.53 -13.52 30.89
CA ILE F 76 24.18 -12.33 31.37
C ILE F 76 23.28 -11.11 31.18
N ALA F 77 22.68 -10.99 29.99
CA ALA F 77 21.76 -9.91 29.71
C ALA F 77 20.49 -9.95 30.54
N LEU F 78 19.87 -11.09 30.71
CA LEU F 78 18.66 -11.16 31.52
C LEU F 78 18.97 -11.00 32.99
N SER F 79 20.09 -11.43 33.45
CA SER F 79 20.48 -11.21 34.84
C SER F 79 20.66 -9.74 35.15
N LYS F 80 21.28 -9.01 34.23
CA LYS F 80 21.50 -7.59 34.43
C LYS F 80 20.19 -6.82 34.33
N PHE F 81 19.34 -7.19 33.36
CA PHE F 81 18.05 -6.55 33.25
C PHE F 81 17.33 -6.63 34.57
N ILE F 82 17.21 -7.84 35.13
CA ILE F 82 16.47 -8.08 36.35
C ILE F 82 17.05 -7.19 37.47
N GLU F 83 18.35 -7.08 37.57
CA GLU F 83 18.97 -6.39 38.68
C GLU F 83 18.95 -4.85 38.47
N ARG F 84 19.19 -4.36 37.30
CA ARG F 84 19.40 -2.94 37.05
C ARG F 84 18.34 -2.32 36.10
N GLY F 85 17.72 -3.12 35.24
CA GLY F 85 16.78 -2.61 34.29
C GLY F 85 17.47 -2.02 33.08
N VAL F 86 18.80 -2.15 32.95
CA VAL F 86 19.51 -1.78 31.73
C VAL F 86 20.35 -2.97 31.28
N VAL F 87 20.29 -3.43 30.04
CA VAL F 87 21.29 -4.37 29.51
C VAL F 87 22.71 -3.75 29.42
N PHE F 88 22.87 -2.49 29.00
CA PHE F 88 24.19 -1.94 28.74
C PHE F 88 24.46 -0.77 29.65
N ASP F 89 25.61 -0.78 30.32
CA ASP F 89 25.99 0.32 31.18
C ASP F 89 26.56 1.53 30.40
N ARG F 90 26.45 2.69 31.03
CA ARG F 90 26.96 4.00 30.68
C ARG F 90 25.95 4.84 29.91
N GLY F 91 24.91 4.26 29.29
CA GLY F 91 24.33 4.87 28.08
C GLY F 91 23.09 5.73 28.32
N MET G 1 27.45 -55.40 20.70
CA MET G 1 28.03 -54.08 21.06
C MET G 1 29.56 -54.14 21.21
N THR G 2 30.30 -53.35 20.41
CA THR G 2 31.77 -53.34 20.37
C THR G 2 32.36 -52.61 21.57
N ALA G 3 33.62 -52.86 21.94
CA ALA G 3 34.14 -52.18 23.12
C ALA G 3 34.14 -50.65 22.94
N VAL G 4 34.30 -50.12 21.70
CA VAL G 4 34.17 -48.69 21.54
C VAL G 4 32.72 -48.29 21.85
N GLU G 5 31.74 -48.98 21.27
CA GLU G 5 30.35 -48.63 21.56
C GLU G 5 30.05 -48.69 23.06
N ILE G 6 30.75 -49.49 23.84
CA ILE G 6 30.43 -49.56 25.25
C ILE G 6 30.96 -48.32 25.96
N ILE G 7 32.18 -47.91 25.64
CA ILE G 7 32.75 -46.73 26.26
C ILE G 7 31.89 -45.50 25.91
N ILE G 8 31.53 -45.37 24.64
CA ILE G 8 30.73 -44.25 24.20
C ILE G 8 29.38 -44.33 24.87
N SER G 9 28.76 -45.52 24.95
CA SER G 9 27.53 -45.73 25.72
C SER G 9 27.63 -45.21 27.14
N ILE G 10 28.74 -45.44 27.84
CA ILE G 10 28.74 -45.06 29.23
C ILE G 10 28.62 -43.55 29.32
N PHE G 11 29.49 -42.85 28.62
CA PHE G 11 29.47 -41.42 28.47
C PHE G 11 28.10 -40.91 28.04
N VAL G 12 27.40 -41.48 27.06
CA VAL G 12 26.11 -40.92 26.76
C VAL G 12 25.09 -41.24 27.86
N LEU G 13 25.16 -42.40 28.52
CA LEU G 13 24.17 -42.67 29.56
C LEU G 13 24.46 -41.81 30.77
N ILE G 14 25.69 -41.55 31.14
CA ILE G 14 25.96 -40.60 32.21
C ILE G 14 25.48 -39.21 31.80
N GLY G 15 25.79 -38.77 30.60
CA GLY G 15 25.45 -37.43 30.23
C GLY G 15 23.95 -37.21 30.23
N GLY G 16 23.21 -38.18 29.79
CA GLY G 16 21.77 -38.03 29.77
C GLY G 16 21.13 -38.10 31.14
N PHE G 17 21.57 -39.00 31.98
CA PHE G 17 21.22 -39.01 33.38
C PHE G 17 21.61 -37.73 34.13
N LEU G 18 22.81 -37.18 33.94
CA LEU G 18 23.12 -35.99 34.71
C LEU G 18 22.30 -34.81 34.21
N SER G 19 21.96 -34.76 32.94
CA SER G 19 21.09 -33.71 32.43
C SER G 19 19.73 -33.75 33.13
N LEU G 20 19.11 -34.95 33.22
CA LEU G 20 17.86 -35.09 33.90
C LEU G 20 17.95 -34.72 35.36
N LEU G 21 18.98 -35.19 36.04
CA LEU G 21 19.24 -34.80 37.40
C LEU G 21 19.29 -33.29 37.60
N GLY G 22 20.01 -32.59 36.77
CA GLY G 22 20.07 -31.16 36.79
C GLY G 22 18.70 -30.51 36.75
N SER G 23 17.84 -30.95 35.87
CA SER G 23 16.46 -30.51 35.78
C SER G 23 15.62 -30.91 36.98
N ILE G 24 15.68 -32.16 37.45
CA ILE G 24 14.97 -32.57 38.66
C ILE G 24 15.41 -31.64 39.81
N GLY G 25 16.67 -31.24 39.86
CA GLY G 25 17.21 -30.37 40.88
C GLY G 25 16.63 -28.95 40.80
N ILE G 26 16.45 -28.42 39.61
CA ILE G 26 15.78 -27.14 39.38
C ILE G 26 14.34 -27.20 39.92
N ILE G 27 13.74 -28.37 39.97
CA ILE G 27 12.42 -28.55 40.56
C ILE G 27 12.57 -28.74 42.07
N ARG G 28 13.39 -29.63 42.57
CA ARG G 28 13.36 -29.98 43.98
C ARG G 28 14.17 -29.03 44.90
N PHE G 29 15.22 -28.34 44.52
CA PHE G 29 15.88 -27.47 45.48
C PHE G 29 14.93 -26.35 45.87
N PRO G 30 14.99 -25.95 47.17
CA PRO G 30 14.03 -25.01 47.75
C PRO G 30 14.12 -23.55 47.39
N ASP G 31 15.19 -23.08 46.71
CA ASP G 31 15.23 -21.67 46.35
C ASP G 31 16.11 -21.52 45.14
N VAL G 32 16.22 -20.34 44.59
CA VAL G 32 16.92 -20.23 43.34
C VAL G 32 18.40 -20.53 43.59
N TYR G 33 18.93 -20.29 44.80
CA TYR G 33 20.37 -20.50 45.06
C TYR G 33 20.76 -21.98 45.00
N GLY G 34 19.95 -22.92 45.55
CA GLY G 34 20.19 -24.33 45.49
C GLY G 34 19.94 -24.81 44.05
N ARG G 35 18.98 -24.22 43.38
CA ARG G 35 18.71 -24.64 42.01
C ARG G 35 19.88 -24.28 41.11
N LEU G 36 20.65 -23.22 41.41
CA LEU G 36 21.86 -22.89 40.69
C LEU G 36 22.88 -23.99 40.97
N HIS G 37 22.86 -24.67 42.10
CA HIS G 37 23.82 -25.77 42.24
C HIS G 37 23.64 -26.82 41.18
N ALA G 38 22.41 -27.29 40.95
CA ALA G 38 22.06 -28.23 39.91
C ALA G 38 22.31 -27.71 38.49
N ALA G 39 21.97 -26.47 38.22
CA ALA G 39 22.14 -25.91 36.91
C ALA G 39 23.61 -25.81 36.55
N THR G 40 24.40 -25.19 37.38
CA THR G 40 25.83 -25.06 37.21
C THR G 40 26.61 -26.38 37.24
N LYS G 41 26.23 -27.40 38.01
CA LYS G 41 27.08 -28.58 38.10
C LYS G 41 26.58 -29.72 37.22
N SER G 42 25.30 -30.12 37.33
CA SER G 42 24.81 -31.30 36.62
C SER G 42 24.61 -31.02 35.15
N ALA G 43 23.93 -29.94 34.85
CA ALA G 43 23.75 -29.61 33.46
C ALA G 43 25.15 -29.51 32.81
N THR G 44 26.08 -28.87 33.48
CA THR G 44 27.42 -28.78 32.96
C THR G 44 28.12 -30.13 32.77
N LEU G 45 28.30 -31.01 33.77
CA LEU G 45 28.89 -32.31 33.54
C LEU G 45 28.11 -33.20 32.56
N GLY G 46 26.81 -33.13 32.58
CA GLY G 46 26.00 -33.87 31.65
C GLY G 46 26.37 -33.54 30.24
N VAL G 47 26.53 -32.27 29.96
CA VAL G 47 26.76 -31.84 28.58
C VAL G 47 28.22 -32.09 28.26
N ILE G 48 29.14 -31.92 29.24
CA ILE G 48 30.51 -32.31 28.99
C ILE G 48 30.65 -33.78 28.62
N SER G 49 29.89 -34.65 29.26
CA SER G 49 30.00 -36.08 29.05
C SER G 49 29.45 -36.46 27.70
N ILE G 50 28.34 -35.90 27.27
CA ILE G 50 27.88 -36.10 25.90
C ILE G 50 28.84 -35.57 24.82
N MET G 51 29.47 -34.43 25.00
CA MET G 51 30.41 -33.96 24.02
C MET G 51 31.60 -34.90 23.97
N LEU G 52 32.13 -35.37 25.09
CA LEU G 52 33.12 -36.41 25.02
C LEU G 52 32.63 -37.63 24.21
N ALA G 53 31.47 -38.17 24.45
CA ALA G 53 30.97 -39.34 23.75
C ALA G 53 30.97 -39.01 22.27
N THR G 54 30.45 -37.84 21.91
CA THR G 54 30.38 -37.44 20.52
C THR G 54 31.78 -37.34 19.97
N PHE G 55 32.65 -36.61 20.65
CA PHE G 55 34.05 -36.58 20.26
C PHE G 55 34.68 -37.96 20.09
N LEU G 56 34.48 -38.89 21.04
CA LEU G 56 35.09 -40.21 20.96
C LEU G 56 34.44 -41.02 19.86
N PHE G 57 33.19 -40.77 19.60
CA PHE G 57 32.50 -41.49 18.55
C PHE G 57 33.07 -41.17 17.18
N PHE G 58 33.32 -39.90 16.84
CA PHE G 58 33.82 -39.57 15.52
C PHE G 58 35.30 -39.94 15.45
N PHE G 59 36.08 -39.74 16.47
CA PHE G 59 37.42 -40.27 16.51
C PHE G 59 37.52 -41.79 16.42
N LEU G 60 37.02 -42.58 17.39
CA LEU G 60 37.25 -44.03 17.41
C LEU G 60 36.46 -44.80 16.35
N VAL G 61 35.41 -44.25 15.79
CA VAL G 61 34.58 -44.99 14.86
C VAL G 61 34.70 -44.43 13.44
N HIS G 62 35.06 -43.17 13.25
CA HIS G 62 35.15 -42.52 11.92
C HIS G 62 36.53 -41.95 11.63
N GLY G 63 37.46 -42.07 12.58
CA GLY G 63 38.74 -41.41 12.61
C GLY G 63 38.74 -39.92 12.29
N GLU G 64 37.94 -39.12 12.95
CA GLU G 64 37.87 -37.69 12.74
C GLU G 64 38.06 -37.04 14.08
N PHE G 65 39.09 -36.22 14.21
CA PHE G 65 39.34 -35.45 15.39
C PHE G 65 38.53 -34.16 15.32
N VAL G 66 37.30 -34.16 15.85
CA VAL G 66 36.46 -32.99 15.77
C VAL G 66 36.74 -32.05 16.95
N GLY G 67 37.66 -31.11 16.74
CA GLY G 67 38.13 -30.21 17.77
C GLY G 67 37.15 -29.13 18.10
N LYS G 68 36.14 -28.91 17.27
CA LYS G 68 35.07 -28.04 17.72
C LYS G 68 34.33 -28.61 18.95
N LEU G 69 34.30 -29.93 19.16
CA LEU G 69 33.52 -30.48 20.26
C LEU G 69 34.30 -30.17 21.51
N LEU G 70 35.61 -30.27 21.46
CA LEU G 70 36.45 -29.85 22.57
C LEU G 70 36.38 -28.37 22.82
N LEU G 71 36.36 -27.55 21.80
CA LEU G 71 36.15 -26.15 22.08
C LEU G 71 34.79 -25.94 22.75
N THR G 72 33.75 -26.70 22.39
CA THR G 72 32.51 -26.58 23.12
C THR G 72 32.72 -26.97 24.61
N ILE G 73 33.45 -28.04 24.93
CA ILE G 73 33.70 -28.34 26.33
C ILE G 73 34.32 -27.17 27.07
N LEU G 74 35.23 -26.46 26.41
CA LEU G 74 35.97 -25.41 27.03
C LEU G 74 35.03 -24.21 27.26
N PHE G 75 34.21 -23.89 26.27
N PHE G 75 34.21 -23.86 26.28
CA PHE G 75 33.27 -22.82 26.43
CA PHE G 75 33.26 -22.76 26.44
C PHE G 75 32.34 -23.12 27.59
C PHE G 75 32.33 -23.08 27.62
N VAL G 76 31.76 -24.29 27.66
CA VAL G 76 30.91 -24.68 28.78
C VAL G 76 31.62 -24.55 30.13
N PHE G 77 32.86 -25.05 30.28
CA PHE G 77 33.58 -24.82 31.55
C PHE G 77 33.81 -23.35 31.93
N LEU G 78 34.22 -22.52 30.98
CA LEU G 78 34.52 -21.12 31.23
C LEU G 78 33.29 -20.37 31.68
N THR G 79 32.20 -20.64 31.04
CA THR G 79 30.99 -19.87 31.05
C THR G 79 30.10 -20.30 32.21
N ALA G 80 30.04 -21.58 32.57
CA ALA G 80 29.09 -22.09 33.56
C ALA G 80 29.28 -21.38 34.91
N PRO G 81 30.48 -21.30 35.51
CA PRO G 81 30.62 -20.59 36.76
C PRO G 81 30.20 -19.13 36.68
N VAL G 82 30.66 -18.39 35.69
CA VAL G 82 30.31 -16.99 35.66
C VAL G 82 28.80 -16.83 35.45
N ALA G 83 28.16 -17.62 34.62
CA ALA G 83 26.73 -17.47 34.45
C ALA G 83 26.02 -17.71 35.78
N GLY G 84 26.35 -18.76 36.50
CA GLY G 84 25.67 -19.02 37.75
C GLY G 84 25.94 -17.90 38.73
N MET G 85 27.11 -17.31 38.69
CA MET G 85 27.42 -16.22 39.60
C MET G 85 26.58 -14.98 39.29
N MET G 86 26.46 -14.62 38.02
CA MET G 86 25.72 -13.48 37.60
C MET G 86 24.23 -13.73 37.83
N MET G 87 23.67 -14.91 37.64
CA MET G 87 22.30 -15.24 38.01
C MET G 87 22.09 -15.33 39.53
N GLY G 88 23.01 -15.75 40.32
CA GLY G 88 22.69 -15.85 41.71
C GLY G 88 22.85 -14.51 42.36
N ARG G 89 23.83 -13.70 41.88
CA ARG G 89 24.10 -12.42 42.52
C ARG G 89 23.02 -11.42 42.10
N SER G 90 22.55 -11.47 40.87
CA SER G 90 21.45 -10.68 40.44
C SER G 90 20.20 -10.96 41.28
N ALA G 91 19.90 -12.23 41.57
CA ALA G 91 18.78 -12.60 42.42
C ALA G 91 18.92 -12.01 43.80
N TYR G 92 20.15 -12.11 44.36
CA TYR G 92 20.33 -11.66 45.76
C TYR G 92 20.15 -10.11 45.81
N ARG G 93 20.69 -9.39 44.83
CA ARG G 93 20.57 -7.98 44.83
C ARG G 93 19.10 -7.57 44.62
N VAL G 94 18.36 -8.26 43.79
CA VAL G 94 16.98 -7.89 43.46
C VAL G 94 16.05 -8.23 44.65
N GLY G 95 16.59 -8.92 45.63
CA GLY G 95 15.90 -9.22 46.86
C GLY G 95 15.32 -10.62 46.96
N VAL G 96 15.56 -11.50 45.98
CA VAL G 96 15.07 -12.88 46.12
C VAL G 96 15.62 -13.47 47.41
N PRO G 97 14.82 -13.88 48.43
CA PRO G 97 15.35 -14.26 49.74
C PRO G 97 15.95 -15.65 49.69
N LEU G 98 16.90 -15.87 50.58
CA LEU G 98 17.41 -17.22 50.74
C LEU G 98 16.25 -18.07 51.32
N TRP G 99 16.38 -19.38 51.32
CA TRP G 99 15.31 -20.21 51.83
C TRP G 99 15.16 -19.98 53.33
N GLU G 100 13.94 -20.19 53.88
CA GLU G 100 13.65 -19.88 55.28
C GLU G 100 14.56 -20.68 56.21
N LYS G 101 14.77 -21.96 55.89
CA LYS G 101 15.63 -22.82 56.71
C LYS G 101 17.14 -22.56 56.47
N SER G 102 17.54 -21.60 55.61
CA SER G 102 18.94 -21.22 55.48
C SER G 102 19.46 -20.71 56.81
N THR G 103 20.75 -20.96 57.16
CA THR G 103 21.25 -20.66 58.51
C THR G 103 22.49 -19.76 58.63
N GLN G 104 22.66 -18.72 57.80
CA GLN G 104 23.90 -17.95 57.70
C GLN G 104 23.83 -17.14 56.41
N ASP G 105 24.15 -15.85 56.47
CA ASP G 105 24.07 -15.05 55.28
C ASP G 105 25.07 -13.93 55.44
N ASP G 106 26.37 -14.24 55.23
CA ASP G 106 27.45 -13.26 55.38
C ASP G 106 27.35 -12.11 54.39
N LEU G 107 26.71 -12.36 53.27
CA LEU G 107 26.57 -11.45 52.16
C LEU G 107 25.57 -10.34 52.49
N LYS G 108 24.65 -10.56 53.40
CA LYS G 108 23.67 -9.57 53.80
C LYS G 108 24.38 -8.37 54.39
N LYS G 109 25.36 -8.66 55.26
CA LYS G 109 26.15 -7.61 55.89
C LYS G 109 26.75 -6.72 54.81
N MET G 110 27.62 -7.31 54.00
CA MET G 110 28.27 -6.61 52.91
C MET G 110 27.26 -5.72 52.18
N TYR G 111 26.10 -6.26 51.75
CA TYR G 111 25.13 -5.42 51.03
C TYR G 111 24.41 -4.43 51.96
N GLU G 112 24.72 -4.43 53.27
CA GLU G 112 24.23 -3.39 54.20
C GLU G 112 24.98 -2.07 53.99
N LYS G 113 26.27 -2.15 53.56
CA LYS G 113 27.14 -1.01 53.29
C LYS G 113 27.05 -0.58 51.81
N MET H 1 55.01 -9.45 23.56
CA MET H 1 55.18 -9.81 22.12
C MET H 1 55.30 -11.32 21.95
N ALA H 2 55.99 -12.00 22.89
CA ALA H 2 56.03 -13.46 22.80
C ALA H 2 54.61 -13.97 23.09
N PHE H 3 53.96 -13.41 24.13
CA PHE H 3 52.54 -13.67 24.35
C PHE H 3 51.68 -13.55 23.08
N GLN H 4 51.77 -12.41 22.37
CA GLN H 4 50.92 -12.22 21.21
C GLN H 4 51.27 -13.20 20.11
N ILE H 5 52.54 -13.60 20.01
CA ILE H 5 52.85 -14.49 18.89
C ILE H 5 52.24 -15.87 19.15
N LEU H 6 52.28 -16.28 20.43
CA LEU H 6 51.75 -17.58 20.83
C LEU H 6 50.23 -17.57 20.74
N LEU H 7 49.57 -16.48 21.25
CA LEU H 7 48.13 -16.28 20.98
C LEU H 7 47.86 -16.51 19.49
N ASN H 8 48.62 -15.89 18.62
CA ASN H 8 48.35 -16.00 17.22
C ASN H 8 48.48 -17.46 16.82
N LEU H 9 49.49 -18.19 17.33
CA LEU H 9 49.61 -19.63 17.04
C LEU H 9 48.49 -20.43 17.70
N VAL H 10 48.11 -20.09 18.96
CA VAL H 10 46.88 -20.62 19.57
C VAL H 10 45.61 -20.39 18.71
N ILE H 11 45.40 -19.20 18.10
CA ILE H 11 44.35 -18.98 17.15
C ILE H 11 44.49 -19.94 15.99
N ALA H 12 45.70 -20.16 15.56
CA ALA H 12 45.91 -21.02 14.39
C ALA H 12 45.66 -22.48 14.80
N VAL H 13 45.88 -22.80 16.11
CA VAL H 13 45.59 -24.14 16.62
C VAL H 13 44.06 -24.34 16.61
N ILE H 14 43.32 -23.39 17.24
CA ILE H 14 41.85 -23.32 17.14
C ILE H 14 41.37 -23.37 15.68
N TRP H 15 42.08 -22.70 14.74
CA TRP H 15 41.69 -22.58 13.35
C TRP H 15 41.86 -23.86 12.56
N VAL H 16 42.99 -24.52 12.77
CA VAL H 16 43.44 -25.44 11.69
C VAL H 16 42.54 -26.68 11.61
N ASN H 17 42.08 -27.09 12.83
CA ASN H 17 41.32 -28.30 12.88
C ASN H 17 40.02 -28.08 12.11
N PHE H 18 39.39 -26.87 12.35
CA PHE H 18 38.05 -26.60 11.83
C PHE H 18 38.01 -26.93 10.36
N GLN H 19 39.03 -26.46 9.67
CA GLN H 19 39.04 -26.71 8.21
C GLN H 19 39.42 -28.17 7.95
N ASN H 20 40.37 -28.67 8.78
CA ASN H 20 40.93 -30.03 8.71
C ASN H 20 41.72 -30.21 7.42
N SER H 21 42.14 -29.10 6.80
CA SER H 21 42.93 -29.17 5.58
C SER H 21 44.35 -29.65 5.85
N TYR H 22 45.02 -29.12 6.89
CA TYR H 22 46.41 -29.41 7.20
C TYR H 22 47.32 -29.21 5.98
N THR H 23 47.09 -28.10 5.28
CA THR H 23 47.89 -27.65 4.16
C THR H 23 48.57 -26.32 4.52
N ALA H 24 49.57 -25.90 3.75
CA ALA H 24 50.17 -24.60 3.98
C ALA H 24 49.13 -23.51 3.74
N VAL H 25 48.25 -23.72 2.75
CA VAL H 25 47.25 -22.73 2.37
C VAL H 25 46.41 -22.41 3.61
N ASP H 26 45.86 -23.42 4.29
CA ASP H 26 44.97 -23.16 5.42
C ASP H 26 45.75 -22.69 6.65
N PHE H 27 46.98 -23.18 6.92
CA PHE H 27 47.66 -22.67 8.09
C PHE H 27 48.05 -21.18 7.90
N LEU H 28 48.40 -20.81 6.68
CA LEU H 28 48.76 -19.43 6.45
C LEU H 28 47.51 -18.58 6.57
N ILE H 29 46.35 -19.05 6.09
CA ILE H 29 45.11 -18.34 6.37
C ILE H 29 44.85 -18.23 7.89
N GLY H 30 45.19 -19.26 8.60
CA GLY H 30 44.93 -19.33 10.01
C GLY H 30 45.80 -18.40 10.80
N TYR H 31 47.06 -18.17 10.37
CA TYR H 31 48.01 -17.43 11.22
C TYR H 31 47.66 -15.97 11.00
N VAL H 32 47.17 -15.68 9.80
CA VAL H 32 46.83 -14.32 9.43
C VAL H 32 45.53 -13.91 10.09
N VAL H 33 44.50 -14.76 10.05
CA VAL H 33 43.28 -14.55 10.80
C VAL H 33 43.60 -14.12 12.23
N GLY H 34 44.48 -14.77 12.87
CA GLY H 34 44.77 -14.34 14.23
C GLY H 34 45.40 -12.98 14.28
N ILE H 35 46.21 -12.58 13.26
CA ILE H 35 46.82 -11.23 13.25
C ILE H 35 45.73 -10.18 13.21
N PHE H 36 44.73 -10.43 12.35
CA PHE H 36 43.64 -9.51 12.18
C PHE H 36 42.83 -9.40 13.49
N ILE H 37 42.55 -10.54 14.15
CA ILE H 37 41.83 -10.56 15.44
C ILE H 37 42.58 -9.78 16.49
N LEU H 38 43.89 -9.97 16.53
CA LEU H 38 44.71 -9.30 17.54
C LEU H 38 44.75 -7.81 17.30
N PHE H 39 44.74 -7.42 16.03
CA PHE H 39 44.73 -6.03 15.65
C PHE H 39 43.40 -5.39 16.07
N VAL H 40 42.29 -6.06 15.79
CA VAL H 40 40.98 -5.53 16.14
C VAL H 40 40.88 -5.36 17.66
N LEU H 41 41.45 -6.29 18.43
CA LEU H 41 41.30 -6.26 19.86
C LEU H 41 42.42 -5.53 20.57
N ARG H 42 43.33 -4.94 19.81
CA ARG H 42 44.59 -4.38 20.37
C ARG H 42 44.28 -3.45 21.56
N ARG H 43 43.26 -2.61 21.47
CA ARG H 43 42.92 -1.65 22.49
C ARG H 43 42.10 -2.31 23.62
N PHE H 44 41.14 -3.15 23.29
CA PHE H 44 40.45 -3.95 24.27
C PHE H 44 41.42 -4.66 25.21
N LEU H 45 42.37 -5.40 24.63
CA LEU H 45 43.30 -6.26 25.34
C LEU H 45 44.57 -5.44 25.68
N ARG H 46 44.58 -4.13 25.42
CA ARG H 46 45.75 -3.29 25.68
C ARG H 46 47.10 -3.79 25.06
N PHE H 47 47.07 -4.69 24.10
CA PHE H 47 48.28 -5.11 23.40
C PHE H 47 48.91 -3.84 22.81
#